data_2BVB
# 
_entry.id   2BVB 
# 
_audit_conform.dict_name       mmcif_pdbx.dic 
_audit_conform.dict_version    5.398 
_audit_conform.dict_location   http://mmcif.pdb.org/dictionaries/ascii/mmcif_pdbx.dic 
# 
loop_
_database_2.database_id 
_database_2.database_code 
_database_2.pdbx_database_accession 
_database_2.pdbx_DOI 
PDB   2BVB         pdb_00002bvb 10.2210/pdb2bvb/pdb 
PDBE  EBI-24620    ?            ?                   
WWPDB D_1290024620 ?            ?                   
BMRB  6376         ?            10.13018/BMR6376    
# 
loop_
_pdbx_audit_revision_history.ordinal 
_pdbx_audit_revision_history.data_content_type 
_pdbx_audit_revision_history.major_revision 
_pdbx_audit_revision_history.minor_revision 
_pdbx_audit_revision_history.revision_date 
1 'Structure model' 1 0 2005-10-12 
2 'Structure model' 1 1 2011-05-08 
3 'Structure model' 1 2 2011-07-13 
4 'Structure model' 1 3 2021-06-23 
5 'Structure model' 1 4 2024-11-06 
# 
_pdbx_audit_revision_details.ordinal             1 
_pdbx_audit_revision_details.revision_ordinal    1 
_pdbx_audit_revision_details.data_content_type   'Structure model' 
_pdbx_audit_revision_details.provider            repository 
_pdbx_audit_revision_details.type                'Initial release' 
_pdbx_audit_revision_details.description         ? 
_pdbx_audit_revision_details.details             ? 
# 
loop_
_pdbx_audit_revision_group.ordinal 
_pdbx_audit_revision_group.revision_ordinal 
_pdbx_audit_revision_group.data_content_type 
_pdbx_audit_revision_group.group 
1 2 'Structure model' 'Version format compliance' 
2 3 'Structure model' 'Version format compliance' 
3 4 'Structure model' 'Data collection'           
4 5 'Structure model' 'Data collection'           
5 5 'Structure model' 'Database references'       
6 5 'Structure model' 'Structure summary'         
# 
loop_
_pdbx_audit_revision_category.ordinal 
_pdbx_audit_revision_category.revision_ordinal 
_pdbx_audit_revision_category.data_content_type 
_pdbx_audit_revision_category.category 
1 4 'Structure model' pdbx_nmr_ensemble         
2 4 'Structure model' pdbx_nmr_representative   
3 4 'Structure model' pdbx_nmr_software         
4 4 'Structure model' pdbx_nmr_spectrometer     
5 5 'Structure model' chem_comp_atom            
6 5 'Structure model' chem_comp_bond            
7 5 'Structure model' database_2                
8 5 'Structure model' pdbx_entry_details        
9 5 'Structure model' pdbx_modification_feature 
# 
loop_
_pdbx_audit_revision_item.ordinal 
_pdbx_audit_revision_item.revision_ordinal 
_pdbx_audit_revision_item.data_content_type 
_pdbx_audit_revision_item.item 
1 4 'Structure model' '_pdbx_nmr_ensemble.conformer_selection_criteria'       
2 4 'Structure model' '_pdbx_nmr_ensemble.conformers_calculated_total_number' 
3 4 'Structure model' '_pdbx_nmr_software.name'                               
4 5 'Structure model' '_database_2.pdbx_DOI'                                  
5 5 'Structure model' '_database_2.pdbx_database_accession'                   
# 
_pdbx_database_status.status_code                     REL 
_pdbx_database_status.entry_id                        2BVB 
_pdbx_database_status.deposit_site                    PDBE 
_pdbx_database_status.process_site                    PDBE 
_pdbx_database_status.SG_entry                        . 
_pdbx_database_status.recvd_initial_deposition_date   2005-06-23 
_pdbx_database_status.pdb_format_compatible           Y 
_pdbx_database_status.methods_development_category    ? 
_pdbx_database_status.status_code_sf                  ? 
_pdbx_database_status.status_code_mr                  ? 
_pdbx_database_status.status_code_cs                  ? 
_pdbx_database_status.status_code_nmr_data            ? 
# 
_pdbx_database_related.db_id          6376 
_pdbx_database_related.details        . 
_pdbx_database_related.db_name        BMRB 
_pdbx_database_related.content_type   unspecified 
# 
loop_
_audit_author.name 
_audit_author.pdbx_ordinal 
'Saouros, S.'       1  
'Edwards-Jones, B.' 2  
'Reiss, M.'         3  
'Sawmynaden, K.'    4  
'Cota, E.'          5  
'Simpson, P.'       6  
'Dowse, T.J.'       7  
'Jakle, U.'         8  
'Ramboarina, S.'    9  
'Shivarattan, T.'   10 
'Matthews, S.'      11 
'Soldati-Favre, D.' 12 
# 
_citation.id                        primary 
_citation.title                     
;A Novel Galectin-Like Domain from Toxoplasma Gondll Micronemal Protein 1 Assists the Folding, Assembly,and Transport of a Cell-Adhesion Complex.
;
_citation.journal_abbrev            J.Biol.Chem. 
_citation.journal_volume            280 
_citation.page_first                38583 
_citation.page_last                 ? 
_citation.year                      2005 
_citation.journal_id_ASTM           JBCHA3 
_citation.country                   US 
_citation.journal_id_ISSN           0021-9258 
_citation.journal_id_CSD            0071 
_citation.book_publisher            ? 
_citation.pdbx_database_id_PubMed   16166092 
_citation.pdbx_database_id_DOI      10.1074/JBC.C500365200 
# 
loop_
_citation_author.citation_id 
_citation_author.name 
_citation_author.ordinal 
_citation_author.identifier_ORCID 
primary 'Saouros, S.'       1  ? 
primary 'Edwards-Jones, B.' 2  ? 
primary 'Reiss, M.'         3  ? 
primary 'Sawmynaden, K.'    4  ? 
primary 'Cota, E.'          5  ? 
primary 'Simpson, P.'       6  ? 
primary 'Dowse, T.J.'       7  ? 
primary 'Jakle, U.'         8  ? 
primary 'Ramboarina, S.'    9  ? 
primary 'Shivarattan, T.'   10 ? 
primary 'Matthews, S.'      11 ? 
primary 'Soldati-Favre, D.' 12 ? 
# 
_entity.id                         1 
_entity.type                       polymer 
_entity.src_method                 man 
_entity.pdbx_description           'MICRONEMAL PROTEIN 1' 
_entity.formula_weight             14030.571 
_entity.pdbx_number_of_molecules   1 
_entity.pdbx_ec                    ? 
_entity.pdbx_mutation              ? 
_entity.pdbx_fragment              'C-TERMINAL DOMAIN RESIDUES 320-456' 
_entity.details                    ? 
# 
_entity_poly.entity_id                      1 
_entity_poly.type                           'polypeptide(L)' 
_entity_poly.nstd_linkage                   no 
_entity_poly.nstd_monomer                   no 
_entity_poly.pdbx_seq_one_letter_code       
;KTEIHGDSTKATLEEGQQLTLTFISTKLDVAVGSCHSLVANFLDGFLKFQTGSNSAFDVVEVEEPAGPAVLTIGLGHKGR
LAVVLDYTRLNAALGSAAYVVEDSGCSSSEEVSFQGVGSGATLVVTTLGESPTAVSA
;
_entity_poly.pdbx_seq_one_letter_code_can   
;KTEIHGDSTKATLEEGQQLTLTFISTKLDVAVGSCHSLVANFLDGFLKFQTGSNSAFDVVEVEEPAGPAVLTIGLGHKGR
LAVVLDYTRLNAALGSAAYVVEDSGCSSSEEVSFQGVGSGATLVVTTLGESPTAVSA
;
_entity_poly.pdbx_strand_id                 A 
_entity_poly.pdbx_target_identifier         ? 
# 
loop_
_entity_poly_seq.entity_id 
_entity_poly_seq.num 
_entity_poly_seq.mon_id 
_entity_poly_seq.hetero 
1 1   LYS n 
1 2   THR n 
1 3   GLU n 
1 4   ILE n 
1 5   HIS n 
1 6   GLY n 
1 7   ASP n 
1 8   SER n 
1 9   THR n 
1 10  LYS n 
1 11  ALA n 
1 12  THR n 
1 13  LEU n 
1 14  GLU n 
1 15  GLU n 
1 16  GLY n 
1 17  GLN n 
1 18  GLN n 
1 19  LEU n 
1 20  THR n 
1 21  LEU n 
1 22  THR n 
1 23  PHE n 
1 24  ILE n 
1 25  SER n 
1 26  THR n 
1 27  LYS n 
1 28  LEU n 
1 29  ASP n 
1 30  VAL n 
1 31  ALA n 
1 32  VAL n 
1 33  GLY n 
1 34  SER n 
1 35  CYS n 
1 36  HIS n 
1 37  SER n 
1 38  LEU n 
1 39  VAL n 
1 40  ALA n 
1 41  ASN n 
1 42  PHE n 
1 43  LEU n 
1 44  ASP n 
1 45  GLY n 
1 46  PHE n 
1 47  LEU n 
1 48  LYS n 
1 49  PHE n 
1 50  GLN n 
1 51  THR n 
1 52  GLY n 
1 53  SER n 
1 54  ASN n 
1 55  SER n 
1 56  ALA n 
1 57  PHE n 
1 58  ASP n 
1 59  VAL n 
1 60  VAL n 
1 61  GLU n 
1 62  VAL n 
1 63  GLU n 
1 64  GLU n 
1 65  PRO n 
1 66  ALA n 
1 67  GLY n 
1 68  PRO n 
1 69  ALA n 
1 70  VAL n 
1 71  LEU n 
1 72  THR n 
1 73  ILE n 
1 74  GLY n 
1 75  LEU n 
1 76  GLY n 
1 77  HIS n 
1 78  LYS n 
1 79  GLY n 
1 80  ARG n 
1 81  LEU n 
1 82  ALA n 
1 83  VAL n 
1 84  VAL n 
1 85  LEU n 
1 86  ASP n 
1 87  TYR n 
1 88  THR n 
1 89  ARG n 
1 90  LEU n 
1 91  ASN n 
1 92  ALA n 
1 93  ALA n 
1 94  LEU n 
1 95  GLY n 
1 96  SER n 
1 97  ALA n 
1 98  ALA n 
1 99  TYR n 
1 100 VAL n 
1 101 VAL n 
1 102 GLU n 
1 103 ASP n 
1 104 SER n 
1 105 GLY n 
1 106 CYS n 
1 107 SER n 
1 108 SER n 
1 109 SER n 
1 110 GLU n 
1 111 GLU n 
1 112 VAL n 
1 113 SER n 
1 114 PHE n 
1 115 GLN n 
1 116 GLY n 
1 117 VAL n 
1 118 GLY n 
1 119 SER n 
1 120 GLY n 
1 121 ALA n 
1 122 THR n 
1 123 LEU n 
1 124 VAL n 
1 125 VAL n 
1 126 THR n 
1 127 THR n 
1 128 LEU n 
1 129 GLY n 
1 130 GLU n 
1 131 SER n 
1 132 PRO n 
1 133 THR n 
1 134 ALA n 
1 135 VAL n 
1 136 SER n 
1 137 ALA n 
# 
_entity_src_gen.entity_id                          1 
_entity_src_gen.pdbx_src_id                        1 
_entity_src_gen.pdbx_alt_source_flag               sample 
_entity_src_gen.pdbx_seq_type                      ? 
_entity_src_gen.pdbx_beg_seq_num                   ? 
_entity_src_gen.pdbx_end_seq_num                   ? 
_entity_src_gen.gene_src_common_name               ? 
_entity_src_gen.gene_src_genus                     ? 
_entity_src_gen.pdbx_gene_src_gene                 ? 
_entity_src_gen.gene_src_species                   ? 
_entity_src_gen.gene_src_strain                    ? 
_entity_src_gen.gene_src_tissue                    ? 
_entity_src_gen.gene_src_tissue_fraction           ? 
_entity_src_gen.gene_src_details                   ? 
_entity_src_gen.pdbx_gene_src_fragment             ? 
_entity_src_gen.pdbx_gene_src_scientific_name      'TOXOPLASMA GONDII' 
_entity_src_gen.pdbx_gene_src_ncbi_taxonomy_id     5811 
_entity_src_gen.pdbx_gene_src_variant              ? 
_entity_src_gen.pdbx_gene_src_cell_line            ? 
_entity_src_gen.pdbx_gene_src_atcc                 ? 
_entity_src_gen.pdbx_gene_src_organ                ? 
_entity_src_gen.pdbx_gene_src_organelle            ? 
_entity_src_gen.pdbx_gene_src_cell                 ? 
_entity_src_gen.pdbx_gene_src_cellular_location    ? 
_entity_src_gen.host_org_common_name               ? 
_entity_src_gen.pdbx_host_org_scientific_name      'ESCHERICHIA COLI' 
_entity_src_gen.pdbx_host_org_ncbi_taxonomy_id     562 
_entity_src_gen.host_org_genus                     ? 
_entity_src_gen.pdbx_host_org_gene                 ? 
_entity_src_gen.pdbx_host_org_organ                ? 
_entity_src_gen.host_org_species                   ? 
_entity_src_gen.pdbx_host_org_tissue               ? 
_entity_src_gen.pdbx_host_org_tissue_fraction      ? 
_entity_src_gen.pdbx_host_org_strain               ? 
_entity_src_gen.pdbx_host_org_variant              ? 
_entity_src_gen.pdbx_host_org_cell_line            ? 
_entity_src_gen.pdbx_host_org_atcc                 ? 
_entity_src_gen.pdbx_host_org_culture_collection   ? 
_entity_src_gen.pdbx_host_org_cell                 ? 
_entity_src_gen.pdbx_host_org_organelle            ? 
_entity_src_gen.pdbx_host_org_cellular_location    ? 
_entity_src_gen.pdbx_host_org_vector_type          ? 
_entity_src_gen.pdbx_host_org_vector               ? 
_entity_src_gen.host_org_details                   ? 
_entity_src_gen.expression_system_id               ? 
_entity_src_gen.plasmid_name                       ? 
_entity_src_gen.plasmid_details                    ? 
_entity_src_gen.pdbx_description                   ? 
# 
loop_
_chem_comp.id 
_chem_comp.type 
_chem_comp.mon_nstd_flag 
_chem_comp.name 
_chem_comp.pdbx_synonyms 
_chem_comp.formula 
_chem_comp.formula_weight 
ALA 'L-peptide linking' y ALANINE         ? 'C3 H7 N O2'     89.093  
ARG 'L-peptide linking' y ARGININE        ? 'C6 H15 N4 O2 1' 175.209 
ASN 'L-peptide linking' y ASPARAGINE      ? 'C4 H8 N2 O3'    132.118 
ASP 'L-peptide linking' y 'ASPARTIC ACID' ? 'C4 H7 N O4'     133.103 
CYS 'L-peptide linking' y CYSTEINE        ? 'C3 H7 N O2 S'   121.158 
GLN 'L-peptide linking' y GLUTAMINE       ? 'C5 H10 N2 O3'   146.144 
GLU 'L-peptide linking' y 'GLUTAMIC ACID' ? 'C5 H9 N O4'     147.129 
GLY 'peptide linking'   y GLYCINE         ? 'C2 H5 N O2'     75.067  
HIS 'L-peptide linking' y HISTIDINE       ? 'C6 H10 N3 O2 1' 156.162 
ILE 'L-peptide linking' y ISOLEUCINE      ? 'C6 H13 N O2'    131.173 
LEU 'L-peptide linking' y LEUCINE         ? 'C6 H13 N O2'    131.173 
LYS 'L-peptide linking' y LYSINE          ? 'C6 H15 N2 O2 1' 147.195 
PHE 'L-peptide linking' y PHENYLALANINE   ? 'C9 H11 N O2'    165.189 
PRO 'L-peptide linking' y PROLINE         ? 'C5 H9 N O2'     115.130 
SER 'L-peptide linking' y SERINE          ? 'C3 H7 N O3'     105.093 
THR 'L-peptide linking' y THREONINE       ? 'C4 H9 N O3'     119.119 
TYR 'L-peptide linking' y TYROSINE        ? 'C9 H11 N O3'    181.189 
VAL 'L-peptide linking' y VALINE          ? 'C5 H11 N O2'    117.146 
# 
loop_
_pdbx_poly_seq_scheme.asym_id 
_pdbx_poly_seq_scheme.entity_id 
_pdbx_poly_seq_scheme.seq_id 
_pdbx_poly_seq_scheme.mon_id 
_pdbx_poly_seq_scheme.ndb_seq_num 
_pdbx_poly_seq_scheme.pdb_seq_num 
_pdbx_poly_seq_scheme.auth_seq_num 
_pdbx_poly_seq_scheme.pdb_mon_id 
_pdbx_poly_seq_scheme.auth_mon_id 
_pdbx_poly_seq_scheme.pdb_strand_id 
_pdbx_poly_seq_scheme.pdb_ins_code 
_pdbx_poly_seq_scheme.hetero 
A 1 1   LYS 1   1   1   LYS LYS A . n 
A 1 2   THR 2   2   2   THR THR A . n 
A 1 3   GLU 3   3   3   GLU GLU A . n 
A 1 4   ILE 4   4   4   ILE ILE A . n 
A 1 5   HIS 5   5   5   HIS HIS A . n 
A 1 6   GLY 6   6   6   GLY GLY A . n 
A 1 7   ASP 7   7   7   ASP ASP A . n 
A 1 8   SER 8   8   8   SER SER A . n 
A 1 9   THR 9   9   9   THR THR A . n 
A 1 10  LYS 10  10  10  LYS LYS A . n 
A 1 11  ALA 11  11  11  ALA ALA A . n 
A 1 12  THR 12  12  12  THR THR A . n 
A 1 13  LEU 13  13  13  LEU LEU A . n 
A 1 14  GLU 14  14  14  GLU GLU A . n 
A 1 15  GLU 15  15  15  GLU GLU A . n 
A 1 16  GLY 16  16  16  GLY GLY A . n 
A 1 17  GLN 17  17  17  GLN GLN A . n 
A 1 18  GLN 18  18  18  GLN GLN A . n 
A 1 19  LEU 19  19  19  LEU LEU A . n 
A 1 20  THR 20  20  20  THR THR A . n 
A 1 21  LEU 21  21  21  LEU LEU A . n 
A 1 22  THR 22  22  22  THR THR A . n 
A 1 23  PHE 23  23  23  PHE PHE A . n 
A 1 24  ILE 24  24  24  ILE ILE A . n 
A 1 25  SER 25  25  25  SER SER A . n 
A 1 26  THR 26  26  26  THR THR A . n 
A 1 27  LYS 27  27  27  LYS LYS A . n 
A 1 28  LEU 28  28  28  LEU LEU A . n 
A 1 29  ASP 29  29  29  ASP ASP A . n 
A 1 30  VAL 30  30  30  VAL VAL A . n 
A 1 31  ALA 31  31  31  ALA ALA A . n 
A 1 32  VAL 32  32  32  VAL VAL A . n 
A 1 33  GLY 33  33  33  GLY GLY A . n 
A 1 34  SER 34  34  34  SER SER A . n 
A 1 35  CYS 35  35  35  CYS CYS A . n 
A 1 36  HIS 36  36  36  HIS HIS A . n 
A 1 37  SER 37  37  37  SER SER A . n 
A 1 38  LEU 38  38  38  LEU LEU A . n 
A 1 39  VAL 39  39  39  VAL VAL A . n 
A 1 40  ALA 40  40  40  ALA ALA A . n 
A 1 41  ASN 41  41  41  ASN ASN A . n 
A 1 42  PHE 42  42  42  PHE PHE A . n 
A 1 43  LEU 43  43  43  LEU LEU A . n 
A 1 44  ASP 44  44  44  ASP ASP A . n 
A 1 45  GLY 45  45  45  GLY GLY A . n 
A 1 46  PHE 46  46  46  PHE PHE A . n 
A 1 47  LEU 47  47  47  LEU LEU A . n 
A 1 48  LYS 48  48  48  LYS LYS A . n 
A 1 49  PHE 49  49  49  PHE PHE A . n 
A 1 50  GLN 50  50  50  GLN GLN A . n 
A 1 51  THR 51  51  51  THR THR A . n 
A 1 52  GLY 52  52  52  GLY GLY A . n 
A 1 53  SER 53  53  53  SER SER A . n 
A 1 54  ASN 54  54  54  ASN ASN A . n 
A 1 55  SER 55  55  55  SER SER A . n 
A 1 56  ALA 56  56  56  ALA ALA A . n 
A 1 57  PHE 57  57  57  PHE PHE A . n 
A 1 58  ASP 58  58  58  ASP ASP A . n 
A 1 59  VAL 59  59  59  VAL VAL A . n 
A 1 60  VAL 60  60  60  VAL VAL A . n 
A 1 61  GLU 61  61  61  GLU GLU A . n 
A 1 62  VAL 62  62  62  VAL VAL A . n 
A 1 63  GLU 63  63  63  GLU GLU A . n 
A 1 64  GLU 64  64  64  GLU GLU A . n 
A 1 65  PRO 65  65  65  PRO PRO A . n 
A 1 66  ALA 66  66  66  ALA ALA A . n 
A 1 67  GLY 67  67  67  GLY GLY A . n 
A 1 68  PRO 68  68  68  PRO PRO A . n 
A 1 69  ALA 69  69  69  ALA ALA A . n 
A 1 70  VAL 70  70  70  VAL VAL A . n 
A 1 71  LEU 71  71  71  LEU LEU A . n 
A 1 72  THR 72  72  72  THR THR A . n 
A 1 73  ILE 73  73  73  ILE ILE A . n 
A 1 74  GLY 74  74  74  GLY GLY A . n 
A 1 75  LEU 75  75  75  LEU LEU A . n 
A 1 76  GLY 76  76  76  GLY GLY A . n 
A 1 77  HIS 77  77  77  HIS HIS A . n 
A 1 78  LYS 78  78  78  LYS LYS A . n 
A 1 79  GLY 79  79  79  GLY GLY A . n 
A 1 80  ARG 80  80  80  ARG ARG A . n 
A 1 81  LEU 81  81  81  LEU LEU A . n 
A 1 82  ALA 82  82  82  ALA ALA A . n 
A 1 83  VAL 83  83  83  VAL VAL A . n 
A 1 84  VAL 84  84  84  VAL VAL A . n 
A 1 85  LEU 85  85  85  LEU LEU A . n 
A 1 86  ASP 86  86  86  ASP ASP A . n 
A 1 87  TYR 87  87  87  TYR TYR A . n 
A 1 88  THR 88  88  88  THR THR A . n 
A 1 89  ARG 89  89  89  ARG ARG A . n 
A 1 90  LEU 90  90  90  LEU LEU A . n 
A 1 91  ASN 91  91  91  ASN ASN A . n 
A 1 92  ALA 92  92  92  ALA ALA A . n 
A 1 93  ALA 93  93  93  ALA ALA A . n 
A 1 94  LEU 94  94  94  LEU LEU A . n 
A 1 95  GLY 95  95  95  GLY GLY A . n 
A 1 96  SER 96  96  96  SER SER A . n 
A 1 97  ALA 97  97  97  ALA ALA A . n 
A 1 98  ALA 98  98  98  ALA ALA A . n 
A 1 99  TYR 99  99  99  TYR TYR A . n 
A 1 100 VAL 100 100 100 VAL VAL A . n 
A 1 101 VAL 101 101 101 VAL VAL A . n 
A 1 102 GLU 102 102 102 GLU GLU A . n 
A 1 103 ASP 103 103 103 ASP ASP A . n 
A 1 104 SER 104 104 104 SER SER A . n 
A 1 105 GLY 105 105 105 GLY GLY A . n 
A 1 106 CYS 106 106 106 CYS CYS A . n 
A 1 107 SER 107 107 107 SER SER A . n 
A 1 108 SER 108 108 108 SER SER A . n 
A 1 109 SER 109 109 109 SER SER A . n 
A 1 110 GLU 110 110 110 GLU GLU A . n 
A 1 111 GLU 111 111 111 GLU GLU A . n 
A 1 112 VAL 112 112 112 VAL VAL A . n 
A 1 113 SER 113 113 113 SER SER A . n 
A 1 114 PHE 114 114 114 PHE PHE A . n 
A 1 115 GLN 115 115 115 GLN GLN A . n 
A 1 116 GLY 116 116 116 GLY GLY A . n 
A 1 117 VAL 117 117 117 VAL VAL A . n 
A 1 118 GLY 118 118 118 GLY GLY A . n 
A 1 119 SER 119 119 119 SER SER A . n 
A 1 120 GLY 120 120 120 GLY GLY A . n 
A 1 121 ALA 121 121 121 ALA ALA A . n 
A 1 122 THR 122 122 122 THR THR A . n 
A 1 123 LEU 123 123 123 LEU LEU A . n 
A 1 124 VAL 124 124 124 VAL VAL A . n 
A 1 125 VAL 125 125 125 VAL VAL A . n 
A 1 126 THR 126 126 126 THR THR A . n 
A 1 127 THR 127 127 127 THR THR A . n 
A 1 128 LEU 128 128 128 LEU LEU A . n 
A 1 129 GLY 129 129 129 GLY GLY A . n 
A 1 130 GLU 130 130 130 GLU GLU A . n 
A 1 131 SER 131 131 131 SER SER A . n 
A 1 132 PRO 132 132 132 PRO PRO A . n 
A 1 133 THR 133 133 133 THR THR A . n 
A 1 134 ALA 134 134 134 ALA ALA A . n 
A 1 135 VAL 135 135 135 VAL VAL A . n 
A 1 136 SER 136 136 136 SER SER A . n 
A 1 137 ALA 137 137 137 ALA ALA A . n 
# 
_cell.entry_id           2BVB 
_cell.length_a           1.000 
_cell.length_b           1.000 
_cell.length_c           1.000 
_cell.angle_alpha        90.00 
_cell.angle_beta         90.00 
_cell.angle_gamma        90.00 
_cell.Z_PDB              1 
_cell.pdbx_unique_axis   ? 
# 
_symmetry.entry_id                         2BVB 
_symmetry.space_group_name_H-M             'P 1' 
_symmetry.pdbx_full_space_group_name_H-M   ? 
_symmetry.cell_setting                     ? 
_symmetry.Int_Tables_number                1 
# 
_exptl.entry_id          2BVB 
_exptl.method            'SOLUTION NMR' 
_exptl.crystals_number   ? 
# 
_struct.entry_id                  2BVB 
_struct.title                     'The C-terminal domain from Micronemal Protein 1 (MIC1) from Toxoplasma Gondii' 
_struct.pdbx_model_details        ? 
_struct.pdbx_CASP_flag            ? 
_struct.pdbx_model_type_details   'MINIMIZED AVERAGE' 
# 
_struct_keywords.entry_id        2BVB 
_struct_keywords.pdbx_keywords   ADHESION 
_struct_keywords.text            'MIC1, MICRONEME, INVASION, ADHESION' 
# 
_struct_asym.id                            A 
_struct_asym.pdbx_blank_PDB_chainid_flag   N 
_struct_asym.pdbx_modified                 N 
_struct_asym.entity_id                     1 
_struct_asym.details                       ? 
# 
_struct_ref.id                         1 
_struct_ref.db_name                    UNP 
_struct_ref.db_code                    O00834_TOXGO 
_struct_ref.entity_id                  1 
_struct_ref.pdbx_seq_one_letter_code   ? 
_struct_ref.pdbx_align_begin           ? 
_struct_ref.pdbx_db_accession          O00834 
_struct_ref.pdbx_db_isoform            ? 
# 
_struct_ref_seq.align_id                      1 
_struct_ref_seq.ref_id                        1 
_struct_ref_seq.pdbx_PDB_id_code              2BVB 
_struct_ref_seq.pdbx_strand_id                A 
_struct_ref_seq.seq_align_beg                 1 
_struct_ref_seq.pdbx_seq_align_beg_ins_code   ? 
_struct_ref_seq.seq_align_end                 137 
_struct_ref_seq.pdbx_seq_align_end_ins_code   ? 
_struct_ref_seq.pdbx_db_accession             O00834 
_struct_ref_seq.db_align_beg                  320 
_struct_ref_seq.pdbx_db_align_beg_ins_code    ? 
_struct_ref_seq.db_align_end                  456 
_struct_ref_seq.pdbx_db_align_end_ins_code    ? 
_struct_ref_seq.pdbx_auth_seq_align_beg       1 
_struct_ref_seq.pdbx_auth_seq_align_end       137 
# 
_pdbx_struct_assembly.id                   1 
_pdbx_struct_assembly.details              author_defined_assembly 
_pdbx_struct_assembly.method_details       ? 
_pdbx_struct_assembly.oligomeric_details   monomeric 
_pdbx_struct_assembly.oligomeric_count     1 
# 
_pdbx_struct_assembly_gen.assembly_id       1 
_pdbx_struct_assembly_gen.oper_expression   1 
_pdbx_struct_assembly_gen.asym_id_list      A 
# 
_pdbx_struct_oper_list.id                   1 
_pdbx_struct_oper_list.type                 'identity operation' 
_pdbx_struct_oper_list.name                 1_555 
_pdbx_struct_oper_list.symmetry_operation   x,y,z 
_pdbx_struct_oper_list.matrix[1][1]         1.0000000000 
_pdbx_struct_oper_list.matrix[1][2]         0.0000000000 
_pdbx_struct_oper_list.matrix[1][3]         0.0000000000 
_pdbx_struct_oper_list.vector[1]            0.0000000000 
_pdbx_struct_oper_list.matrix[2][1]         0.0000000000 
_pdbx_struct_oper_list.matrix[2][2]         1.0000000000 
_pdbx_struct_oper_list.matrix[2][3]         0.0000000000 
_pdbx_struct_oper_list.vector[2]            0.0000000000 
_pdbx_struct_oper_list.matrix[3][1]         0.0000000000 
_pdbx_struct_oper_list.matrix[3][2]         0.0000000000 
_pdbx_struct_oper_list.matrix[3][3]         1.0000000000 
_pdbx_struct_oper_list.vector[3]            0.0000000000 
# 
_struct_conn.id                            disulf1 
_struct_conn.conn_type_id                  disulf 
_struct_conn.pdbx_leaving_atom_flag        ? 
_struct_conn.pdbx_PDB_id                   ? 
_struct_conn.ptnr1_label_asym_id           A 
_struct_conn.ptnr1_label_comp_id           CYS 
_struct_conn.ptnr1_label_seq_id            35 
_struct_conn.ptnr1_label_atom_id           SG 
_struct_conn.pdbx_ptnr1_label_alt_id       ? 
_struct_conn.pdbx_ptnr1_PDB_ins_code       ? 
_struct_conn.pdbx_ptnr1_standard_comp_id   ? 
_struct_conn.ptnr1_symmetry                1_555 
_struct_conn.ptnr2_label_asym_id           A 
_struct_conn.ptnr2_label_comp_id           CYS 
_struct_conn.ptnr2_label_seq_id            106 
_struct_conn.ptnr2_label_atom_id           SG 
_struct_conn.pdbx_ptnr2_label_alt_id       ? 
_struct_conn.pdbx_ptnr2_PDB_ins_code       ? 
_struct_conn.ptnr1_auth_asym_id            A 
_struct_conn.ptnr1_auth_comp_id            CYS 
_struct_conn.ptnr1_auth_seq_id             35 
_struct_conn.ptnr2_auth_asym_id            A 
_struct_conn.ptnr2_auth_comp_id            CYS 
_struct_conn.ptnr2_auth_seq_id             106 
_struct_conn.ptnr2_symmetry                1_555 
_struct_conn.pdbx_ptnr3_label_atom_id      ? 
_struct_conn.pdbx_ptnr3_label_seq_id       ? 
_struct_conn.pdbx_ptnr3_label_comp_id      ? 
_struct_conn.pdbx_ptnr3_label_asym_id      ? 
_struct_conn.pdbx_ptnr3_label_alt_id       ? 
_struct_conn.pdbx_ptnr3_PDB_ins_code       ? 
_struct_conn.details                       ? 
_struct_conn.pdbx_dist_value               2.028 
_struct_conn.pdbx_value_order              ? 
_struct_conn.pdbx_role                     ? 
# 
_struct_conn_type.id          disulf 
_struct_conn_type.criteria    ? 
_struct_conn_type.reference   ? 
# 
_pdbx_modification_feature.ordinal                            1 
_pdbx_modification_feature.label_comp_id                      CYS 
_pdbx_modification_feature.label_asym_id                      A 
_pdbx_modification_feature.label_seq_id                       35 
_pdbx_modification_feature.label_alt_id                       ? 
_pdbx_modification_feature.modified_residue_label_comp_id     CYS 
_pdbx_modification_feature.modified_residue_label_asym_id     A 
_pdbx_modification_feature.modified_residue_label_seq_id      106 
_pdbx_modification_feature.modified_residue_label_alt_id      ? 
_pdbx_modification_feature.auth_comp_id                       CYS 
_pdbx_modification_feature.auth_asym_id                       A 
_pdbx_modification_feature.auth_seq_id                        35 
_pdbx_modification_feature.PDB_ins_code                       ? 
_pdbx_modification_feature.symmetry                           1_555 
_pdbx_modification_feature.modified_residue_auth_comp_id      CYS 
_pdbx_modification_feature.modified_residue_auth_asym_id      A 
_pdbx_modification_feature.modified_residue_auth_seq_id       106 
_pdbx_modification_feature.modified_residue_PDB_ins_code      ? 
_pdbx_modification_feature.modified_residue_symmetry          1_555 
_pdbx_modification_feature.comp_id_linking_atom               SG 
_pdbx_modification_feature.modified_residue_id_linking_atom   SG 
_pdbx_modification_feature.modified_residue_id                . 
_pdbx_modification_feature.ref_pcm_id                         . 
_pdbx_modification_feature.ref_comp_id                        . 
_pdbx_modification_feature.type                               None 
_pdbx_modification_feature.category                           'Disulfide bridge' 
# 
loop_
_struct_sheet.id 
_struct_sheet.type 
_struct_sheet.number_strands 
_struct_sheet.details 
AA ? 6 ? 
AB ? 5 ? 
# 
loop_
_struct_sheet_order.sheet_id 
_struct_sheet_order.range_id_1 
_struct_sheet_order.range_id_2 
_struct_sheet_order.offset 
_struct_sheet_order.sense 
AA 1 2 ? anti-parallel 
AA 2 3 ? anti-parallel 
AA 3 4 ? anti-parallel 
AA 4 5 ? anti-parallel 
AA 5 6 ? anti-parallel 
AB 1 2 ? anti-parallel 
AB 2 3 ? anti-parallel 
AB 3 4 ? anti-parallel 
AB 4 5 ? anti-parallel 
# 
loop_
_struct_sheet_range.sheet_id 
_struct_sheet_range.id 
_struct_sheet_range.beg_label_comp_id 
_struct_sheet_range.beg_label_asym_id 
_struct_sheet_range.beg_label_seq_id 
_struct_sheet_range.pdbx_beg_PDB_ins_code 
_struct_sheet_range.end_label_comp_id 
_struct_sheet_range.end_label_asym_id 
_struct_sheet_range.end_label_seq_id 
_struct_sheet_range.pdbx_end_PDB_ins_code 
_struct_sheet_range.beg_auth_comp_id 
_struct_sheet_range.beg_auth_asym_id 
_struct_sheet_range.beg_auth_seq_id 
_struct_sheet_range.end_auth_comp_id 
_struct_sheet_range.end_auth_asym_id 
_struct_sheet_range.end_auth_seq_id 
AA 1 SER A 8   ? LEU A 13  ? SER A 8   LEU A 13  
AA 2 GLU A 110 ? GLN A 115 ? GLU A 110 GLN A 115 
AA 3 LYS A 27  ? ALA A 31  ? LYS A 27  ALA A 31  
AA 4 SER A 37  ? ASN A 41  ? SER A 37  ASN A 41  
AA 5 PHE A 46  ? GLN A 50  ? PHE A 46  GLN A 50  
AA 6 ASP A 58  ? VAL A 60  ? ASP A 58  VAL A 60  
AB 1 LEU A 94  ? VAL A 101 ? LEU A 94  VAL A 101 
AB 2 LEU A 81  ? ARG A 89  ? LEU A 81  ARG A 89  
AB 3 PRO A 65  ? LEU A 75  ? PRO A 65  LEU A 75  
AB 4 GLN A 18  ? ILE A 24  ? GLN A 18  ILE A 24  
AB 5 THR A 122 ? THR A 126 ? THR A 122 THR A 126 
# 
loop_
_pdbx_struct_sheet_hbond.sheet_id 
_pdbx_struct_sheet_hbond.range_id_1 
_pdbx_struct_sheet_hbond.range_id_2 
_pdbx_struct_sheet_hbond.range_1_label_atom_id 
_pdbx_struct_sheet_hbond.range_1_label_comp_id 
_pdbx_struct_sheet_hbond.range_1_label_asym_id 
_pdbx_struct_sheet_hbond.range_1_label_seq_id 
_pdbx_struct_sheet_hbond.range_1_PDB_ins_code 
_pdbx_struct_sheet_hbond.range_1_auth_atom_id 
_pdbx_struct_sheet_hbond.range_1_auth_comp_id 
_pdbx_struct_sheet_hbond.range_1_auth_asym_id 
_pdbx_struct_sheet_hbond.range_1_auth_seq_id 
_pdbx_struct_sheet_hbond.range_2_label_atom_id 
_pdbx_struct_sheet_hbond.range_2_label_comp_id 
_pdbx_struct_sheet_hbond.range_2_label_asym_id 
_pdbx_struct_sheet_hbond.range_2_label_seq_id 
_pdbx_struct_sheet_hbond.range_2_PDB_ins_code 
_pdbx_struct_sheet_hbond.range_2_auth_atom_id 
_pdbx_struct_sheet_hbond.range_2_auth_comp_id 
_pdbx_struct_sheet_hbond.range_2_auth_asym_id 
_pdbx_struct_sheet_hbond.range_2_auth_seq_id 
AA 1 2 N LEU A 13  ? N LEU A 13  O GLU A 110 ? O GLU A 110 
AA 2 3 N GLN A 115 ? N GLN A 115 O ASP A 29  ? O ASP A 29  
AA 3 4 N VAL A 30  ? N VAL A 30  O LEU A 38  ? O LEU A 38  
AA 4 5 N ASN A 41  ? N ASN A 41  O PHE A 46  ? O PHE A 46  
AA 5 6 N PHE A 49  ? N PHE A 49  O ASP A 58  ? O ASP A 58  
AB 1 2 N VAL A 101 ? N VAL A 101 O LEU A 81  ? O LEU A 81  
AB 2 3 O THR A 88  ? O THR A 88  N ALA A 66  ? N ALA A 66  
AB 3 4 N ILE A 73  ? N ILE A 73  O LEU A 19  ? O LEU A 19  
AB 4 5 N THR A 22  ? N THR A 22  O THR A 122 ? O THR A 122 
# 
_pdbx_entry_details.entry_id                   2BVB 
_pdbx_entry_details.compound_details           ? 
_pdbx_entry_details.source_details             ? 
_pdbx_entry_details.nonpolymer_details         ? 
_pdbx_entry_details.sequence_details           ? 
_pdbx_entry_details.has_ligand_of_interest     ? 
_pdbx_entry_details.has_protein_modification   Y 
# 
loop_
_pdbx_validate_torsion.id 
_pdbx_validate_torsion.PDB_model_num 
_pdbx_validate_torsion.auth_comp_id 
_pdbx_validate_torsion.auth_asym_id 
_pdbx_validate_torsion.auth_seq_id 
_pdbx_validate_torsion.PDB_ins_code 
_pdbx_validate_torsion.label_alt_id 
_pdbx_validate_torsion.phi 
_pdbx_validate_torsion.psi 
1  1 ASP A 7   ? ? -168.04 -32.14  
2  1 GLU A 15  ? ? -38.69  139.71  
3  1 ILE A 24  ? ? -117.01 79.32   
4  1 VAL A 32  ? ? -61.97  97.98   
5  1 THR A 51  ? ? -98.43  -74.04  
6  1 ASN A 54  ? ? 66.50   138.79  
7  1 SER A 55  ? ? 66.38   -79.70  
8  1 GLU A 63  ? ? -56.52  172.53  
9  1 HIS A 77  ? ? -178.14 -169.35 
10 1 SER A 104 ? ? -113.02 -81.44  
11 1 CYS A 106 ? ? -90.04  -158.97 
12 1 SER A 107 ? ? -172.12 -70.66  
13 1 GLU A 110 ? ? -160.99 105.38  
14 1 LEU A 128 ? ? 59.75   -79.30  
15 1 THR A 133 ? ? -63.71  87.60   
16 1 ALA A 134 ? ? 63.20   -4.70   
17 1 VAL A 135 ? ? 30.40   37.89   
18 1 SER A 136 ? ? -168.33 -18.35  
# 
_pdbx_nmr_ensemble.entry_id                             2BVB 
_pdbx_nmr_ensemble.conformers_calculated_total_number   10 
_pdbx_nmr_ensemble.conformers_submitted_total_number    1 
_pdbx_nmr_ensemble.conformer_selection_criteria         'structures with the lowest energy' 
# 
_pdbx_nmr_representative.conformer_id         1 
_pdbx_nmr_representative.entry_id             2BVB 
_pdbx_nmr_representative.selection_criteria   'lowest energy' 
# 
_pdbx_nmr_exptl_sample_conditions.conditions_id          1 
_pdbx_nmr_exptl_sample_conditions.temperature            310.0 
_pdbx_nmr_exptl_sample_conditions.pressure_units         ? 
_pdbx_nmr_exptl_sample_conditions.pressure               ? 
_pdbx_nmr_exptl_sample_conditions.pH                     ? 
_pdbx_nmr_exptl_sample_conditions.ionic_strength         ? 
_pdbx_nmr_exptl_sample_conditions.ionic_strength_units   ? 
_pdbx_nmr_exptl_sample_conditions.pH_units               ? 
_pdbx_nmr_exptl_sample_conditions.temperature_units      K 
_pdbx_nmr_exptl_sample_conditions.label                  ? 
# 
_pdbx_nmr_details.entry_id   2BVB 
_pdbx_nmr_details.text       NONE 
# 
_pdbx_nmr_refine.entry_id           2BVB 
_pdbx_nmr_refine.method             ARIA 
_pdbx_nmr_refine.details            ? 
_pdbx_nmr_refine.software_ordinal   1 
# 
loop_
_pdbx_nmr_software.classification 
_pdbx_nmr_software.name 
_pdbx_nmr_software.version 
_pdbx_nmr_software.authors 
_pdbx_nmr_software.ordinal 
refinement           CNS     ? 
'BRUNGER,ADAMS,CLORE,DELANO,GROS, GROSSE- KUNSTLEVE,JIANG,KUSZEWSKI,NILGES, PANNU,READ, RICE,SIMONSON,WARREN' 1 
'structure solution' NMRView ? ? 2 
# 
loop_
_chem_comp_atom.comp_id 
_chem_comp_atom.atom_id 
_chem_comp_atom.type_symbol 
_chem_comp_atom.pdbx_aromatic_flag 
_chem_comp_atom.pdbx_stereo_config 
_chem_comp_atom.pdbx_ordinal 
ALA N    N N N 1   
ALA CA   C N S 2   
ALA C    C N N 3   
ALA O    O N N 4   
ALA CB   C N N 5   
ALA OXT  O N N 6   
ALA H    H N N 7   
ALA H2   H N N 8   
ALA HA   H N N 9   
ALA HB1  H N N 10  
ALA HB2  H N N 11  
ALA HB3  H N N 12  
ALA HXT  H N N 13  
ARG N    N N N 14  
ARG CA   C N S 15  
ARG C    C N N 16  
ARG O    O N N 17  
ARG CB   C N N 18  
ARG CG   C N N 19  
ARG CD   C N N 20  
ARG NE   N N N 21  
ARG CZ   C N N 22  
ARG NH1  N N N 23  
ARG NH2  N N N 24  
ARG OXT  O N N 25  
ARG H    H N N 26  
ARG H2   H N N 27  
ARG HA   H N N 28  
ARG HB2  H N N 29  
ARG HB3  H N N 30  
ARG HG2  H N N 31  
ARG HG3  H N N 32  
ARG HD2  H N N 33  
ARG HD3  H N N 34  
ARG HE   H N N 35  
ARG HH11 H N N 36  
ARG HH12 H N N 37  
ARG HH21 H N N 38  
ARG HH22 H N N 39  
ARG HXT  H N N 40  
ASN N    N N N 41  
ASN CA   C N S 42  
ASN C    C N N 43  
ASN O    O N N 44  
ASN CB   C N N 45  
ASN CG   C N N 46  
ASN OD1  O N N 47  
ASN ND2  N N N 48  
ASN OXT  O N N 49  
ASN H    H N N 50  
ASN H2   H N N 51  
ASN HA   H N N 52  
ASN HB2  H N N 53  
ASN HB3  H N N 54  
ASN HD21 H N N 55  
ASN HD22 H N N 56  
ASN HXT  H N N 57  
ASP N    N N N 58  
ASP CA   C N S 59  
ASP C    C N N 60  
ASP O    O N N 61  
ASP CB   C N N 62  
ASP CG   C N N 63  
ASP OD1  O N N 64  
ASP OD2  O N N 65  
ASP OXT  O N N 66  
ASP H    H N N 67  
ASP H2   H N N 68  
ASP HA   H N N 69  
ASP HB2  H N N 70  
ASP HB3  H N N 71  
ASP HD2  H N N 72  
ASP HXT  H N N 73  
CYS N    N N N 74  
CYS CA   C N R 75  
CYS C    C N N 76  
CYS O    O N N 77  
CYS CB   C N N 78  
CYS SG   S N N 79  
CYS OXT  O N N 80  
CYS H    H N N 81  
CYS H2   H N N 82  
CYS HA   H N N 83  
CYS HB2  H N N 84  
CYS HB3  H N N 85  
CYS HG   H N N 86  
CYS HXT  H N N 87  
GLN N    N N N 88  
GLN CA   C N S 89  
GLN C    C N N 90  
GLN O    O N N 91  
GLN CB   C N N 92  
GLN CG   C N N 93  
GLN CD   C N N 94  
GLN OE1  O N N 95  
GLN NE2  N N N 96  
GLN OXT  O N N 97  
GLN H    H N N 98  
GLN H2   H N N 99  
GLN HA   H N N 100 
GLN HB2  H N N 101 
GLN HB3  H N N 102 
GLN HG2  H N N 103 
GLN HG3  H N N 104 
GLN HE21 H N N 105 
GLN HE22 H N N 106 
GLN HXT  H N N 107 
GLU N    N N N 108 
GLU CA   C N S 109 
GLU C    C N N 110 
GLU O    O N N 111 
GLU CB   C N N 112 
GLU CG   C N N 113 
GLU CD   C N N 114 
GLU OE1  O N N 115 
GLU OE2  O N N 116 
GLU OXT  O N N 117 
GLU H    H N N 118 
GLU H2   H N N 119 
GLU HA   H N N 120 
GLU HB2  H N N 121 
GLU HB3  H N N 122 
GLU HG2  H N N 123 
GLU HG3  H N N 124 
GLU HE2  H N N 125 
GLU HXT  H N N 126 
GLY N    N N N 127 
GLY CA   C N N 128 
GLY C    C N N 129 
GLY O    O N N 130 
GLY OXT  O N N 131 
GLY H    H N N 132 
GLY H2   H N N 133 
GLY HA2  H N N 134 
GLY HA3  H N N 135 
GLY HXT  H N N 136 
HIS N    N N N 137 
HIS CA   C N S 138 
HIS C    C N N 139 
HIS O    O N N 140 
HIS CB   C N N 141 
HIS CG   C Y N 142 
HIS ND1  N Y N 143 
HIS CD2  C Y N 144 
HIS CE1  C Y N 145 
HIS NE2  N Y N 146 
HIS OXT  O N N 147 
HIS H    H N N 148 
HIS H2   H N N 149 
HIS HA   H N N 150 
HIS HB2  H N N 151 
HIS HB3  H N N 152 
HIS HD1  H N N 153 
HIS HD2  H N N 154 
HIS HE1  H N N 155 
HIS HE2  H N N 156 
HIS HXT  H N N 157 
ILE N    N N N 158 
ILE CA   C N S 159 
ILE C    C N N 160 
ILE O    O N N 161 
ILE CB   C N S 162 
ILE CG1  C N N 163 
ILE CG2  C N N 164 
ILE CD1  C N N 165 
ILE OXT  O N N 166 
ILE H    H N N 167 
ILE H2   H N N 168 
ILE HA   H N N 169 
ILE HB   H N N 170 
ILE HG12 H N N 171 
ILE HG13 H N N 172 
ILE HG21 H N N 173 
ILE HG22 H N N 174 
ILE HG23 H N N 175 
ILE HD11 H N N 176 
ILE HD12 H N N 177 
ILE HD13 H N N 178 
ILE HXT  H N N 179 
LEU N    N N N 180 
LEU CA   C N S 181 
LEU C    C N N 182 
LEU O    O N N 183 
LEU CB   C N N 184 
LEU CG   C N N 185 
LEU CD1  C N N 186 
LEU CD2  C N N 187 
LEU OXT  O N N 188 
LEU H    H N N 189 
LEU H2   H N N 190 
LEU HA   H N N 191 
LEU HB2  H N N 192 
LEU HB3  H N N 193 
LEU HG   H N N 194 
LEU HD11 H N N 195 
LEU HD12 H N N 196 
LEU HD13 H N N 197 
LEU HD21 H N N 198 
LEU HD22 H N N 199 
LEU HD23 H N N 200 
LEU HXT  H N N 201 
LYS N    N N N 202 
LYS CA   C N S 203 
LYS C    C N N 204 
LYS O    O N N 205 
LYS CB   C N N 206 
LYS CG   C N N 207 
LYS CD   C N N 208 
LYS CE   C N N 209 
LYS NZ   N N N 210 
LYS OXT  O N N 211 
LYS H    H N N 212 
LYS H2   H N N 213 
LYS HA   H N N 214 
LYS HB2  H N N 215 
LYS HB3  H N N 216 
LYS HG2  H N N 217 
LYS HG3  H N N 218 
LYS HD2  H N N 219 
LYS HD3  H N N 220 
LYS HE2  H N N 221 
LYS HE3  H N N 222 
LYS HZ1  H N N 223 
LYS HZ2  H N N 224 
LYS HZ3  H N N 225 
LYS HXT  H N N 226 
PHE N    N N N 227 
PHE CA   C N S 228 
PHE C    C N N 229 
PHE O    O N N 230 
PHE CB   C N N 231 
PHE CG   C Y N 232 
PHE CD1  C Y N 233 
PHE CD2  C Y N 234 
PHE CE1  C Y N 235 
PHE CE2  C Y N 236 
PHE CZ   C Y N 237 
PHE OXT  O N N 238 
PHE H    H N N 239 
PHE H2   H N N 240 
PHE HA   H N N 241 
PHE HB2  H N N 242 
PHE HB3  H N N 243 
PHE HD1  H N N 244 
PHE HD2  H N N 245 
PHE HE1  H N N 246 
PHE HE2  H N N 247 
PHE HZ   H N N 248 
PHE HXT  H N N 249 
PRO N    N N N 250 
PRO CA   C N S 251 
PRO C    C N N 252 
PRO O    O N N 253 
PRO CB   C N N 254 
PRO CG   C N N 255 
PRO CD   C N N 256 
PRO OXT  O N N 257 
PRO H    H N N 258 
PRO HA   H N N 259 
PRO HB2  H N N 260 
PRO HB3  H N N 261 
PRO HG2  H N N 262 
PRO HG3  H N N 263 
PRO HD2  H N N 264 
PRO HD3  H N N 265 
PRO HXT  H N N 266 
SER N    N N N 267 
SER CA   C N S 268 
SER C    C N N 269 
SER O    O N N 270 
SER CB   C N N 271 
SER OG   O N N 272 
SER OXT  O N N 273 
SER H    H N N 274 
SER H2   H N N 275 
SER HA   H N N 276 
SER HB2  H N N 277 
SER HB3  H N N 278 
SER HG   H N N 279 
SER HXT  H N N 280 
THR N    N N N 281 
THR CA   C N S 282 
THR C    C N N 283 
THR O    O N N 284 
THR CB   C N R 285 
THR OG1  O N N 286 
THR CG2  C N N 287 
THR OXT  O N N 288 
THR H    H N N 289 
THR H2   H N N 290 
THR HA   H N N 291 
THR HB   H N N 292 
THR HG1  H N N 293 
THR HG21 H N N 294 
THR HG22 H N N 295 
THR HG23 H N N 296 
THR HXT  H N N 297 
TYR N    N N N 298 
TYR CA   C N S 299 
TYR C    C N N 300 
TYR O    O N N 301 
TYR CB   C N N 302 
TYR CG   C Y N 303 
TYR CD1  C Y N 304 
TYR CD2  C Y N 305 
TYR CE1  C Y N 306 
TYR CE2  C Y N 307 
TYR CZ   C Y N 308 
TYR OH   O N N 309 
TYR OXT  O N N 310 
TYR H    H N N 311 
TYR H2   H N N 312 
TYR HA   H N N 313 
TYR HB2  H N N 314 
TYR HB3  H N N 315 
TYR HD1  H N N 316 
TYR HD2  H N N 317 
TYR HE1  H N N 318 
TYR HE2  H N N 319 
TYR HH   H N N 320 
TYR HXT  H N N 321 
VAL N    N N N 322 
VAL CA   C N S 323 
VAL C    C N N 324 
VAL O    O N N 325 
VAL CB   C N N 326 
VAL CG1  C N N 327 
VAL CG2  C N N 328 
VAL OXT  O N N 329 
VAL H    H N N 330 
VAL H2   H N N 331 
VAL HA   H N N 332 
VAL HB   H N N 333 
VAL HG11 H N N 334 
VAL HG12 H N N 335 
VAL HG13 H N N 336 
VAL HG21 H N N 337 
VAL HG22 H N N 338 
VAL HG23 H N N 339 
VAL HXT  H N N 340 
# 
loop_
_chem_comp_bond.comp_id 
_chem_comp_bond.atom_id_1 
_chem_comp_bond.atom_id_2 
_chem_comp_bond.value_order 
_chem_comp_bond.pdbx_aromatic_flag 
_chem_comp_bond.pdbx_stereo_config 
_chem_comp_bond.pdbx_ordinal 
ALA N   CA   sing N N 1   
ALA N   H    sing N N 2   
ALA N   H2   sing N N 3   
ALA CA  C    sing N N 4   
ALA CA  CB   sing N N 5   
ALA CA  HA   sing N N 6   
ALA C   O    doub N N 7   
ALA C   OXT  sing N N 8   
ALA CB  HB1  sing N N 9   
ALA CB  HB2  sing N N 10  
ALA CB  HB3  sing N N 11  
ALA OXT HXT  sing N N 12  
ARG N   CA   sing N N 13  
ARG N   H    sing N N 14  
ARG N   H2   sing N N 15  
ARG CA  C    sing N N 16  
ARG CA  CB   sing N N 17  
ARG CA  HA   sing N N 18  
ARG C   O    doub N N 19  
ARG C   OXT  sing N N 20  
ARG CB  CG   sing N N 21  
ARG CB  HB2  sing N N 22  
ARG CB  HB3  sing N N 23  
ARG CG  CD   sing N N 24  
ARG CG  HG2  sing N N 25  
ARG CG  HG3  sing N N 26  
ARG CD  NE   sing N N 27  
ARG CD  HD2  sing N N 28  
ARG CD  HD3  sing N N 29  
ARG NE  CZ   sing N N 30  
ARG NE  HE   sing N N 31  
ARG CZ  NH1  sing N N 32  
ARG CZ  NH2  doub N N 33  
ARG NH1 HH11 sing N N 34  
ARG NH1 HH12 sing N N 35  
ARG NH2 HH21 sing N N 36  
ARG NH2 HH22 sing N N 37  
ARG OXT HXT  sing N N 38  
ASN N   CA   sing N N 39  
ASN N   H    sing N N 40  
ASN N   H2   sing N N 41  
ASN CA  C    sing N N 42  
ASN CA  CB   sing N N 43  
ASN CA  HA   sing N N 44  
ASN C   O    doub N N 45  
ASN C   OXT  sing N N 46  
ASN CB  CG   sing N N 47  
ASN CB  HB2  sing N N 48  
ASN CB  HB3  sing N N 49  
ASN CG  OD1  doub N N 50  
ASN CG  ND2  sing N N 51  
ASN ND2 HD21 sing N N 52  
ASN ND2 HD22 sing N N 53  
ASN OXT HXT  sing N N 54  
ASP N   CA   sing N N 55  
ASP N   H    sing N N 56  
ASP N   H2   sing N N 57  
ASP CA  C    sing N N 58  
ASP CA  CB   sing N N 59  
ASP CA  HA   sing N N 60  
ASP C   O    doub N N 61  
ASP C   OXT  sing N N 62  
ASP CB  CG   sing N N 63  
ASP CB  HB2  sing N N 64  
ASP CB  HB3  sing N N 65  
ASP CG  OD1  doub N N 66  
ASP CG  OD2  sing N N 67  
ASP OD2 HD2  sing N N 68  
ASP OXT HXT  sing N N 69  
CYS N   CA   sing N N 70  
CYS N   H    sing N N 71  
CYS N   H2   sing N N 72  
CYS CA  C    sing N N 73  
CYS CA  CB   sing N N 74  
CYS CA  HA   sing N N 75  
CYS C   O    doub N N 76  
CYS C   OXT  sing N N 77  
CYS CB  SG   sing N N 78  
CYS CB  HB2  sing N N 79  
CYS CB  HB3  sing N N 80  
CYS SG  HG   sing N N 81  
CYS OXT HXT  sing N N 82  
GLN N   CA   sing N N 83  
GLN N   H    sing N N 84  
GLN N   H2   sing N N 85  
GLN CA  C    sing N N 86  
GLN CA  CB   sing N N 87  
GLN CA  HA   sing N N 88  
GLN C   O    doub N N 89  
GLN C   OXT  sing N N 90  
GLN CB  CG   sing N N 91  
GLN CB  HB2  sing N N 92  
GLN CB  HB3  sing N N 93  
GLN CG  CD   sing N N 94  
GLN CG  HG2  sing N N 95  
GLN CG  HG3  sing N N 96  
GLN CD  OE1  doub N N 97  
GLN CD  NE2  sing N N 98  
GLN NE2 HE21 sing N N 99  
GLN NE2 HE22 sing N N 100 
GLN OXT HXT  sing N N 101 
GLU N   CA   sing N N 102 
GLU N   H    sing N N 103 
GLU N   H2   sing N N 104 
GLU CA  C    sing N N 105 
GLU CA  CB   sing N N 106 
GLU CA  HA   sing N N 107 
GLU C   O    doub N N 108 
GLU C   OXT  sing N N 109 
GLU CB  CG   sing N N 110 
GLU CB  HB2  sing N N 111 
GLU CB  HB3  sing N N 112 
GLU CG  CD   sing N N 113 
GLU CG  HG2  sing N N 114 
GLU CG  HG3  sing N N 115 
GLU CD  OE1  doub N N 116 
GLU CD  OE2  sing N N 117 
GLU OE2 HE2  sing N N 118 
GLU OXT HXT  sing N N 119 
GLY N   CA   sing N N 120 
GLY N   H    sing N N 121 
GLY N   H2   sing N N 122 
GLY CA  C    sing N N 123 
GLY CA  HA2  sing N N 124 
GLY CA  HA3  sing N N 125 
GLY C   O    doub N N 126 
GLY C   OXT  sing N N 127 
GLY OXT HXT  sing N N 128 
HIS N   CA   sing N N 129 
HIS N   H    sing N N 130 
HIS N   H2   sing N N 131 
HIS CA  C    sing N N 132 
HIS CA  CB   sing N N 133 
HIS CA  HA   sing N N 134 
HIS C   O    doub N N 135 
HIS C   OXT  sing N N 136 
HIS CB  CG   sing N N 137 
HIS CB  HB2  sing N N 138 
HIS CB  HB3  sing N N 139 
HIS CG  ND1  sing Y N 140 
HIS CG  CD2  doub Y N 141 
HIS ND1 CE1  doub Y N 142 
HIS ND1 HD1  sing N N 143 
HIS CD2 NE2  sing Y N 144 
HIS CD2 HD2  sing N N 145 
HIS CE1 NE2  sing Y N 146 
HIS CE1 HE1  sing N N 147 
HIS NE2 HE2  sing N N 148 
HIS OXT HXT  sing N N 149 
ILE N   CA   sing N N 150 
ILE N   H    sing N N 151 
ILE N   H2   sing N N 152 
ILE CA  C    sing N N 153 
ILE CA  CB   sing N N 154 
ILE CA  HA   sing N N 155 
ILE C   O    doub N N 156 
ILE C   OXT  sing N N 157 
ILE CB  CG1  sing N N 158 
ILE CB  CG2  sing N N 159 
ILE CB  HB   sing N N 160 
ILE CG1 CD1  sing N N 161 
ILE CG1 HG12 sing N N 162 
ILE CG1 HG13 sing N N 163 
ILE CG2 HG21 sing N N 164 
ILE CG2 HG22 sing N N 165 
ILE CG2 HG23 sing N N 166 
ILE CD1 HD11 sing N N 167 
ILE CD1 HD12 sing N N 168 
ILE CD1 HD13 sing N N 169 
ILE OXT HXT  sing N N 170 
LEU N   CA   sing N N 171 
LEU N   H    sing N N 172 
LEU N   H2   sing N N 173 
LEU CA  C    sing N N 174 
LEU CA  CB   sing N N 175 
LEU CA  HA   sing N N 176 
LEU C   O    doub N N 177 
LEU C   OXT  sing N N 178 
LEU CB  CG   sing N N 179 
LEU CB  HB2  sing N N 180 
LEU CB  HB3  sing N N 181 
LEU CG  CD1  sing N N 182 
LEU CG  CD2  sing N N 183 
LEU CG  HG   sing N N 184 
LEU CD1 HD11 sing N N 185 
LEU CD1 HD12 sing N N 186 
LEU CD1 HD13 sing N N 187 
LEU CD2 HD21 sing N N 188 
LEU CD2 HD22 sing N N 189 
LEU CD2 HD23 sing N N 190 
LEU OXT HXT  sing N N 191 
LYS N   CA   sing N N 192 
LYS N   H    sing N N 193 
LYS N   H2   sing N N 194 
LYS CA  C    sing N N 195 
LYS CA  CB   sing N N 196 
LYS CA  HA   sing N N 197 
LYS C   O    doub N N 198 
LYS C   OXT  sing N N 199 
LYS CB  CG   sing N N 200 
LYS CB  HB2  sing N N 201 
LYS CB  HB3  sing N N 202 
LYS CG  CD   sing N N 203 
LYS CG  HG2  sing N N 204 
LYS CG  HG3  sing N N 205 
LYS CD  CE   sing N N 206 
LYS CD  HD2  sing N N 207 
LYS CD  HD3  sing N N 208 
LYS CE  NZ   sing N N 209 
LYS CE  HE2  sing N N 210 
LYS CE  HE3  sing N N 211 
LYS NZ  HZ1  sing N N 212 
LYS NZ  HZ2  sing N N 213 
LYS NZ  HZ3  sing N N 214 
LYS OXT HXT  sing N N 215 
PHE N   CA   sing N N 216 
PHE N   H    sing N N 217 
PHE N   H2   sing N N 218 
PHE CA  C    sing N N 219 
PHE CA  CB   sing N N 220 
PHE CA  HA   sing N N 221 
PHE C   O    doub N N 222 
PHE C   OXT  sing N N 223 
PHE CB  CG   sing N N 224 
PHE CB  HB2  sing N N 225 
PHE CB  HB3  sing N N 226 
PHE CG  CD1  doub Y N 227 
PHE CG  CD2  sing Y N 228 
PHE CD1 CE1  sing Y N 229 
PHE CD1 HD1  sing N N 230 
PHE CD2 CE2  doub Y N 231 
PHE CD2 HD2  sing N N 232 
PHE CE1 CZ   doub Y N 233 
PHE CE1 HE1  sing N N 234 
PHE CE2 CZ   sing Y N 235 
PHE CE2 HE2  sing N N 236 
PHE CZ  HZ   sing N N 237 
PHE OXT HXT  sing N N 238 
PRO N   CA   sing N N 239 
PRO N   CD   sing N N 240 
PRO N   H    sing N N 241 
PRO CA  C    sing N N 242 
PRO CA  CB   sing N N 243 
PRO CA  HA   sing N N 244 
PRO C   O    doub N N 245 
PRO C   OXT  sing N N 246 
PRO CB  CG   sing N N 247 
PRO CB  HB2  sing N N 248 
PRO CB  HB3  sing N N 249 
PRO CG  CD   sing N N 250 
PRO CG  HG2  sing N N 251 
PRO CG  HG3  sing N N 252 
PRO CD  HD2  sing N N 253 
PRO CD  HD3  sing N N 254 
PRO OXT HXT  sing N N 255 
SER N   CA   sing N N 256 
SER N   H    sing N N 257 
SER N   H2   sing N N 258 
SER CA  C    sing N N 259 
SER CA  CB   sing N N 260 
SER CA  HA   sing N N 261 
SER C   O    doub N N 262 
SER C   OXT  sing N N 263 
SER CB  OG   sing N N 264 
SER CB  HB2  sing N N 265 
SER CB  HB3  sing N N 266 
SER OG  HG   sing N N 267 
SER OXT HXT  sing N N 268 
THR N   CA   sing N N 269 
THR N   H    sing N N 270 
THR N   H2   sing N N 271 
THR CA  C    sing N N 272 
THR CA  CB   sing N N 273 
THR CA  HA   sing N N 274 
THR C   O    doub N N 275 
THR C   OXT  sing N N 276 
THR CB  OG1  sing N N 277 
THR CB  CG2  sing N N 278 
THR CB  HB   sing N N 279 
THR OG1 HG1  sing N N 280 
THR CG2 HG21 sing N N 281 
THR CG2 HG22 sing N N 282 
THR CG2 HG23 sing N N 283 
THR OXT HXT  sing N N 284 
TYR N   CA   sing N N 285 
TYR N   H    sing N N 286 
TYR N   H2   sing N N 287 
TYR CA  C    sing N N 288 
TYR CA  CB   sing N N 289 
TYR CA  HA   sing N N 290 
TYR C   O    doub N N 291 
TYR C   OXT  sing N N 292 
TYR CB  CG   sing N N 293 
TYR CB  HB2  sing N N 294 
TYR CB  HB3  sing N N 295 
TYR CG  CD1  doub Y N 296 
TYR CG  CD2  sing Y N 297 
TYR CD1 CE1  sing Y N 298 
TYR CD1 HD1  sing N N 299 
TYR CD2 CE2  doub Y N 300 
TYR CD2 HD2  sing N N 301 
TYR CE1 CZ   doub Y N 302 
TYR CE1 HE1  sing N N 303 
TYR CE2 CZ   sing Y N 304 
TYR CE2 HE2  sing N N 305 
TYR CZ  OH   sing N N 306 
TYR OH  HH   sing N N 307 
TYR OXT HXT  sing N N 308 
VAL N   CA   sing N N 309 
VAL N   H    sing N N 310 
VAL N   H2   sing N N 311 
VAL CA  C    sing N N 312 
VAL CA  CB   sing N N 313 
VAL CA  HA   sing N N 314 
VAL C   O    doub N N 315 
VAL C   OXT  sing N N 316 
VAL CB  CG1  sing N N 317 
VAL CB  CG2  sing N N 318 
VAL CB  HB   sing N N 319 
VAL CG1 HG11 sing N N 320 
VAL CG1 HG12 sing N N 321 
VAL CG1 HG13 sing N N 322 
VAL CG2 HG21 sing N N 323 
VAL CG2 HG22 sing N N 324 
VAL CG2 HG23 sing N N 325 
VAL OXT HXT  sing N N 326 
# 
loop_
_pdbx_nmr_spectrometer.spectrometer_id 
_pdbx_nmr_spectrometer.model 
_pdbx_nmr_spectrometer.manufacturer 
_pdbx_nmr_spectrometer.field_strength 
_pdbx_nmr_spectrometer.type 
1 OTHER Bruker 500 ? 
2 OTHER Bruker 800 ? 
# 
_atom_sites.entry_id                    2BVB 
_atom_sites.fract_transf_matrix[1][1]   1.000000 
_atom_sites.fract_transf_matrix[1][2]   0.000000 
_atom_sites.fract_transf_matrix[1][3]   0.000000 
_atom_sites.fract_transf_matrix[2][1]   0.000000 
_atom_sites.fract_transf_matrix[2][2]   1.000000 
_atom_sites.fract_transf_matrix[2][3]   0.000000 
_atom_sites.fract_transf_matrix[3][1]   0.000000 
_atom_sites.fract_transf_matrix[3][2]   0.000000 
_atom_sites.fract_transf_matrix[3][3]   1.000000 
_atom_sites.fract_transf_vector[1]      0.00000 
_atom_sites.fract_transf_vector[2]      0.00000 
_atom_sites.fract_transf_vector[3]      0.00000 
# 
loop_
_atom_type.symbol 
C 
H 
N 
O 
S 
# 
loop_
_atom_site.group_PDB 
_atom_site.id 
_atom_site.type_symbol 
_atom_site.label_atom_id 
_atom_site.label_alt_id 
_atom_site.label_comp_id 
_atom_site.label_asym_id 
_atom_site.label_entity_id 
_atom_site.label_seq_id 
_atom_site.pdbx_PDB_ins_code 
_atom_site.Cartn_x 
_atom_site.Cartn_y 
_atom_site.Cartn_z 
_atom_site.occupancy 
_atom_site.B_iso_or_equiv 
_atom_site.pdbx_formal_charge 
_atom_site.auth_seq_id 
_atom_site.auth_comp_id 
_atom_site.auth_asym_id 
_atom_site.auth_atom_id 
_atom_site.pdbx_PDB_model_num 
ATOM 1    N N    . LYS A 1 1   ? 0.453   1.886   15.695  1.00 1.79  ? 1   LYS A N    1 
ATOM 2    C CA   . LYS A 1 1   ? 0.026   2.866   14.662  1.00 1.39  ? 1   LYS A CA   1 
ATOM 3    C C    . LYS A 1 1   ? 1.129   3.884   14.395  1.00 1.22  ? 1   LYS A C    1 
ATOM 4    O O    . LYS A 1 1   ? 1.404   4.749   15.228  1.00 1.28  ? 1   LYS A O    1 
ATOM 5    C CB   . LYS A 1 1   ? -1.248  3.584   15.117  1.00 1.44  ? 1   LYS A CB   1 
ATOM 6    C CG   . LYS A 1 1   ? -1.810  4.550   14.087  1.00 1.55  ? 1   LYS A CG   1 
ATOM 7    C CD   . LYS A 1 1   ? -3.156  5.103   14.526  1.00 1.74  ? 1   LYS A CD   1 
ATOM 8    C CE   . LYS A 1 1   ? -3.722  6.073   13.503  1.00 2.06  ? 1   LYS A CE   1 
ATOM 9    N NZ   . LYS A 1 1   ? -2.885  7.297   13.376  1.00 2.31  ? 1   LYS A NZ   1 
ATOM 10   H H1   . LYS A 1 1   ? 1.371   1.472   15.436  1.00 2.35  ? 1   LYS A H1   1 
ATOM 11   H H2   . LYS A 1 1   ? 0.544   2.356   16.617  1.00 2.17  ? 1   LYS A H2   1 
ATOM 12   H H3   . LYS A 1 1   ? -0.247  1.123   15.775  1.00 1.81  ? 1   LYS A H3   1 
ATOM 13   H HA   . LYS A 1 1   ? -0.178  2.328   13.749  1.00 1.41  ? 1   LYS A HA   1 
ATOM 14   H HB2  . LYS A 1 1   ? -2.005  2.844   15.335  1.00 1.69  ? 1   LYS A HB2  1 
ATOM 15   H HB3  . LYS A 1 1   ? -1.032  4.139   16.019  1.00 1.99  ? 1   LYS A HB3  1 
ATOM 16   H HG2  . LYS A 1 1   ? -1.119  5.369   13.960  1.00 2.12  ? 1   LYS A HG2  1 
ATOM 17   H HG3  . LYS A 1 1   ? -1.932  4.030   13.149  1.00 1.87  ? 1   LYS A HG3  1 
ATOM 18   H HD2  . LYS A 1 1   ? -3.848  4.283   14.650  1.00 2.07  ? 1   LYS A HD2  1 
ATOM 19   H HD3  . LYS A 1 1   ? -3.033  5.616   15.468  1.00 2.11  ? 1   LYS A HD3  1 
ATOM 20   H HE2  . LYS A 1 1   ? -3.768  5.579   12.544  1.00 2.14  ? 1   LYS A HE2  1 
ATOM 21   H HE3  . LYS A 1 1   ? -4.718  6.357   13.809  1.00 2.82  ? 1   LYS A HE3  1 
ATOM 22   H HZ1  . LYS A 1 1   ? -2.817  7.781   14.294  1.00 2.48  ? 1   LYS A HZ1  1 
ATOM 23   H HZ2  . LYS A 1 1   ? -1.927  7.044   13.057  1.00 2.72  ? 1   LYS A HZ2  1 
ATOM 24   H HZ3  . LYS A 1 1   ? -3.308  7.950   12.685  1.00 2.70  ? 1   LYS A HZ3  1 
ATOM 25   N N    . THR A 1 2   ? 1.762   3.773   13.232  1.00 1.12  ? 2   THR A N    1 
ATOM 26   C CA   . THR A 1 2   ? 2.838   4.682   12.861  1.00 1.08  ? 2   THR A CA   1 
ATOM 27   C C    . THR A 1 2   ? 2.346   5.755   11.896  1.00 0.99  ? 2   THR A C    1 
ATOM 28   O O    . THR A 1 2   ? 1.847   5.451   10.814  1.00 1.14  ? 2   THR A O    1 
ATOM 29   C CB   . THR A 1 2   ? 4.018   3.932   12.218  1.00 1.19  ? 2   THR A CB   1 
ATOM 30   O OG1  . THR A 1 2   ? 4.366   2.793   13.013  1.00 1.49  ? 2   THR A OG1  1 
ATOM 31   C CG2  . THR A 1 2   ? 5.225   4.846   12.083  1.00 1.50  ? 2   THR A CG2  1 
ATOM 32   H H    . THR A 1 2   ? 1.500   3.062   12.609  1.00 1.14  ? 2   THR A H    1 
ATOM 33   H HA   . THR A 1 2   ? 3.193   5.161   13.763  1.00 1.14  ? 2   THR A HA   1 
ATOM 34   H HB   . THR A 1 2   ? 3.723   3.600   11.234  1.00 1.16  ? 2   THR A HB   1 
ATOM 35   H HG1  . THR A 1 2   ? 5.215   2.945   13.435  1.00 1.82  ? 2   THR A HG1  1 
ATOM 36   H HG21 . THR A 1 2   ? 5.438   5.304   13.037  1.00 1.97  ? 2   THR A HG21 1 
ATOM 37   H HG22 . THR A 1 2   ? 6.079   4.269   11.762  1.00 1.79  ? 2   THR A HG22 1 
ATOM 38   H HG23 . THR A 1 2   ? 5.015   5.615   11.354  1.00 1.92  ? 2   THR A HG23 1 
ATOM 39   N N    . GLU A 1 3   ? 2.497   7.011   12.301  1.00 0.93  ? 3   GLU A N    1 
ATOM 40   C CA   . GLU A 1 3   ? 2.074   8.138   11.482  1.00 0.92  ? 3   GLU A CA   1 
ATOM 41   C C    . GLU A 1 3   ? 3.156   9.211   11.460  1.00 1.14  ? 3   GLU A C    1 
ATOM 42   O O    . GLU A 1 3   ? 3.647   9.628   12.509  1.00 1.36  ? 3   GLU A O    1 
ATOM 43   C CB   . GLU A 1 3   ? 0.769   8.722   12.023  1.00 0.91  ? 3   GLU A CB   1 
ATOM 44   C CG   . GLU A 1 3   ? 0.203   9.845   11.173  1.00 1.68  ? 3   GLU A CG   1 
ATOM 45   C CD   . GLU A 1 3   ? -1.026  10.473  11.795  1.00 2.15  ? 3   GLU A CD   1 
ATOM 46   O OE1  . GLU A 1 3   ? -2.057  9.778   11.901  1.00 2.61  ? 3   GLU A OE1  1 
ATOM 47   O OE2  . GLU A 1 3   ? -0.957  11.658  12.177  1.00 2.42  ? 3   GLU A OE2  1 
ATOM 48   H H    . GLU A 1 3   ? 2.904   7.184   13.174  1.00 1.01  ? 3   GLU A H    1 
ATOM 49   H HA   . GLU A 1 3   ? 1.913   7.781   10.476  1.00 1.09  ? 3   GLU A HA   1 
ATOM 50   H HB2  . GLU A 1 3   ? 0.032   7.934   12.076  1.00 1.13  ? 3   GLU A HB2  1 
ATOM 51   H HB3  . GLU A 1 3   ? 0.944   9.105   13.018  1.00 1.27  ? 3   GLU A HB3  1 
ATOM 52   H HG2  . GLU A 1 3   ? 0.959   10.607  11.056  1.00 2.21  ? 3   GLU A HG2  1 
ATOM 53   H HG3  . GLU A 1 3   ? -0.062  9.449   10.204  1.00 2.00  ? 3   GLU A HG3  1 
ATOM 54   N N    . ILE A 1 4   ? 3.522   9.658   10.265  1.00 1.48  ? 4   ILE A N    1 
ATOM 55   C CA   . ILE A 1 4   ? 4.557   10.672  10.121  1.00 1.79  ? 4   ILE A CA   1 
ATOM 56   C C    . ILE A 1 4   ? 4.059   11.869  9.317   1.00 1.43  ? 4   ILE A C    1 
ATOM 57   O O    . ILE A 1 4   ? 3.650   11.730  8.164   1.00 1.55  ? 4   ILE A O    1 
ATOM 58   C CB   . ILE A 1 4   ? 5.819   10.086  9.457   1.00 2.52  ? 4   ILE A CB   1 
ATOM 59   C CG1  . ILE A 1 4   ? 6.346   8.915   10.294  1.00 2.99  ? 4   ILE A CG1  1 
ATOM 60   C CG2  . ILE A 1 4   ? 6.885   11.163  9.295   1.00 2.86  ? 4   ILE A CG2  1 
ATOM 61   C CD1  . ILE A 1 4   ? 7.580   8.248   9.722   1.00 3.67  ? 4   ILE A CD1  1 
ATOM 62   H H    . ILE A 1 4   ? 3.087   9.298   9.463   1.00 1.70  ? 4   ILE A H    1 
ATOM 63   H HA   . ILE A 1 4   ? 4.826   11.010  11.111  1.00 1.98  ? 4   ILE A HA   1 
ATOM 64   H HB   . ILE A 1 4   ? 5.550   9.728   8.475   1.00 2.60  ? 4   ILE A HB   1 
ATOM 65   H HG12 . ILE A 1 4   ? 6.593   9.271   11.281  1.00 3.06  ? 4   ILE A HG12 1 
ATOM 66   H HG13 . ILE A 1 4   ? 5.571   8.165   10.373  1.00 2.84  ? 4   ILE A HG13 1 
ATOM 67   H HG21 . ILE A 1 4   ? 7.072   11.632  10.250  1.00 3.27  ? 4   ILE A HG21 1 
ATOM 68   H HG22 . ILE A 1 4   ? 7.798   10.714  8.929   1.00 2.79  ? 4   ILE A HG22 1 
ATOM 69   H HG23 . ILE A 1 4   ? 6.543   11.905  8.590   1.00 3.25  ? 4   ILE A HG23 1 
ATOM 70   H HD11 . ILE A 1 4   ? 8.374   8.974   9.637   1.00 3.70  ? 4   ILE A HD11 1 
ATOM 71   H HD12 . ILE A 1 4   ? 7.893   7.449   10.378  1.00 3.80  ? 4   ILE A HD12 1 
ATOM 72   H HD13 . ILE A 1 4   ? 7.354   7.846   8.748   1.00 4.34  ? 4   ILE A HD13 1 
ATOM 73   N N    . HIS A 1 5   ? 4.103   13.044  9.939   1.00 1.28  ? 5   HIS A N    1 
ATOM 74   C CA   . HIS A 1 5   ? 3.656   14.275  9.293   1.00 1.14  ? 5   HIS A CA   1 
ATOM 75   C C    . HIS A 1 5   ? 4.768   14.881  8.448   1.00 1.21  ? 5   HIS A C    1 
ATOM 76   O O    . HIS A 1 5   ? 4.754   16.075  8.151   1.00 1.73  ? 5   HIS A O    1 
ATOM 77   C CB   . HIS A 1 5   ? 3.204   15.287  10.345  1.00 1.34  ? 5   HIS A CB   1 
ATOM 78   C CG   . HIS A 1 5   ? 2.236   14.729  11.336  1.00 1.43  ? 5   HIS A CG   1 
ATOM 79   N ND1  . HIS A 1 5   ? 2.548   14.536  12.664  1.00 2.12  ? 5   HIS A ND1  1 
ATOM 80   C CD2  . HIS A 1 5   ? 0.952   14.327  11.190  1.00 1.75  ? 5   HIS A CD2  1 
ATOM 81   C CE1  . HIS A 1 5   ? 1.498   14.039  13.292  1.00 2.51  ? 5   HIS A CE1  1 
ATOM 82   N NE2  . HIS A 1 5   ? 0.517   13.903  12.421  1.00 2.33  ? 5   HIS A NE2  1 
ATOM 83   H H    . HIS A 1 5   ? 4.443   13.085  10.857  1.00 1.50  ? 5   HIS A H    1 
ATOM 84   H HA   . HIS A 1 5   ? 2.821   14.032  8.654   1.00 1.13  ? 5   HIS A HA   1 
ATOM 85   H HB2  . HIS A 1 5   ? 4.066   15.642  10.887  1.00 1.66  ? 5   HIS A HB2  1 
ATOM 86   H HB3  . HIS A 1 5   ? 2.729   16.120  9.847   1.00 1.78  ? 5   HIS A HB3  1 
ATOM 87   H HD1  . HIS A 1 5   ? 3.411   14.733  13.084  1.00 2.57  ? 5   HIS A HD1  1 
ATOM 88   H HD2  . HIS A 1 5   ? 0.378   14.337  10.274  1.00 2.05  ? 5   HIS A HD2  1 
ATOM 89   H HE1  . HIS A 1 5   ? 1.453   13.785  14.341  1.00 3.18  ? 5   HIS A HE1  1 
ATOM 90   H HE2  . HIS A 1 5   ? -0.412  13.691  12.650  1.00 2.84  ? 5   HIS A HE2  1 
ATOM 91   N N    . GLY A 1 6   ? 5.730   14.055  8.062   1.00 1.33  ? 6   GLY A N    1 
ATOM 92   C CA   . GLY A 1 6   ? 6.836   14.533  7.258   1.00 1.54  ? 6   GLY A CA   1 
ATOM 93   C C    . GLY A 1 6   ? 6.607   14.327  5.776   1.00 1.36  ? 6   GLY A C    1 
ATOM 94   O O    . GLY A 1 6   ? 6.298   15.270  5.049   1.00 2.18  ? 6   GLY A O    1 
ATOM 95   H H    . GLY A 1 6   ? 5.688   13.113  8.325   1.00 1.70  ? 6   GLY A H    1 
ATOM 96   H HA2  . GLY A 1 6   ? 6.974   15.589  7.446   1.00 1.74  ? 6   GLY A HA2  1 
ATOM 97   H HA3  . GLY A 1 6   ? 7.733   14.006  7.549   1.00 1.91  ? 6   GLY A HA3  1 
ATOM 98   N N    . ASP A 1 7   ? 6.757   13.087  5.328   1.00 1.05  ? 7   ASP A N    1 
ATOM 99   C CA   . ASP A 1 7   ? 6.575   12.752  3.923   1.00 1.12  ? 7   ASP A CA   1 
ATOM 100  C C    . ASP A 1 7   ? 6.515   11.243  3.733   1.00 1.07  ? 7   ASP A C    1 
ATOM 101  O O    . ASP A 1 7   ? 5.827   10.744  2.845   1.00 1.94  ? 7   ASP A O    1 
ATOM 102  C CB   . ASP A 1 7   ? 7.716   13.340  3.091   1.00 1.63  ? 7   ASP A CB   1 
ATOM 103  C CG   . ASP A 1 7   ? 7.835   12.689  1.729   1.00 1.99  ? 7   ASP A CG   1 
ATOM 104  O OD1  . ASP A 1 7   ? 6.903   12.842  0.914   1.00 2.56  ? 7   ASP A OD1  1 
ATOM 105  O OD2  . ASP A 1 7   ? 8.860   12.022  1.480   1.00 2.35  ? 7   ASP A OD2  1 
ATOM 106  H H    . ASP A 1 7   ? 6.996   12.377  5.960   1.00 1.51  ? 7   ASP A H    1 
ATOM 107  H HA   . ASP A 1 7   ? 5.641   13.184  3.595   1.00 1.43  ? 7   ASP A HA   1 
ATOM 108  H HB2  . ASP A 1 7   ? 7.544   14.396  2.950   1.00 2.01  ? 7   ASP A HB2  1 
ATOM 109  H HB3  . ASP A 1 7   ? 8.647   13.198  3.620   1.00 2.18  ? 7   ASP A HB3  1 
ATOM 110  N N    . SER A 1 8   ? 7.242   10.523  4.577   1.00 0.64  ? 8   SER A N    1 
ATOM 111  C CA   . SER A 1 8   ? 7.278   9.071   4.507   1.00 0.58  ? 8   SER A CA   1 
ATOM 112  C C    . SER A 1 8   ? 6.837   8.457   5.830   1.00 0.63  ? 8   SER A C    1 
ATOM 113  O O    . SER A 1 8   ? 7.076   9.023   6.894   1.00 0.93  ? 8   SER A O    1 
ATOM 114  C CB   . SER A 1 8   ? 8.689   8.599   4.155   1.00 0.69  ? 8   SER A CB   1 
ATOM 115  O OG   . SER A 1 8   ? 8.767   7.186   4.140   1.00 1.14  ? 8   SER A OG   1 
ATOM 116  H H    . SER A 1 8   ? 7.768   10.983  5.264   1.00 1.15  ? 8   SER A H    1 
ATOM 117  H HA   . SER A 1 8   ? 6.598   8.758   3.732   1.00 0.67  ? 8   SER A HA   1 
ATOM 118  H HB2  . SER A 1 8   ? 8.956   8.972   3.176   1.00 1.45  ? 8   SER A HB2  1 
ATOM 119  H HB3  . SER A 1 8   ? 9.387   8.979   4.887   1.00 1.26  ? 8   SER A HB3  1 
ATOM 120  H HG   . SER A 1 8   ? 8.920   6.884   3.242   1.00 1.67  ? 8   SER A HG   1 
ATOM 121  N N    . THR A 1 9   ? 6.189   7.299   5.753   1.00 0.46  ? 9   THR A N    1 
ATOM 122  C CA   . THR A 1 9   ? 5.716   6.604   6.942   1.00 0.54  ? 9   THR A CA   1 
ATOM 123  C C    . THR A 1 9   ? 5.984   5.105   6.836   1.00 0.48  ? 9   THR A C    1 
ATOM 124  O O    . THR A 1 9   ? 5.392   4.413   6.007   1.00 0.60  ? 9   THR A O    1 
ATOM 125  C CB   . THR A 1 9   ? 4.212   6.848   7.181   1.00 0.65  ? 9   THR A CB   1 
ATOM 126  O OG1  . THR A 1 9   ? 3.730   5.977   8.209   1.00 1.64  ? 9   THR A OG1  1 
ATOM 127  C CG2  . THR A 1 9   ? 3.409   6.631   5.908   1.00 1.01  ? 9   THR A CG2  1 
ATOM 128  H H    . THR A 1 9   ? 6.027   6.902   4.873   1.00 0.43  ? 9   THR A H    1 
ATOM 129  H HA   . THR A 1 9   ? 6.260   6.992   7.789   1.00 0.65  ? 9   THR A HA   1 
ATOM 130  H HB   . THR A 1 9   ? 4.079   7.872   7.500   1.00 1.21  ? 9   THR A HB   1 
ATOM 131  H HG1  . THR A 1 9   ? 3.952   6.342   9.069   1.00 1.88  ? 9   THR A HG1  1 
ATOM 132  H HG21 . THR A 1 9   ? 3.785   7.278   5.130   1.00 1.56  ? 9   THR A HG21 1 
ATOM 133  H HG22 . THR A 1 9   ? 3.501   5.601   5.595   1.00 1.24  ? 9   THR A HG22 1 
ATOM 134  H HG23 . THR A 1 9   ? 2.370   6.857   6.094   1.00 1.74  ? 9   THR A HG23 1 
ATOM 135  N N    . LYS A 1 10  ? 6.889   4.613   7.676   1.00 0.43  ? 10  LYS A N    1 
ATOM 136  C CA   . LYS A 1 10  ? 7.250   3.199   7.675   1.00 0.40  ? 10  LYS A CA   1 
ATOM 137  C C    . LYS A 1 10  ? 6.669   2.485   8.888   1.00 0.41  ? 10  LYS A C    1 
ATOM 138  O O    . LYS A 1 10  ? 6.479   3.089   9.942   1.00 0.60  ? 10  LYS A O    1 
ATOM 139  C CB   . LYS A 1 10  ? 8.769   3.042   7.670   1.00 0.50  ? 10  LYS A CB   1 
ATOM 140  C CG   . LYS A 1 10  ? 9.467   3.902   6.630   1.00 0.92  ? 10  LYS A CG   1 
ATOM 141  C CD   . LYS A 1 10  ? 10.971  3.686   6.657   1.00 1.26  ? 10  LYS A CD   1 
ATOM 142  C CE   . LYS A 1 10  ? 11.690  4.658   5.735   1.00 2.03  ? 10  LYS A CE   1 
ATOM 143  N NZ   . LYS A 1 10  ? 11.237  4.525   4.325   1.00 2.12  ? 10  LYS A NZ   1 
ATOM 144  H H    . LYS A 1 10  ? 7.327   5.216   8.314   1.00 0.50  ? 10  LYS A H    1 
ATOM 145  H HA   . LYS A 1 10  ? 6.846   2.754   6.779   1.00 0.40  ? 10  LYS A HA   1 
ATOM 146  H HB2  . LYS A 1 10  ? 9.150   3.314   8.643   1.00 0.88  ? 10  LYS A HB2  1 
ATOM 147  H HB3  . LYS A 1 10  ? 9.012   2.008   7.473   1.00 0.78  ? 10  LYS A HB3  1 
ATOM 148  H HG2  . LYS A 1 10  ? 9.092   3.642   5.652   1.00 1.58  ? 10  LYS A HG2  1 
ATOM 149  H HG3  . LYS A 1 10  ? 9.256   4.940   6.835   1.00 1.47  ? 10  LYS A HG3  1 
ATOM 150  H HD2  . LYS A 1 10  ? 11.328  3.832   7.665   1.00 1.52  ? 10  LYS A HD2  1 
ATOM 151  H HD3  . LYS A 1 10  ? 11.187  2.678   6.339   1.00 1.82  ? 10  LYS A HD3  1 
ATOM 152  H HE2  . LYS A 1 10  ? 11.495  5.665   6.073   1.00 2.46  ? 10  LYS A HE2  1 
ATOM 153  H HE3  . LYS A 1 10  ? 12.750  4.463   5.784   1.00 2.62  ? 10  LYS A HE3  1 
ATOM 154  H HZ1  . LYS A 1 10  ? 11.403  3.555   3.987   1.00 2.42  ? 10  LYS A HZ1  1 
ATOM 155  H HZ2  . LYS A 1 10  ? 10.221  4.736   4.253   1.00 2.32  ? 10  LYS A HZ2  1 
ATOM 156  H HZ3  . LYS A 1 10  ? 11.761  5.185   3.717   1.00 2.46  ? 10  LYS A HZ3  1 
ATOM 157  N N    . ALA A 1 11  ? 6.397   1.193   8.734   1.00 0.36  ? 11  ALA A N    1 
ATOM 158  C CA   . ALA A 1 11  ? 5.842   0.399   9.822   1.00 0.40  ? 11  ALA A CA   1 
ATOM 159  C C    . ALA A 1 11  ? 5.889   -1.090  9.505   1.00 0.36  ? 11  ALA A C    1 
ATOM 160  O O    . ALA A 1 11  ? 5.325   -1.538  8.506   1.00 0.36  ? 11  ALA A O    1 
ATOM 161  C CB   . ALA A 1 11  ? 4.411   0.828   10.109  1.00 0.52  ? 11  ALA A CB   1 
ATOM 162  H H    . ALA A 1 11  ? 6.573   0.766   7.870   1.00 0.40  ? 11  ALA A H    1 
ATOM 163  H HA   . ALA A 1 11  ? 6.432   0.587   10.707  1.00 0.44  ? 11  ALA A HA   1 
ATOM 164  H HB1  . ALA A 1 11  ? 3.801   0.650   9.236   1.00 0.95  ? 11  ALA A HB1  1 
ATOM 165  H HB2  . ALA A 1 11  ? 4.025   0.258   10.941  1.00 1.13  ? 11  ALA A HB2  1 
ATOM 166  H HB3  . ALA A 1 11  ? 4.393   1.880   10.353  1.00 1.34  ? 11  ALA A HB3  1 
ATOM 167  N N    . THR A 1 12  ? 6.568   -1.850  10.358  1.00 0.41  ? 12  THR A N    1 
ATOM 168  C CA   . THR A 1 12  ? 6.670   -3.290  10.175  1.00 0.43  ? 12  THR A CA   1 
ATOM 169  C C    . THR A 1 12  ? 5.290   -3.924  10.272  1.00 0.44  ? 12  THR A C    1 
ATOM 170  O O    . THR A 1 12  ? 4.473   -3.522  11.101  1.00 0.64  ? 12  THR A O    1 
ATOM 171  C CB   . THR A 1 12  ? 7.605   -3.930  11.220  1.00 0.53  ? 12  THR A CB   1 
ATOM 172  O OG1  . THR A 1 12  ? 8.910   -3.347  11.131  1.00 1.53  ? 12  THR A OG1  1 
ATOM 173  C CG2  . THR A 1 12  ? 7.707   -5.434  11.015  1.00 1.38  ? 12  THR A CG2  1 
ATOM 174  H H    . THR A 1 12  ? 7.010   -1.432  11.126  1.00 0.49  ? 12  THR A H    1 
ATOM 175  H HA   . THR A 1 12  ? 7.073   -3.479  9.193   1.00 0.41  ? 12  THR A HA   1 
ATOM 176  H HB   . THR A 1 12  ? 7.203   -3.741  12.204  1.00 0.75  ? 12  THR A HB   1 
ATOM 177  H HG1  . THR A 1 12  ? 9.468   -3.891  10.569  1.00 1.93  ? 12  THR A HG1  1 
ATOM 178  H HG21 . THR A 1 12  ? 6.721   -5.871  11.061  1.00 2.05  ? 12  THR A HG21 1 
ATOM 179  H HG22 . THR A 1 12  ? 8.146   -5.637  10.049  1.00 1.68  ? 12  THR A HG22 1 
ATOM 180  H HG23 . THR A 1 12  ? 8.326   -5.862  11.789  1.00 1.82  ? 12  THR A HG23 1 
ATOM 181  N N    . LEU A 1 13  ? 5.029   -4.909  9.422   1.00 0.39  ? 13  LEU A N    1 
ATOM 182  C CA   . LEU A 1 13  ? 3.735   -5.574  9.414   1.00 0.45  ? 13  LEU A CA   1 
ATOM 183  C C    . LEU A 1 13  ? 3.853   -7.011  9.903   1.00 0.44  ? 13  LEU A C    1 
ATOM 184  O O    . LEU A 1 13  ? 4.894   -7.649  9.747   1.00 0.51  ? 13  LEU A O    1 
ATOM 185  C CB   . LEU A 1 13  ? 3.124   -5.530  8.008   1.00 0.60  ? 13  LEU A CB   1 
ATOM 186  C CG   . LEU A 1 13  ? 3.505   -6.684  7.076   1.00 0.79  ? 13  LEU A CG   1 
ATOM 187  C CD1  . LEU A 1 13  ? 2.435   -7.765  7.103   1.00 1.39  ? 13  LEU A CD1  1 
ATOM 188  C CD2  . LEU A 1 13  ? 3.710   -6.175  5.659   1.00 1.65  ? 13  LEU A CD2  1 
ATOM 189  H H    . LEU A 1 13  ? 5.721   -5.197  8.794   1.00 0.42  ? 13  LEU A H    1 
ATOM 190  H HA   . LEU A 1 13  ? 3.091   -5.034  10.089  1.00 0.54  ? 13  LEU A HA   1 
ATOM 191  H HB2  . LEU A 1 13  ? 2.050   -5.525  8.108   1.00 0.64  ? 13  LEU A HB2  1 
ATOM 192  H HB3  . LEU A 1 13  ? 3.426   -4.607  7.537   1.00 0.89  ? 13  LEU A HB3  1 
ATOM 193  H HG   . LEU A 1 13  ? 4.432   -7.122  7.415   1.00 1.28  ? 13  LEU A HG   1 
ATOM 194  H HD11 . LEU A 1 13  ? 2.290   -8.102  8.119   1.00 2.10  ? 13  LEU A HD11 1 
ATOM 195  H HD12 . LEU A 1 13  ? 1.507   -7.363  6.723   1.00 1.71  ? 13  LEU A HD12 1 
ATOM 196  H HD13 . LEU A 1 13  ? 2.746   -8.595  6.489   1.00 1.89  ? 13  LEU A HD13 1 
ATOM 197  H HD21 . LEU A 1 13  ? 2.811   -5.681  5.320   1.00 2.22  ? 13  LEU A HD21 1 
ATOM 198  H HD22 . LEU A 1 13  ? 4.532   -5.474  5.644   1.00 1.87  ? 13  LEU A HD22 1 
ATOM 199  H HD23 . LEU A 1 13  ? 3.932   -7.005  5.007   1.00 2.13  ? 13  LEU A HD23 1 
ATOM 200  N N    . GLU A 1 14  ? 2.777   -7.507  10.504  1.00 0.49  ? 14  GLU A N    1 
ATOM 201  C CA   . GLU A 1 14  ? 2.741   -8.871  11.010  1.00 0.55  ? 14  GLU A CA   1 
ATOM 202  C C    . GLU A 1 14  ? 1.550   -9.616  10.413  1.00 0.62  ? 14  GLU A C    1 
ATOM 203  O O    . GLU A 1 14  ? 0.528   -9.006  10.105  1.00 1.01  ? 14  GLU A O    1 
ATOM 204  C CB   . GLU A 1 14  ? 2.664   -8.874  12.539  1.00 0.73  ? 14  GLU A CB   1 
ATOM 205  C CG   . GLU A 1 14  ? 3.031   -10.210 13.161  1.00 1.30  ? 14  GLU A CG   1 
ATOM 206  C CD   . GLU A 1 14  ? 3.307   -10.104 14.649  1.00 1.56  ? 14  GLU A CD   1 
ATOM 207  O OE1  . GLU A 1 14  ? 4.472   -9.849  15.019  1.00 1.88  ? 14  GLU A OE1  1 
ATOM 208  O OE2  . GLU A 1 14  ? 2.360   -10.280 15.442  1.00 1.93  ? 14  GLU A OE2  1 
ATOM 209  H H    . GLU A 1 14  ? 1.987   -6.938  10.610  1.00 0.55  ? 14  GLU A H    1 
ATOM 210  H HA   . GLU A 1 14  ? 3.651   -9.365  10.701  1.00 0.56  ? 14  GLU A HA   1 
ATOM 211  H HB2  . GLU A 1 14  ? 3.340   -8.124  12.922  1.00 1.19  ? 14  GLU A HB2  1 
ATOM 212  H HB3  . GLU A 1 14  ? 1.658   -8.625  12.839  1.00 1.33  ? 14  GLU A HB3  1 
ATOM 213  H HG2  . GLU A 1 14  ? 2.213   -10.899 13.011  1.00 1.96  ? 14  GLU A HG2  1 
ATOM 214  H HG3  . GLU A 1 14  ? 3.915   -10.590 12.673  1.00 1.95  ? 14  GLU A HG3  1 
ATOM 215  N N    . GLU A 1 15  ? 1.697   -10.931 10.251  1.00 0.51  ? 15  GLU A N    1 
ATOM 216  C CA   . GLU A 1 15  ? 0.642   -11.768 9.674   1.00 0.63  ? 15  GLU A CA   1 
ATOM 217  C C    . GLU A 1 15  ? -0.748  -11.347 10.138  1.00 0.59  ? 15  GLU A C    1 
ATOM 218  O O    . GLU A 1 15  ? -0.952  -11.018 11.305  1.00 0.81  ? 15  GLU A O    1 
ATOM 219  C CB   . GLU A 1 15  ? 0.874   -13.234 10.031  1.00 0.89  ? 15  GLU A CB   1 
ATOM 220  C CG   . GLU A 1 15  ? 1.856   -13.933 9.110   1.00 1.05  ? 15  GLU A CG   1 
ATOM 221  C CD   . GLU A 1 15  ? 1.403   -15.331 8.744   1.00 1.04  ? 15  GLU A CD   1 
ATOM 222  O OE1  . GLU A 1 15  ? 0.238   -15.485 8.322   1.00 1.59  ? 15  GLU A OE1  1 
ATOM 223  O OE2  . GLU A 1 15  ? 2.212   -16.271 8.882   1.00 1.33  ? 15  GLU A OE2  1 
ATOM 224  H H    . GLU A 1 15  ? 2.537   -11.352 10.526  1.00 0.68  ? 15  GLU A H    1 
ATOM 225  H HA   . GLU A 1 15  ? 0.691   -11.663 8.601   1.00 0.75  ? 15  GLU A HA   1 
ATOM 226  H HB2  . GLU A 1 15  ? 1.257   -13.291 11.040  1.00 1.44  ? 15  GLU A HB2  1 
ATOM 227  H HB3  . GLU A 1 15  ? -0.068  -13.759 9.982   1.00 1.35  ? 15  GLU A HB3  1 
ATOM 228  H HG2  . GLU A 1 15  ? 1.957   -13.354 8.205   1.00 1.67  ? 15  GLU A HG2  1 
ATOM 229  H HG3  . GLU A 1 15  ? 2.813   -13.998 9.606   1.00 1.85  ? 15  GLU A HG3  1 
ATOM 230  N N    . GLY A 1 16  ? -1.704  -11.370 9.210   1.00 0.64  ? 16  GLY A N    1 
ATOM 231  C CA   . GLY A 1 16  ? -3.066  -10.985 9.532   1.00 0.70  ? 16  GLY A CA   1 
ATOM 232  C C    . GLY A 1 16  ? -3.174  -9.517  9.882   1.00 0.63  ? 16  GLY A C    1 
ATOM 233  O O    . GLY A 1 16  ? -3.727  -9.157  10.921  1.00 0.70  ? 16  GLY A O    1 
ATOM 234  H H    . GLY A 1 16  ? -1.480  -11.651 8.298   1.00 0.81  ? 16  GLY A H    1 
ATOM 235  H HA2  . GLY A 1 16  ? -3.699  -11.190 8.682   1.00 0.86  ? 16  GLY A HA2  1 
ATOM 236  H HA3  . GLY A 1 16  ? -3.407  -11.572 10.372  1.00 0.73  ? 16  GLY A HA3  1 
ATOM 237  N N    . GLN A 1 17  ? -2.648  -8.668  9.009   1.00 0.56  ? 17  GLN A N    1 
ATOM 238  C CA   . GLN A 1 17  ? -2.671  -7.231  9.236   1.00 0.54  ? 17  GLN A CA   1 
ATOM 239  C C    . GLN A 1 17  ? -3.582  -6.515  8.250   1.00 0.41  ? 17  GLN A C    1 
ATOM 240  O O    . GLN A 1 17  ? -4.215  -7.140  7.399   1.00 0.50  ? 17  GLN A O    1 
ATOM 241  C CB   . GLN A 1 17  ? -1.262  -6.663  9.127   1.00 0.71  ? 17  GLN A CB   1 
ATOM 242  C CG   . GLN A 1 17  ? -0.776  -6.011  10.406  1.00 0.84  ? 17  GLN A CG   1 
ATOM 243  C CD   . GLN A 1 17  ? 0.378   -5.066  10.168  1.00 1.98  ? 17  GLN A CD   1 
ATOM 244  O OE1  . GLN A 1 17  ? 1.234   -4.891  11.030  1.00 2.62  ? 17  GLN A OE1  1 
ATOM 245  N NE2  . GLN A 1 17  ? 0.403   -4.442  8.997   1.00 2.87  ? 17  GLN A NE2  1 
ATOM 246  H H    . GLN A 1 17  ? -2.234  -9.017  8.192   1.00 0.61  ? 17  GLN A H    1 
ATOM 247  H HA   . GLN A 1 17  ? -3.039  -7.060  10.235  1.00 0.61  ? 17  GLN A HA   1 
ATOM 248  H HB2  . GLN A 1 17  ? -0.581  -7.462  8.875   1.00 1.36  ? 17  GLN A HB2  1 
ATOM 249  H HB3  . GLN A 1 17  ? -1.243  -5.925  8.342   1.00 1.37  ? 17  GLN A HB3  1 
ATOM 250  H HG2  . GLN A 1 17  ? -1.592  -5.455  10.843  1.00 1.22  ? 17  GLN A HG2  1 
ATOM 251  H HG3  . GLN A 1 17  ? -0.458  -6.782  11.091  1.00 1.23  ? 17  GLN A HG3  1 
ATOM 252  H HE21 . GLN A 1 17  ? -0.318  -4.625  8.358   1.00 2.99  ? 17  GLN A HE21 1 
ATOM 253  H HE22 . GLN A 1 17  ? 1.142   -3.824  8.817   1.00 3.65  ? 17  GLN A HE22 1 
ATOM 254  N N    . GLN A 1 18  ? -3.632  -5.195  8.374   1.00 0.38  ? 18  GLN A N    1 
ATOM 255  C CA   . GLN A 1 18  ? -4.456  -4.365  7.508   1.00 0.37  ? 18  GLN A CA   1 
ATOM 256  C C    . GLN A 1 18  ? -3.849  -2.970  7.390   1.00 0.44  ? 18  GLN A C    1 
ATOM 257  O O    . GLN A 1 18  ? -3.707  -2.260  8.384   1.00 0.60  ? 18  GLN A O    1 
ATOM 258  C CB   . GLN A 1 18  ? -5.876  -4.288  8.069   1.00 0.46  ? 18  GLN A CB   1 
ATOM 259  C CG   . GLN A 1 18  ? -6.911  -3.818  7.064   1.00 0.49  ? 18  GLN A CG   1 
ATOM 260  C CD   . GLN A 1 18  ? -8.328  -4.053  7.546   1.00 0.90  ? 18  GLN A CD   1 
ATOM 261  O OE1  . GLN A 1 18  ? -8.594  -4.997  8.289   1.00 1.70  ? 18  GLN A OE1  1 
ATOM 262  N NE2  . GLN A 1 18  ? -9.247  -3.195  7.124   1.00 1.35  ? 18  GLN A NE2  1 
ATOM 263  H H    . GLN A 1 18  ? -3.097  -4.763  9.074   1.00 0.53  ? 18  GLN A H    1 
ATOM 264  H HA   . GLN A 1 18  ? -4.483  -4.823  6.531   1.00 0.37  ? 18  GLN A HA   1 
ATOM 265  H HB2  . GLN A 1 18  ? -6.165  -5.268  8.418   1.00 0.82  ? 18  GLN A HB2  1 
ATOM 266  H HB3  . GLN A 1 18  ? -5.881  -3.604  8.905   1.00 0.81  ? 18  GLN A HB3  1 
ATOM 267  H HG2  . GLN A 1 18  ? -6.775  -2.760  6.893   1.00 0.51  ? 18  GLN A HG2  1 
ATOM 268  H HG3  . GLN A 1 18  ? -6.765  -4.354  6.138   1.00 0.75  ? 18  GLN A HG3  1 
ATOM 269  H HE21 . GLN A 1 18  ? -8.963  -2.466  6.532   1.00 1.93  ? 18  GLN A HE21 1 
ATOM 270  H HE22 . GLN A 1 18  ? -10.172 -3.323  7.421   1.00 1.54  ? 18  GLN A HE22 1 
ATOM 271  N N    . LEU A 1 19  ? -3.492  -2.583  6.169   1.00 0.38  ? 19  LEU A N    1 
ATOM 272  C CA   . LEU A 1 19  ? -2.880  -1.281  5.928   1.00 0.43  ? 19  LEU A CA   1 
ATOM 273  C C    . LEU A 1 19  ? -3.865  -0.296  5.305   1.00 0.37  ? 19  LEU A C    1 
ATOM 274  O O    . LEU A 1 19  ? -4.111  -0.330  4.100   1.00 0.43  ? 19  LEU A O    1 
ATOM 275  C CB   . LEU A 1 19  ? -1.662  -1.431  5.015   1.00 0.52  ? 19  LEU A CB   1 
ATOM 276  C CG   . LEU A 1 19  ? -0.577  -2.383  5.524   1.00 0.68  ? 19  LEU A CG   1 
ATOM 277  C CD1  . LEU A 1 19  ? 0.460   -2.636  4.441   1.00 0.78  ? 19  LEU A CD1  1 
ATOM 278  C CD2  . LEU A 1 19  ? 0.084   -1.820  6.774   1.00 0.87  ? 19  LEU A CD2  1 
ATOM 279  H H    . LEU A 1 19  ? -3.643  -3.186  5.413   1.00 0.35  ? 19  LEU A H    1 
ATOM 280  H HA   . LEU A 1 19  ? -2.554  -0.889  6.879   1.00 0.51  ? 19  LEU A HA   1 
ATOM 281  H HB2  . LEU A 1 19  ? -2.002  -1.789  4.053   1.00 0.49  ? 19  LEU A HB2  1 
ATOM 282  H HB3  . LEU A 1 19  ? -1.217  -0.457  4.878   1.00 0.58  ? 19  LEU A HB3  1 
ATOM 283  H HG   . LEU A 1 19  ? -1.030  -3.329  5.780   1.00 0.69  ? 19  LEU A HG   1 
ATOM 284  H HD11 . LEU A 1 19  ? 0.906   -1.697  4.143   1.00 1.16  ? 19  LEU A HD11 1 
ATOM 285  H HD12 . LEU A 1 19  ? 1.227   -3.293  4.823   1.00 1.13  ? 19  LEU A HD12 1 
ATOM 286  H HD13 . LEU A 1 19  ? -0.015  -3.094  3.587   1.00 1.24  ? 19  LEU A HD13 1 
ATOM 287  H HD21 . LEU A 1 19  ? -0.665  -1.667  7.538   1.00 1.35  ? 19  LEU A HD21 1 
ATOM 288  H HD22 . LEU A 1 19  ? 0.827   -2.515  7.132   1.00 1.46  ? 19  LEU A HD22 1 
ATOM 289  H HD23 . LEU A 1 19  ? 0.556   -0.878  6.538   1.00 1.04  ? 19  LEU A HD23 1 
ATOM 290  N N    . THR A 1 20  ? -4.426  0.579   6.135   1.00 0.36  ? 20  THR A N    1 
ATOM 291  C CA   . THR A 1 20  ? -5.367  1.586   5.660   1.00 0.33  ? 20  THR A CA   1 
ATOM 292  C C    . THR A 1 20  ? -4.677  2.941   5.551   1.00 0.31  ? 20  THR A C    1 
ATOM 293  O O    . THR A 1 20  ? -4.582  3.683   6.529   1.00 0.35  ? 20  THR A O    1 
ATOM 294  C CB   . THR A 1 20  ? -6.590  1.708   6.591   1.00 0.40  ? 20  THR A CB   1 
ATOM 295  O OG1  . THR A 1 20  ? -7.178  0.419   6.797   1.00 0.45  ? 20  THR A OG1  1 
ATOM 296  C CG2  . THR A 1 20  ? -7.627  2.652   6.001   1.00 0.44  ? 20  THR A CG2  1 
ATOM 297  H H    . THR A 1 20  ? -4.204  0.545   7.088   1.00 0.42  ? 20  THR A H    1 
ATOM 298  H HA   . THR A 1 20  ? -5.712  1.287   4.680   1.00 0.33  ? 20  THR A HA   1 
ATOM 299  H HB   . THR A 1 20  ? -6.265  2.104   7.541   1.00 0.44  ? 20  THR A HB   1 
ATOM 300  H HG1  . THR A 1 20  ? -7.286  0.263   7.738   1.00 0.75  ? 20  THR A HG1  1 
ATOM 301  H HG21 . THR A 1 20  ? -7.951  2.276   5.041   1.00 1.16  ? 20  THR A HG21 1 
ATOM 302  H HG22 . THR A 1 20  ? -8.474  2.717   6.667   1.00 1.04  ? 20  THR A HG22 1 
ATOM 303  H HG23 . THR A 1 20  ? -7.191  3.632   5.874   1.00 0.99  ? 20  THR A HG23 1 
ATOM 304  N N    . LEU A 1 21  ? -4.189  3.251   4.355   1.00 0.28  ? 21  LEU A N    1 
ATOM 305  C CA   . LEU A 1 21  ? -3.485  4.505   4.113   1.00 0.28  ? 21  LEU A CA   1 
ATOM 306  C C    . LEU A 1 21  ? -4.342  5.490   3.321   1.00 0.28  ? 21  LEU A C    1 
ATOM 307  O O    . LEU A 1 21  ? -4.589  5.297   2.131   1.00 0.31  ? 21  LEU A O    1 
ATOM 308  C CB   . LEU A 1 21  ? -2.182  4.231   3.357   1.00 0.31  ? 21  LEU A CB   1 
ATOM 309  C CG   . LEU A 1 21  ? -1.354  5.470   3.004   1.00 0.35  ? 21  LEU A CG   1 
ATOM 310  C CD1  . LEU A 1 21  ? -0.772  6.101   4.259   1.00 0.39  ? 21  LEU A CD1  1 
ATOM 311  C CD2  . LEU A 1 21  ? -0.248  5.105   2.026   1.00 0.42  ? 21  LEU A CD2  1 
ATOM 312  H H    . LEU A 1 21  ? -4.303  2.618   3.617   1.00 0.30  ? 21  LEU A H    1 
ATOM 313  H HA   . LEU A 1 21  ? -3.249  4.942   5.070   1.00 0.31  ? 21  LEU A HA   1 
ATOM 314  H HB2  . LEU A 1 21  ? -1.572  3.578   3.962   1.00 0.35  ? 21  LEU A HB2  1 
ATOM 315  H HB3  . LEU A 1 21  ? -2.426  3.717   2.439   1.00 0.33  ? 21  LEU A HB3  1 
ATOM 316  H HG   . LEU A 1 21  ? -1.993  6.199   2.530   1.00 0.36  ? 21  LEU A HG   1 
ATOM 317  H HD11 . LEU A 1 21  ? -0.145  5.383   4.766   1.00 1.15  ? 21  LEU A HD11 1 
ATOM 318  H HD12 . LEU A 1 21  ? -0.184  6.965   3.988   1.00 1.04  ? 21  LEU A HD12 1 
ATOM 319  H HD13 . LEU A 1 21  ? -1.575  6.405   4.914   1.00 1.02  ? 21  LEU A HD13 1 
ATOM 320  H HD21 . LEU A 1 21  ? -0.671  4.573   1.187   1.00 1.09  ? 21  LEU A HD21 1 
ATOM 321  H HD22 . LEU A 1 21  ? 0.234   6.004   1.675   1.00 1.15  ? 21  LEU A HD22 1 
ATOM 322  H HD23 . LEU A 1 21  ? 0.478   4.476   2.521   1.00 0.98  ? 21  LEU A HD23 1 
ATOM 323  N N    . THR A 1 22  ? -4.793  6.545   3.992   1.00 0.34  ? 22  THR A N    1 
ATOM 324  C CA   . THR A 1 22  ? -5.601  7.574   3.351   1.00 0.40  ? 22  THR A CA   1 
ATOM 325  C C    . THR A 1 22  ? -4.736  8.789   3.035   1.00 0.39  ? 22  THR A C    1 
ATOM 326  O O    . THR A 1 22  ? -4.445  9.598   3.917   1.00 0.43  ? 22  THR A O    1 
ATOM 327  C CB   . THR A 1 22  ? -6.783  8.007   4.239   1.00 0.53  ? 22  THR A CB   1 
ATOM 328  O OG1  . THR A 1 22  ? -7.561  6.862   4.610   1.00 0.58  ? 22  THR A OG1  1 
ATOM 329  C CG2  . THR A 1 22  ? -7.667  9.011   3.516   1.00 0.61  ? 22  THR A CG2  1 
ATOM 330  H H    . THR A 1 22  ? -4.576  6.633   4.944   1.00 0.39  ? 22  THR A H    1 
ATOM 331  H HA   . THR A 1 22  ? -5.993  7.169   2.428   1.00 0.41  ? 22  THR A HA   1 
ATOM 332  H HB   . THR A 1 22  ? -6.392  8.471   5.134   1.00 0.57  ? 22  THR A HB   1 
ATOM 333  H HG1  . THR A 1 22  ? -8.107  6.591   3.867   1.00 0.91  ? 22  THR A HG1  1 
ATOM 334  H HG21 . THR A 1 22  ? -8.049  8.568   2.608   1.00 0.91  ? 22  THR A HG21 1 
ATOM 335  H HG22 . THR A 1 22  ? -8.492  9.292   4.155   1.00 1.22  ? 22  THR A HG22 1 
ATOM 336  H HG23 . THR A 1 22  ? -7.088  9.889   3.271   1.00 1.30  ? 22  THR A HG23 1 
ATOM 337  N N    . PHE A 1 23  ? -4.323  8.909   1.778   1.00 0.40  ? 23  PHE A N    1 
ATOM 338  C CA   . PHE A 1 23  ? -3.465  10.013  1.360   1.00 0.41  ? 23  PHE A CA   1 
ATOM 339  C C    . PHE A 1 23  ? -4.086  10.820  0.225   1.00 0.38  ? 23  PHE A C    1 
ATOM 340  O O    . PHE A 1 23  ? -4.940  10.328  -0.512  1.00 0.52  ? 23  PHE A O    1 
ATOM 341  C CB   . PHE A 1 23  ? -2.103  9.471   0.917   1.00 0.46  ? 23  PHE A CB   1 
ATOM 342  C CG   . PHE A 1 23  ? -2.185  8.536   -0.259  1.00 0.44  ? 23  PHE A CG   1 
ATOM 343  C CD1  . PHE A 1 23  ? -2.458  7.191   -0.074  1.00 0.42  ? 23  PHE A CD1  1 
ATOM 344  C CD2  . PHE A 1 23  ? -1.994  9.006   -1.549  1.00 0.51  ? 23  PHE A CD2  1 
ATOM 345  C CE1  . PHE A 1 23  ? -2.539  6.330   -1.153  1.00 0.47  ? 23  PHE A CE1  1 
ATOM 346  C CE2  . PHE A 1 23  ? -2.074  8.151   -2.633  1.00 0.54  ? 23  PHE A CE2  1 
ATOM 347  C CZ   . PHE A 1 23  ? -2.347  6.811   -2.434  1.00 0.51  ? 23  PHE A CZ   1 
ATOM 348  H H    . PHE A 1 23  ? -4.602  8.243   1.115   1.00 0.42  ? 23  PHE A H    1 
ATOM 349  H HA   . PHE A 1 23  ? -3.322  10.662  2.211   1.00 0.44  ? 23  PHE A HA   1 
ATOM 350  H HB2  . PHE A 1 23  ? -1.466  10.298  0.642   1.00 0.54  ? 23  PHE A HB2  1 
ATOM 351  H HB3  . PHE A 1 23  ? -1.653  8.934   1.739   1.00 0.47  ? 23  PHE A HB3  1 
ATOM 352  H HD1  . PHE A 1 23  ? -2.609  6.813   0.926   1.00 0.43  ? 23  PHE A HD1  1 
ATOM 353  H HD2  . PHE A 1 23  ? -1.780  10.053  -1.707  1.00 0.57  ? 23  PHE A HD2  1 
ATOM 354  H HE1  . PHE A 1 23  ? -2.753  5.284   -0.995  1.00 0.50  ? 23  PHE A HE1  1 
ATOM 355  H HE2  . PHE A 1 23  ? -1.924  8.529   -3.632  1.00 0.61  ? 23  PHE A HE2  1 
ATOM 356  H HZ   . PHE A 1 23  ? -2.410  6.141   -3.278  1.00 0.57  ? 23  PHE A HZ   1 
ATOM 357  N N    . ILE A 1 24  ? -3.639  12.066  0.094   1.00 0.25  ? 24  ILE A N    1 
ATOM 358  C CA   . ILE A 1 24  ? -4.119  12.954  -0.957  1.00 0.24  ? 24  ILE A CA   1 
ATOM 359  C C    . ILE A 1 24  ? -2.968  13.327  -1.886  1.00 0.22  ? 24  ILE A C    1 
ATOM 360  O O    . ILE A 1 24  ? -2.382  14.405  -1.770  1.00 0.25  ? 24  ILE A O    1 
ATOM 361  C CB   . ILE A 1 24  ? -4.747  14.239  -0.375  1.00 0.31  ? 24  ILE A CB   1 
ATOM 362  C CG1  . ILE A 1 24  ? -5.874  13.882  0.597   1.00 1.01  ? 24  ILE A CG1  1 
ATOM 363  C CG2  . ILE A 1 24  ? -5.267  15.133  -1.494  1.00 1.02  ? 24  ILE A CG2  1 
ATOM 364  C CD1  . ILE A 1 24  ? -6.452  15.078  1.324   1.00 1.84  ? 24  ILE A CD1  1 
ATOM 365  H H    . ILE A 1 24  ? -2.964  12.397  0.723   1.00 0.30  ? 24  ILE A H    1 
ATOM 366  H HA   . ILE A 1 24  ? -4.873  12.428  -1.524  1.00 0.26  ? 24  ILE A HA   1 
ATOM 367  H HB   . ILE A 1 24  ? -3.980  14.779  0.157   1.00 1.01  ? 24  ILE A HB   1 
ATOM 368  H HG12 . ILE A 1 24  ? -6.677  13.408  0.051   1.00 1.47  ? 24  ILE A HG12 1 
ATOM 369  H HG13 . ILE A 1 24  ? -5.495  13.194  1.340   1.00 1.53  ? 24  ILE A HG13 1 
ATOM 370  H HG21 . ILE A 1 24  ? -4.454  15.396  -2.153  1.00 1.83  ? 24  ILE A HG21 1 
ATOM 371  H HG22 . ILE A 1 24  ? -6.028  14.607  -2.051  1.00 1.53  ? 24  ILE A HG22 1 
ATOM 372  H HG23 . ILE A 1 24  ? -5.690  16.032  -1.069  1.00 1.22  ? 24  ILE A HG23 1 
ATOM 373  H HD11 . ILE A 1 24  ? -5.671  15.572  1.882   1.00 2.31  ? 24  ILE A HD11 1 
ATOM 374  H HD12 . ILE A 1 24  ? -6.871  15.768  0.605   1.00 2.12  ? 24  ILE A HD12 1 
ATOM 375  H HD13 . ILE A 1 24  ? -7.227  14.748  2.001   1.00 2.44  ? 24  ILE A HD13 1 
ATOM 376  N N    . SER A 1 25  ? -2.635  12.416  -2.793  1.00 0.23  ? 25  SER A N    1 
ATOM 377  C CA   . SER A 1 25  ? -1.546  12.639  -3.736  1.00 0.27  ? 25  SER A CA   1 
ATOM 378  C C    . SER A 1 25  ? -1.732  11.794  -4.992  1.00 0.33  ? 25  SER A C    1 
ATOM 379  O O    . SER A 1 25  ? -2.601  10.922  -5.043  1.00 0.40  ? 25  SER A O    1 
ATOM 380  C CB   . SER A 1 25  ? -0.206  12.305  -3.075  1.00 0.32  ? 25  SER A CB   1 
ATOM 381  O OG   . SER A 1 25  ? 0.877   12.553  -3.955  1.00 1.03  ? 25  SER A OG   1 
ATOM 382  H H    . SER A 1 25  ? -3.135  11.574  -2.832  1.00 0.24  ? 25  SER A H    1 
ATOM 383  H HA   . SER A 1 25  ? -1.553  13.682  -4.012  1.00 0.31  ? 25  SER A HA   1 
ATOM 384  H HB2  . SER A 1 25  ? -0.081  12.915  -2.193  1.00 0.85  ? 25  SER A HB2  1 
ATOM 385  H HB3  . SER A 1 25  ? -0.195  11.262  -2.795  1.00 0.47  ? 25  SER A HB3  1 
ATOM 386  H HG   . SER A 1 25  ? 0.597   13.160  -4.644  1.00 1.38  ? 25  SER A HG   1 
ATOM 387  N N    . THR A 1 26  ? -0.911  12.061  -6.002  1.00 0.42  ? 26  THR A N    1 
ATOM 388  C CA   . THR A 1 26  ? -0.982  11.328  -7.260  1.00 0.52  ? 26  THR A CA   1 
ATOM 389  C C    . THR A 1 26  ? 0.238   10.431  -7.443  1.00 0.44  ? 26  THR A C    1 
ATOM 390  O O    . THR A 1 26  ? 0.493   9.925   -8.535  1.00 0.46  ? 26  THR A O    1 
ATOM 391  C CB   . THR A 1 26  ? -1.098  12.285  -8.459  1.00 0.68  ? 26  THR A CB   1 
ATOM 392  O OG1  . THR A 1 26  ? -0.188  13.378  -8.301  1.00 0.81  ? 26  THR A OG1  1 
ATOM 393  C CG2  . THR A 1 26  ? -2.517  12.814  -8.592  1.00 1.42  ? 26  THR A CG2  1 
ATOM 394  H H    . THR A 1 26  ? -0.242  12.769  -5.898  1.00 0.49  ? 26  THR A H    1 
ATOM 395  H HA   . THR A 1 26  ? -1.867  10.709  -7.234  1.00 0.59  ? 26  THR A HA   1 
ATOM 396  H HB   . THR A 1 26  ? -0.846  11.743  -9.359  1.00 0.96  ? 26  THR A HB   1 
ATOM 397  H HG1  . THR A 1 26  ? 0.700   13.038  -8.162  1.00 1.19  ? 26  THR A HG1  1 
ATOM 398  H HG21 . THR A 1 26  ? -3.199  11.987  -8.728  1.00 2.11  ? 26  THR A HG21 1 
ATOM 399  H HG22 . THR A 1 26  ? -2.785  13.357  -7.697  1.00 1.76  ? 26  THR A HG22 1 
ATOM 400  H HG23 . THR A 1 26  ? -2.577  13.474  -9.445  1.00 1.69  ? 26  THR A HG23 1 
ATOM 401  N N    . LYS A 1 27  ? 0.990   10.242  -6.364  1.00 0.42  ? 27  LYS A N    1 
ATOM 402  C CA   . LYS A 1 27  ? 2.177   9.395   -6.394  1.00 0.43  ? 27  LYS A CA   1 
ATOM 403  C C    . LYS A 1 27  ? 2.416   8.773   -5.024  1.00 0.38  ? 27  LYS A C    1 
ATOM 404  O O    . LYS A 1 27  ? 2.233   9.425   -3.996  1.00 0.51  ? 27  LYS A O    1 
ATOM 405  C CB   . LYS A 1 27  ? 3.404   10.195  -6.842  1.00 0.51  ? 27  LYS A CB   1 
ATOM 406  C CG   . LYS A 1 27  ? 3.729   11.387  -5.953  1.00 1.21  ? 27  LYS A CG   1 
ATOM 407  C CD   . LYS A 1 27  ? 4.728   11.028  -4.861  1.00 1.51  ? 27  LYS A CD   1 
ATOM 408  C CE   . LYS A 1 27  ? 6.094   10.690  -5.438  1.00 2.34  ? 27  LYS A CE   1 
ATOM 409  N NZ   . LYS A 1 27  ? 7.096   10.417  -4.373  1.00 2.82  ? 27  LYS A NZ   1 
ATOM 410  H H    . LYS A 1 27  ? 0.740   10.683  -5.525  1.00 0.44  ? 27  LYS A H    1 
ATOM 411  H HA   . LYS A 1 27  ? 1.996   8.603   -7.105  1.00 0.49  ? 27  LYS A HA   1 
ATOM 412  H HB2  . LYS A 1 27  ? 4.261   9.539   -6.852  1.00 0.96  ? 27  LYS A HB2  1 
ATOM 413  H HB3  . LYS A 1 27  ? 3.231   10.558  -7.844  1.00 1.02  ? 27  LYS A HB3  1 
ATOM 414  H HG2  . LYS A 1 27  ? 4.150   12.172  -6.562  1.00 1.86  ? 27  LYS A HG2  1 
ATOM 415  H HG3  . LYS A 1 27  ? 2.818   11.738  -5.493  1.00 1.81  ? 27  LYS A HG3  1 
ATOM 416  H HD2  . LYS A 1 27  ? 4.830   11.867  -4.191  1.00 1.85  ? 27  LYS A HD2  1 
ATOM 417  H HD3  . LYS A 1 27  ? 4.357   10.174  -4.314  1.00 1.70  ? 27  LYS A HD3  1 
ATOM 418  H HE2  . LYS A 1 27  ? 6.000   9.815   -6.063  1.00 2.85  ? 27  LYS A HE2  1 
ATOM 419  H HE3  . LYS A 1 27  ? 6.433   11.523  -6.036  1.00 2.73  ? 27  LYS A HE3  1 
ATOM 420  H HZ1  . LYS A 1 27  ? 6.762   9.652   -3.754  1.00 3.05  ? 27  LYS A HZ1  1 
ATOM 421  H HZ2  . LYS A 1 27  ? 8.002   10.133  -4.799  1.00 3.05  ? 27  LYS A HZ2  1 
ATOM 422  H HZ3  . LYS A 1 27  ? 7.249   11.271  -3.799  1.00 3.32  ? 27  LYS A HZ3  1 
ATOM 423  N N    . LEU A 1 28  ? 2.820   7.507   -5.013  1.00 0.35  ? 28  LEU A N    1 
ATOM 424  C CA   . LEU A 1 28  ? 3.067   6.804   -3.762  1.00 0.34  ? 28  LEU A CA   1 
ATOM 425  C C    . LEU A 1 28  ? 4.189   5.781   -3.914  1.00 0.35  ? 28  LEU A C    1 
ATOM 426  O O    . LEU A 1 28  ? 3.982   4.693   -4.452  1.00 0.48  ? 28  LEU A O    1 
ATOM 427  C CB   . LEU A 1 28  ? 1.785   6.108   -3.291  1.00 0.41  ? 28  LEU A CB   1 
ATOM 428  C CG   . LEU A 1 28  ? 1.497   6.199   -1.788  1.00 0.72  ? 28  LEU A CG   1 
ATOM 429  C CD1  . LEU A 1 28  ? 2.627   5.581   -0.981  1.00 1.26  ? 28  LEU A CD1  1 
ATOM 430  C CD2  . LEU A 1 28  ? 1.274   7.645   -1.374  1.00 1.54  ? 28  LEU A CD2  1 
ATOM 431  H H    . LEU A 1 28  ? 2.956   7.040   -5.862  1.00 0.44  ? 28  LEU A H    1 
ATOM 432  H HA   . LEU A 1 28  ? 3.361   7.534   -3.024  1.00 0.35  ? 28  LEU A HA   1 
ATOM 433  H HB2  . LEU A 1 28  ? 0.951   6.543   -3.822  1.00 0.84  ? 28  LEU A HB2  1 
ATOM 434  H HB3  . LEU A 1 28  ? 1.852   5.064   -3.557  1.00 0.65  ? 28  LEU A HB3  1 
ATOM 435  H HG   . LEU A 1 28  ? 0.594   5.647   -1.569  1.00 1.60  ? 28  LEU A HG   1 
ATOM 436  H HD11 . LEU A 1 28  ? 2.741   4.546   -1.259  1.00 1.63  ? 28  LEU A HD11 1 
ATOM 437  H HD12 . LEU A 1 28  ? 3.546   6.112   -1.184  1.00 1.77  ? 28  LEU A HD12 1 
ATOM 438  H HD13 . LEU A 1 28  ? 2.397   5.649   0.071   1.00 1.94  ? 28  LEU A HD13 1 
ATOM 439  H HD21 . LEU A 1 28  ? 0.504   8.082   -1.992  1.00 2.00  ? 28  LEU A HD21 1 
ATOM 440  H HD22 . LEU A 1 28  ? 0.969   7.679   -0.339  1.00 2.17  ? 28  LEU A HD22 1 
ATOM 441  H HD23 . LEU A 1 28  ? 2.192   8.201   -1.496  1.00 1.99  ? 28  LEU A HD23 1 
ATOM 442  N N    . ASP A 1 29  ? 5.378   6.142   -3.442  1.00 0.34  ? 29  ASP A N    1 
ATOM 443  C CA   . ASP A 1 29  ? 6.531   5.253   -3.507  1.00 0.43  ? 29  ASP A CA   1 
ATOM 444  C C    . ASP A 1 29  ? 6.490   4.255   -2.354  1.00 0.44  ? 29  ASP A C    1 
ATOM 445  O O    . ASP A 1 29  ? 6.882   4.574   -1.231  1.00 0.46  ? 29  ASP A O    1 
ATOM 446  C CB   . ASP A 1 29  ? 7.828   6.063   -3.457  1.00 0.54  ? 29  ASP A CB   1 
ATOM 447  C CG   . ASP A 1 29  ? 9.061   5.190   -3.585  1.00 1.07  ? 29  ASP A CG   1 
ATOM 448  O OD1  . ASP A 1 29  ? 9.572   4.731   -2.543  1.00 1.72  ? 29  ASP A OD1  1 
ATOM 449  O OD2  . ASP A 1 29  ? 9.514   4.968   -4.727  1.00 1.13  ? 29  ASP A OD2  1 
ATOM 450  H H    . ASP A 1 29  ? 5.483   7.030   -3.042  1.00 0.34  ? 29  ASP A H    1 
ATOM 451  H HA   . ASP A 1 29  ? 6.485   4.712   -4.441  1.00 0.45  ? 29  ASP A HA   1 
ATOM 452  H HB2  . ASP A 1 29  ? 7.830   6.777   -4.267  1.00 0.79  ? 29  ASP A HB2  1 
ATOM 453  H HB3  . ASP A 1 29  ? 7.879   6.590   -2.516  1.00 0.62  ? 29  ASP A HB3  1 
ATOM 454  N N    . VAL A 1 30  ? 6.008   3.048   -2.636  1.00 0.46  ? 30  VAL A N    1 
ATOM 455  C CA   . VAL A 1 30  ? 5.898   2.014   -1.614  1.00 0.51  ? 30  VAL A CA   1 
ATOM 456  C C    . VAL A 1 30  ? 7.076   1.044   -1.656  1.00 0.59  ? 30  VAL A C    1 
ATOM 457  O O    . VAL A 1 30  ? 7.578   0.698   -2.726  1.00 0.74  ? 30  VAL A O    1 
ATOM 458  C CB   . VAL A 1 30  ? 4.586   1.216   -1.765  1.00 0.53  ? 30  VAL A CB   1 
ATOM 459  C CG1  . VAL A 1 30  ? 4.389   0.273   -0.588  1.00 0.60  ? 30  VAL A CG1  1 
ATOM 460  C CG2  . VAL A 1 30  ? 3.399   2.156   -1.908  1.00 0.52  ? 30  VAL A CG2  1 
ATOM 461  H H    . VAL A 1 30  ? 5.720   2.849   -3.552  1.00 0.48  ? 30  VAL A H    1 
ATOM 462  H HA   . VAL A 1 30  ? 5.884   2.502   -0.650  1.00 0.49  ? 30  VAL A HA   1 
ATOM 463  H HB   . VAL A 1 30  ? 4.653   0.620   -2.662  1.00 0.57  ? 30  VAL A HB   1 
ATOM 464  H HG11 . VAL A 1 30  ? 4.348   0.843   0.328   1.00 1.09  ? 30  VAL A HG11 1 
ATOM 465  H HG12 . VAL A 1 30  ? 3.465   -0.272  -0.715  1.00 1.07  ? 30  VAL A HG12 1 
ATOM 466  H HG13 . VAL A 1 30  ? 5.213   -0.423  -0.542  1.00 1.10  ? 30  VAL A HG13 1 
ATOM 467  H HG21 . VAL A 1 30  ? 3.536   2.777   -2.782  1.00 0.86  ? 30  VAL A HG21 1 
ATOM 468  H HG22 . VAL A 1 30  ? 2.493   1.579   -2.015  1.00 1.27  ? 30  VAL A HG22 1 
ATOM 469  H HG23 . VAL A 1 30  ? 3.327   2.781   -1.030  1.00 1.19  ? 30  VAL A HG23 1 
ATOM 470  N N    . ALA A 1 31  ? 7.510   0.613   -0.476  1.00 0.60  ? 31  ALA A N    1 
ATOM 471  C CA   . ALA A 1 31  ? 8.614   -0.329  -0.351  1.00 0.71  ? 31  ALA A CA   1 
ATOM 472  C C    . ALA A 1 31  ? 8.286   -1.382  0.700   1.00 0.79  ? 31  ALA A C    1 
ATOM 473  O O    . ALA A 1 31  ? 8.701   -1.275  1.853   1.00 0.87  ? 31  ALA A O    1 
ATOM 474  C CB   . ALA A 1 31  ? 9.905   0.396   0.003   1.00 0.78  ? 31  ALA A CB   1 
ATOM 475  H H    . ALA A 1 31  ? 7.071   0.939   0.338   1.00 0.60  ? 31  ALA A H    1 
ATOM 476  H HA   . ALA A 1 31  ? 8.748   -0.816  -1.306  1.00 0.70  ? 31  ALA A HA   1 
ATOM 477  H HB1  . ALA A 1 31  ? 10.090  1.176   -0.720  1.00 1.42  ? 31  ALA A HB1  1 
ATOM 478  H HB2  . ALA A 1 31  ? 10.726  -0.307  -0.006  1.00 1.27  ? 31  ALA A HB2  1 
ATOM 479  H HB3  . ALA A 1 31  ? 9.815   0.831   0.987   1.00 1.09  ? 31  ALA A HB3  1 
ATOM 480  N N    . VAL A 1 32  ? 7.521   -2.389  0.294   1.00 0.81  ? 32  VAL A N    1 
ATOM 481  C CA   . VAL A 1 32  ? 7.112   -3.457  1.197   1.00 0.89  ? 32  VAL A CA   1 
ATOM 482  C C    . VAL A 1 32  ? 8.310   -4.234  1.737   1.00 0.92  ? 32  VAL A C    1 
ATOM 483  O O    . VAL A 1 32  ? 8.835   -5.129  1.073   1.00 1.43  ? 32  VAL A O    1 
ATOM 484  C CB   . VAL A 1 32  ? 6.148   -4.434  0.497   1.00 0.97  ? 32  VAL A CB   1 
ATOM 485  C CG1  . VAL A 1 32  ? 5.561   -5.419  1.495   1.00 1.15  ? 32  VAL A CG1  1 
ATOM 486  C CG2  . VAL A 1 32  ? 5.045   -3.674  -0.223  1.00 1.44  ? 32  VAL A CG2  1 
ATOM 487  H H    . VAL A 1 32  ? 7.222   -2.413  -0.639  1.00 0.81  ? 32  VAL A H    1 
ATOM 488  H HA   . VAL A 1 32  ? 6.587   -3.006  2.027   1.00 0.93  ? 32  VAL A HA   1 
ATOM 489  H HB   . VAL A 1 32  ? 6.708   -4.992  -0.236  1.00 1.01  ? 32  VAL A HB   1 
ATOM 490  H HG11 . VAL A 1 32  ? 6.358   -5.981  1.957   1.00 1.40  ? 32  VAL A HG11 1 
ATOM 491  H HG12 . VAL A 1 32  ? 5.014   -4.879  2.254   1.00 1.86  ? 32  VAL A HG12 1 
ATOM 492  H HG13 . VAL A 1 32  ? 4.893   -6.095  0.983   1.00 1.27  ? 32  VAL A HG13 1 
ATOM 493  H HG21 . VAL A 1 32  ? 5.484   -3.009  -0.953  1.00 1.64  ? 32  VAL A HG21 1 
ATOM 494  H HG22 . VAL A 1 32  ? 4.391   -4.374  -0.721  1.00 1.74  ? 32  VAL A HG22 1 
ATOM 495  H HG23 . VAL A 1 32  ? 4.478   -3.097  0.493   1.00 2.07  ? 32  VAL A HG23 1 
ATOM 496  N N    . GLY A 1 33  ? 8.735   -3.879  2.947   1.00 0.70  ? 33  GLY A N    1 
ATOM 497  C CA   . GLY A 1 33  ? 9.856   -4.551  3.582   1.00 0.63  ? 33  GLY A CA   1 
ATOM 498  C C    . GLY A 1 33  ? 11.095  -4.614  2.712   1.00 0.78  ? 33  GLY A C    1 
ATOM 499  O O    . GLY A 1 33  ? 11.577  -3.589  2.231   1.00 1.67  ? 33  GLY A O    1 
ATOM 500  H H    . GLY A 1 33  ? 8.279   -3.149  3.417   1.00 1.00  ? 33  GLY A H    1 
ATOM 501  H HA2  . GLY A 1 33  ? 10.103  -4.026  4.493   1.00 0.74  ? 33  GLY A HA2  1 
ATOM 502  H HA3  . GLY A 1 33  ? 9.558   -5.557  3.835   1.00 0.68  ? 33  GLY A HA3  1 
ATOM 503  N N    . SER A 1 34  ? 11.612  -5.824  2.511   1.00 0.63  ? 34  SER A N    1 
ATOM 504  C CA   . SER A 1 34  ? 12.811  -6.020  1.703   1.00 0.66  ? 34  SER A CA   1 
ATOM 505  C C    . SER A 1 34  ? 12.646  -7.186  0.733   1.00 0.64  ? 34  SER A C    1 
ATOM 506  O O    . SER A 1 34  ? 13.548  -7.482  -0.051  1.00 0.89  ? 34  SER A O    1 
ATOM 507  C CB   . SER A 1 34  ? 14.017  -6.277  2.609   1.00 0.77  ? 34  SER A CB   1 
ATOM 508  O OG   . SER A 1 34  ? 14.136  -5.271  3.598   1.00 1.63  ? 34  SER A OG   1 
ATOM 509  H H    . SER A 1 34  ? 11.176  -6.603  2.916   1.00 1.22  ? 34  SER A H    1 
ATOM 510  H HA   . SER A 1 34  ? 12.983  -5.117  1.139   1.00 0.73  ? 34  SER A HA   1 
ATOM 511  H HB2  . SER A 1 34  ? 13.899  -7.232  3.099   1.00 1.10  ? 34  SER A HB2  1 
ATOM 512  H HB3  . SER A 1 34  ? 14.917  -6.287  2.012   1.00 1.25  ? 34  SER A HB3  1 
ATOM 513  H HG   . SER A 1 34  ? 14.755  -4.600  3.301   1.00 2.02  ? 34  SER A HG   1 
ATOM 514  N N    . CYS A 1 35  ? 11.497  -7.848  0.790   1.00 0.56  ? 35  CYS A N    1 
ATOM 515  C CA   . CYS A 1 35  ? 11.229  -8.983  -0.084  1.00 0.58  ? 35  CYS A CA   1 
ATOM 516  C C    . CYS A 1 35  ? 10.168  -8.635  -1.117  1.00 0.66  ? 35  CYS A C    1 
ATOM 517  O O    . CYS A 1 35  ? 9.654   -9.513  -1.811  1.00 0.78  ? 35  CYS A O    1 
ATOM 518  C CB   . CYS A 1 35  ? 10.771  -10.187 0.737   1.00 0.57  ? 35  CYS A CB   1 
ATOM 519  S SG   . CYS A 1 35  ? 9.125   -9.983  1.485   1.00 1.80  ? 35  CYS A SG   1 
ATOM 520  H H    . CYS A 1 35  ? 10.813  -7.566  1.434   1.00 0.66  ? 35  CYS A H    1 
ATOM 521  H HA   . CYS A 1 35  ? 12.147  -9.234  -0.596  1.00 0.65  ? 35  CYS A HA   1 
ATOM 522  H HB2  . CYS A 1 35  ? 10.737  -11.056 0.098   1.00 1.22  ? 35  CYS A HB2  1 
ATOM 523  H HB3  . CYS A 1 35  ? 11.477  -10.360 1.535   1.00 1.04  ? 35  CYS A HB3  1 
ATOM 524  N N    . HIS A 1 36  ? 9.845   -7.351  -1.221  1.00 0.67  ? 36  HIS A N    1 
ATOM 525  C CA   . HIS A 1 36  ? 8.832   -6.905  -2.165  1.00 0.80  ? 36  HIS A CA   1 
ATOM 526  C C    . HIS A 1 36  ? 9.034   -5.448  -2.561  1.00 0.79  ? 36  HIS A C    1 
ATOM 527  O O    . HIS A 1 36  ? 9.574   -4.652  -1.793  1.00 1.05  ? 36  HIS A O    1 
ATOM 528  C CB   . HIS A 1 36  ? 7.446   -7.084  -1.555  1.00 1.00  ? 36  HIS A CB   1 
ATOM 529  C CG   . HIS A 1 36  ? 6.538   -7.926  -2.381  1.00 1.83  ? 36  HIS A CG   1 
ATOM 530  N ND1  . HIS A 1 36  ? 5.221   -7.603  -2.606  1.00 2.49  ? 36  HIS A ND1  1 
ATOM 531  C CD2  . HIS A 1 36  ? 6.760   -9.088  -3.034  1.00 2.81  ? 36  HIS A CD2  1 
ATOM 532  C CE1  . HIS A 1 36  ? 4.669   -8.528  -3.364  1.00 3.39  ? 36  HIS A CE1  1 
ATOM 533  N NE2  . HIS A 1 36  ? 5.582   -9.440  -3.638  1.00 3.59  ? 36  HIS A NE2  1 
ATOM 534  H H    . HIS A 1 36  ? 10.296  -6.693  -0.653  1.00 0.65  ? 36  HIS A H    1 
ATOM 535  H HA   . HIS A 1 36  ? 8.908   -7.520  -3.048  1.00 0.94  ? 36  HIS A HA   1 
ATOM 536  H HB2  . HIS A 1 36  ? 7.542   -7.550  -0.586  1.00 1.10  ? 36  HIS A HB2  1 
ATOM 537  H HB3  . HIS A 1 36  ? 6.985   -6.115  -1.438  1.00 1.54  ? 36  HIS A HB3  1 
ATOM 538  H HD1  . HIS A 1 36  ? 4.757   -6.812  -2.261  1.00 2.70  ? 36  HIS A HD1  1 
ATOM 539  H HD2  . HIS A 1 36  ? 7.690   -9.635  -3.074  1.00 3.26  ? 36  HIS A HD2  1 
ATOM 540  H HE1  . HIS A 1 36  ? 3.645   -8.538  -3.700  1.00 4.14  ? 36  HIS A HE1  1 
ATOM 541  H HE2  . HIS A 1 36  ? 5.453   -10.209 -4.230  1.00 4.44  ? 36  HIS A HE2  1 
ATOM 542  N N    . SER A 1 37  ? 8.589   -5.110  -3.766  1.00 0.65  ? 37  SER A N    1 
ATOM 543  C CA   . SER A 1 37  ? 8.707   -3.751  -4.278  1.00 0.78  ? 37  SER A CA   1 
ATOM 544  C C    . SER A 1 37  ? 7.445   -3.364  -5.039  1.00 0.70  ? 37  SER A C    1 
ATOM 545  O O    . SER A 1 37  ? 6.935   -4.141  -5.847  1.00 0.72  ? 37  SER A O    1 
ATOM 546  C CB   . SER A 1 37  ? 9.930   -3.630  -5.185  1.00 0.95  ? 37  SER A CB   1 
ATOM 547  O OG   . SER A 1 37  ? 10.175  -2.278  -5.531  1.00 1.70  ? 37  SER A OG   1 
ATOM 548  H H    . SER A 1 37  ? 8.168   -5.794  -4.327  1.00 0.57  ? 37  SER A H    1 
ATOM 549  H HA   . SER A 1 37  ? 8.825   -3.088  -3.434  1.00 0.90  ? 37  SER A HA   1 
ATOM 550  H HB2  . SER A 1 37  ? 10.797  -4.020  -4.673  1.00 1.28  ? 37  SER A HB2  1 
ATOM 551  H HB3  . SER A 1 37  ? 9.762   -4.195  -6.090  1.00 1.23  ? 37  SER A HB3  1 
ATOM 552  H HG   . SER A 1 37  ? 11.003  -1.994  -5.140  1.00 1.93  ? 37  SER A HG   1 
ATOM 553  N N    . LEU A 1 38  ? 6.947   -2.161  -4.781  1.00 0.67  ? 38  LEU A N    1 
ATOM 554  C CA   . LEU A 1 38  ? 5.734   -1.685  -5.433  1.00 0.59  ? 38  LEU A CA   1 
ATOM 555  C C    . LEU A 1 38  ? 5.716   -0.161  -5.519  1.00 0.60  ? 38  LEU A C    1 
ATOM 556  O O    . LEU A 1 38  ? 5.684   0.526   -4.502  1.00 0.93  ? 38  LEU A O    1 
ATOM 557  C CB   . LEU A 1 38  ? 4.510   -2.201  -4.661  1.00 0.63  ? 38  LEU A CB   1 
ATOM 558  C CG   . LEU A 1 38  ? 3.150   -1.664  -5.116  1.00 0.76  ? 38  LEU A CG   1 
ATOM 559  C CD1  . LEU A 1 38  ? 2.075   -2.725  -4.935  1.00 0.85  ? 38  LEU A CD1  1 
ATOM 560  C CD2  . LEU A 1 38  ? 2.782   -0.413  -4.334  1.00 0.83  ? 38  LEU A CD2  1 
ATOM 561  H H    . LEU A 1 38  ? 7.406   -1.580  -4.139  1.00 0.73  ? 38  LEU A H    1 
ATOM 562  H HA   . LEU A 1 38  ? 5.713   -2.091  -6.433  1.00 0.53  ? 38  LEU A HA   1 
ATOM 563  H HB2  . LEU A 1 38  ? 4.490   -3.277  -4.746  1.00 0.61  ? 38  LEU A HB2  1 
ATOM 564  H HB3  . LEU A 1 38  ? 4.640   -1.945  -3.620  1.00 0.66  ? 38  LEU A HB3  1 
ATOM 565  H HG   . LEU A 1 38  ? 3.199   -1.407  -6.164  1.00 0.79  ? 38  LEU A HG   1 
ATOM 566  H HD11 . LEU A 1 38  ? 2.346   -3.612  -5.486  1.00 1.28  ? 38  LEU A HD11 1 
ATOM 567  H HD12 . LEU A 1 38  ? 1.983   -2.968  -3.887  1.00 1.25  ? 38  LEU A HD12 1 
ATOM 568  H HD13 . LEU A 1 38  ? 1.132   -2.349  -5.300  1.00 1.43  ? 38  LEU A HD13 1 
ATOM 569  H HD21 . LEU A 1 38  ? 2.802   -0.630  -3.276  1.00 1.50  ? 38  LEU A HD21 1 
ATOM 570  H HD22 . LEU A 1 38  ? 3.490   0.371   -4.554  1.00 1.27  ? 38  LEU A HD22 1 
ATOM 571  H HD23 . LEU A 1 38  ? 1.790   -0.091  -4.616  1.00 1.07  ? 38  LEU A HD23 1 
ATOM 572  N N    . VAL A 1 39  ? 5.754   0.362   -6.741  1.00 0.32  ? 39  VAL A N    1 
ATOM 573  C CA   . VAL A 1 39  ? 5.726   1.804   -6.959  1.00 0.30  ? 39  VAL A CA   1 
ATOM 574  C C    . VAL A 1 39  ? 4.421   2.220   -7.631  1.00 0.26  ? 39  VAL A C    1 
ATOM 575  O O    . VAL A 1 39  ? 4.181   1.897   -8.795  1.00 0.27  ? 39  VAL A O    1 
ATOM 576  C CB   . VAL A 1 39  ? 6.910   2.271   -7.828  1.00 0.37  ? 39  VAL A CB   1 
ATOM 577  C CG1  . VAL A 1 39  ? 6.873   3.780   -8.020  1.00 1.11  ? 39  VAL A CG1  1 
ATOM 578  C CG2  . VAL A 1 39  ? 8.229   1.840   -7.208  1.00 1.13  ? 39  VAL A CG2  1 
ATOM 579  H H    . VAL A 1 39  ? 5.809   -0.236  -7.512  1.00 0.28  ? 39  VAL A H    1 
ATOM 580  H HA   . VAL A 1 39  ? 5.796   2.289   -5.997  1.00 0.36  ? 39  VAL A HA   1 
ATOM 581  H HB   . VAL A 1 39  ? 6.823   1.805   -8.799  1.00 1.00  ? 39  VAL A HB   1 
ATOM 582  H HG11 . VAL A 1 39  ? 5.951   4.059   -8.507  1.00 1.48  ? 39  VAL A HG11 1 
ATOM 583  H HG12 . VAL A 1 39  ? 6.934   4.268   -7.059  1.00 1.49  ? 39  VAL A HG12 1 
ATOM 584  H HG13 . VAL A 1 39  ? 7.709   4.085   -8.633  1.00 1.91  ? 39  VAL A HG13 1 
ATOM 585  H HG21 . VAL A 1 39  ? 8.252   0.764   -7.121  1.00 1.88  ? 39  VAL A HG21 1 
ATOM 586  H HG22 . VAL A 1 39  ? 9.045   2.168   -7.835  1.00 1.44  ? 39  VAL A HG22 1 
ATOM 587  H HG23 . VAL A 1 39  ? 8.328   2.283   -6.228  1.00 1.74  ? 39  VAL A HG23 1 
ATOM 588  N N    . ALA A 1 40  ? 3.582   2.936   -6.892  1.00 0.26  ? 40  ALA A N    1 
ATOM 589  C CA   . ALA A 1 40  ? 2.301   3.389   -7.418  1.00 0.25  ? 40  ALA A CA   1 
ATOM 590  C C    . ALA A 1 40  ? 2.401   4.807   -7.969  1.00 0.20  ? 40  ALA A C    1 
ATOM 591  O O    . ALA A 1 40  ? 2.212   5.781   -7.240  1.00 0.21  ? 40  ALA A O    1 
ATOM 592  C CB   . ALA A 1 40  ? 1.232   3.314   -6.338  1.00 0.34  ? 40  ALA A CB   1 
ATOM 593  H H    . ALA A 1 40  ? 3.831   3.168   -5.972  1.00 0.31  ? 40  ALA A H    1 
ATOM 594  H HA   . ALA A 1 40  ? 2.016   2.723   -8.219  1.00 0.28  ? 40  ALA A HA   1 
ATOM 595  H HB1  . ALA A 1 40  ? 1.183   2.307   -5.951  1.00 0.83  ? 40  ALA A HB1  1 
ATOM 596  H HB2  . ALA A 1 40  ? 1.481   3.994   -5.537  1.00 1.21  ? 40  ALA A HB2  1 
ATOM 597  H HB3  . ALA A 1 40  ? 0.276   3.586   -6.759  1.00 1.03  ? 40  ALA A HB3  1 
ATOM 598  N N    . ASN A 1 41  ? 2.702   4.916   -9.259  1.00 0.25  ? 41  ASN A N    1 
ATOM 599  C CA   . ASN A 1 41  ? 2.825   6.217   -9.906  1.00 0.29  ? 41  ASN A CA   1 
ATOM 600  C C    . ASN A 1 41  ? 1.555   6.567   -10.671 1.00 0.32  ? 41  ASN A C    1 
ATOM 601  O O    . ASN A 1 41  ? 1.407   6.218   -11.844 1.00 0.40  ? 41  ASN A O    1 
ATOM 602  C CB   . ASN A 1 41  ? 4.026   6.236   -10.856 1.00 0.38  ? 41  ASN A CB   1 
ATOM 603  C CG   . ASN A 1 41  ? 5.351   6.233   -10.117 1.00 0.78  ? 41  ASN A CG   1 
ATOM 604  O OD1  . ASN A 1 41  ? 6.334   5.664   -10.590 1.00 1.60  ? 41  ASN A OD1  1 
ATOM 605  N ND2  . ASN A 1 41  ? 5.387   6.876   -8.957  1.00 1.44  ? 41  ASN A ND2  1 
ATOM 606  H H    . ASN A 1 41  ? 2.845   4.104   -9.788  1.00 0.31  ? 41  ASN A H    1 
ATOM 607  H HA   . ASN A 1 41  ? 2.977   6.956   -9.134  1.00 0.29  ? 41  ASN A HA   1 
ATOM 608  H HB2  . ASN A 1 41  ? 3.987   5.365   -11.491 1.00 0.78  ? 41  ASN A HB2  1 
ATOM 609  H HB3  . ASN A 1 41  ? 3.977   7.125   -11.468 1.00 0.59  ? 41  ASN A HB3  1 
ATOM 610  H HD21 . ASN A 1 41  ? 4.568   7.312   -8.643  1.00 1.99  ? 41  ASN A HD21 1 
ATOM 611  H HD22 . ASN A 1 41  ? 6.232   6.888   -8.461  1.00 1.78  ? 41  ASN A HD22 1 
ATOM 612  N N    . PHE A 1 42  ? 0.637   7.251   -9.999  1.00 0.31  ? 42  PHE A N    1 
ATOM 613  C CA   . PHE A 1 42  ? -0.615  7.655   -10.621 1.00 0.37  ? 42  PHE A CA   1 
ATOM 614  C C    . PHE A 1 42  ? -0.400  8.881   -11.500 1.00 0.41  ? 42  PHE A C    1 
ATOM 615  O O    . PHE A 1 42  ? -1.251  9.229   -12.320 1.00 0.57  ? 42  PHE A O    1 
ATOM 616  C CB   . PHE A 1 42  ? -1.673  7.945   -9.556  1.00 0.47  ? 42  PHE A CB   1 
ATOM 617  C CG   . PHE A 1 42  ? -2.011  6.754   -8.704  1.00 0.54  ? 42  PHE A CG   1 
ATOM 618  C CD1  . PHE A 1 42  ? -2.885  5.782   -9.163  1.00 0.81  ? 42  PHE A CD1  1 
ATOM 619  C CD2  . PHE A 1 42  ? -1.452  6.605   -7.444  1.00 0.84  ? 42  PHE A CD2  1 
ATOM 620  C CE1  . PHE A 1 42  ? -3.197  4.685   -8.382  1.00 0.91  ? 42  PHE A CE1  1 
ATOM 621  C CE2  . PHE A 1 42  ? -1.762  5.511   -6.658  1.00 0.95  ? 42  PHE A CE2  1 
ATOM 622  C CZ   . PHE A 1 42  ? -2.635  4.549   -7.128  1.00 0.80  ? 42  PHE A CZ   1 
ATOM 623  H H    . PHE A 1 42  ? 0.807   7.490   -9.063  1.00 0.29  ? 42  PHE A H    1 
ATOM 624  H HA   . PHE A 1 42  ? -0.955  6.838   -11.241 1.00 0.39  ? 42  PHE A HA   1 
ATOM 625  H HB2  . PHE A 1 42  ? -1.315  8.728   -8.906  1.00 0.53  ? 42  PHE A HB2  1 
ATOM 626  H HB3  . PHE A 1 42  ? -2.577  8.274   -10.042 1.00 0.53  ? 42  PHE A HB3  1 
ATOM 627  H HD1  . PHE A 1 42  ? -3.326  5.887   -10.144 1.00 1.15  ? 42  PHE A HD1  1 
ATOM 628  H HD2  . PHE A 1 42  ? -0.769  7.356   -7.076  1.00 1.17  ? 42  PHE A HD2  1 
ATOM 629  H HE1  . PHE A 1 42  ? -3.881  3.935   -8.752  1.00 1.26  ? 42  PHE A HE1  1 
ATOM 630  H HE2  . PHE A 1 42  ? -1.320  5.407   -5.678  1.00 1.32  ? 42  PHE A HE2  1 
ATOM 631  H HZ   . PHE A 1 42  ? -2.877  3.692   -6.516  1.00 0.93  ? 42  PHE A HZ   1 
ATOM 632  N N    . LEU A 1 43  ? 0.747   9.533   -11.318 1.00 0.37  ? 43  LEU A N    1 
ATOM 633  C CA   . LEU A 1 43  ? 1.094   10.714  -12.100 1.00 0.42  ? 43  LEU A CA   1 
ATOM 634  C C    . LEU A 1 43  ? 1.101   10.378  -13.585 1.00 0.47  ? 43  LEU A C    1 
ATOM 635  O O    . LEU A 1 43  ? 0.584   11.131  -14.410 1.00 0.61  ? 43  LEU A O    1 
ATOM 636  C CB   . LEU A 1 43  ? 2.470   11.241  -11.687 1.00 0.42  ? 43  LEU A CB   1 
ATOM 637  C CG   . LEU A 1 43  ? 2.522   11.952  -10.336 1.00 0.63  ? 43  LEU A CG   1 
ATOM 638  C CD1  . LEU A 1 43  ? 3.962   12.095  -9.866  1.00 0.74  ? 43  LEU A CD1  1 
ATOM 639  C CD2  . LEU A 1 43  ? 1.858   13.316  -10.428 1.00 0.81  ? 43  LEU A CD2  1 
ATOM 640  H H    . LEU A 1 43  ? 1.376   9.211   -10.639 1.00 0.38  ? 43  LEU A H    1 
ATOM 641  H HA   . LEU A 1 43  ? 0.350   11.473  -11.913 1.00 0.53  ? 43  LEU A HA   1 
ATOM 642  H HB2  . LEU A 1 43  ? 3.156   10.406  -11.656 1.00 0.50  ? 43  LEU A HB2  1 
ATOM 643  H HB3  . LEU A 1 43  ? 2.809   11.932  -12.445 1.00 0.44  ? 43  LEU A HB3  1 
ATOM 644  H HG   . LEU A 1 43  ? 1.987   11.364  -9.603  1.00 0.75  ? 43  LEU A HG   1 
ATOM 645  H HD11 . LEU A 1 43  ? 4.539   12.606  -10.621 1.00 1.21  ? 43  LEU A HD11 1 
ATOM 646  H HD12 . LEU A 1 43  ? 3.985   12.664  -8.948  1.00 1.09  ? 43  LEU A HD12 1 
ATOM 647  H HD13 . LEU A 1 43  ? 4.383   11.117  -9.691  1.00 1.20  ? 43  LEU A HD13 1 
ATOM 648  H HD21 . LEU A 1 43  ? 2.360   13.912  -11.175 1.00 1.52  ? 43  LEU A HD21 1 
ATOM 649  H HD22 . LEU A 1 43  ? 0.821   13.192  -10.705 1.00 1.29  ? 43  LEU A HD22 1 
ATOM 650  H HD23 . LEU A 1 43  ? 1.918   13.812  -9.471  1.00 1.03  ? 43  LEU A HD23 1 
ATOM 651  N N    . ASP A 1 44  ? 1.694   9.234   -13.910 1.00 0.53  ? 44  ASP A N    1 
ATOM 652  C CA   . ASP A 1 44  ? 1.781   8.777   -15.288 1.00 0.70  ? 44  ASP A CA   1 
ATOM 653  C C    . ASP A 1 44  ? 0.591   7.887   -15.636 1.00 0.70  ? 44  ASP A C    1 
ATOM 654  O O    . ASP A 1 44  ? 0.094   7.911   -16.762 1.00 0.87  ? 44  ASP A O    1 
ATOM 655  C CB   . ASP A 1 44  ? 3.090   8.019   -15.501 1.00 0.80  ? 44  ASP A CB   1 
ATOM 656  C CG   . ASP A 1 44  ? 3.368   7.739   -16.962 1.00 1.35  ? 44  ASP A CG   1 
ATOM 657  O OD1  . ASP A 1 44  ? 2.825   6.746   -17.489 1.00 2.31  ? 44  ASP A OD1  1 
ATOM 658  O OD2  . ASP A 1 44  ? 4.132   8.510   -17.579 1.00 1.36  ? 44  ASP A OD2  1 
ATOM 659  H H    . ASP A 1 44  ? 2.084   8.683   -13.200 1.00 0.56  ? 44  ASP A H    1 
ATOM 660  H HA   . ASP A 1 44  ? 1.768   9.646   -15.930 1.00 0.82  ? 44  ASP A HA   1 
ATOM 661  H HB2  . ASP A 1 44  ? 3.906   8.607   -15.106 1.00 1.12  ? 44  ASP A HB2  1 
ATOM 662  H HB3  . ASP A 1 44  ? 3.042   7.079   -14.975 1.00 1.20  ? 44  ASP A HB3  1 
ATOM 663  N N    . GLY A 1 45  ? 0.140   7.105   -14.658 1.00 0.53  ? 45  GLY A N    1 
ATOM 664  C CA   . GLY A 1 45  ? -0.995  6.225   -14.874 1.00 0.53  ? 45  GLY A CA   1 
ATOM 665  C C    . GLY A 1 45  ? -0.610  4.758   -14.918 1.00 0.46  ? 45  GLY A C    1 
ATOM 666  O O    . GLY A 1 45  ? -0.990  4.042   -15.844 1.00 0.53  ? 45  GLY A O    1 
ATOM 667  H H    . GLY A 1 45  ? 0.581   7.124   -13.784 1.00 0.46  ? 45  GLY A H    1 
ATOM 668  H HA2  . GLY A 1 45  ? -1.705  6.372   -14.073 1.00 0.53  ? 45  GLY A HA2  1 
ATOM 669  H HA3  . GLY A 1 45  ? -1.467  6.489   -15.809 1.00 0.65  ? 45  GLY A HA3  1 
ATOM 670  N N    . PHE A 1 46  ? 0.143   4.306   -13.918 1.00 0.36  ? 46  PHE A N    1 
ATOM 671  C CA   . PHE A 1 46  ? 0.568   2.910   -13.855 1.00 0.32  ? 46  PHE A CA   1 
ATOM 672  C C    . PHE A 1 46  ? 1.020   2.534   -12.448 1.00 0.28  ? 46  PHE A C    1 
ATOM 673  O O    . PHE A 1 46  ? 1.577   3.358   -11.721 1.00 0.39  ? 46  PHE A O    1 
ATOM 674  C CB   . PHE A 1 46  ? 1.698   2.646   -14.857 1.00 0.41  ? 46  PHE A CB   1 
ATOM 675  C CG   . PHE A 1 46  ? 3.030   3.207   -14.441 1.00 0.49  ? 46  PHE A CG   1 
ATOM 676  C CD1  . PHE A 1 46  ? 3.334   4.540   -14.659 1.00 0.58  ? 46  PHE A CD1  1 
ATOM 677  C CD2  . PHE A 1 46  ? 3.979   2.399   -13.833 1.00 0.52  ? 46  PHE A CD2  1 
ATOM 678  C CE1  . PHE A 1 46  ? 4.558   5.058   -14.278 1.00 0.69  ? 46  PHE A CE1  1 
ATOM 679  C CE2  . PHE A 1 46  ? 5.203   2.912   -13.449 1.00 0.62  ? 46  PHE A CE2  1 
ATOM 680  C CZ   . PHE A 1 46  ? 5.494   4.243   -13.672 1.00 0.70  ? 46  PHE A CZ   1 
ATOM 681  H H    . PHE A 1 46  ? 0.420   4.924   -13.209 1.00 0.37  ? 46  PHE A H    1 
ATOM 682  H HA   . PHE A 1 46  ? -0.281  2.297   -14.118 1.00 0.31  ? 46  PHE A HA   1 
ATOM 683  H HB2  . PHE A 1 46  ? 1.814   1.581   -14.984 1.00 0.42  ? 46  PHE A HB2  1 
ATOM 684  H HB3  . PHE A 1 46  ? 1.434   3.087   -15.807 1.00 0.47  ? 46  PHE A HB3  1 
ATOM 685  H HD1  . PHE A 1 46  ? 2.602   5.179   -15.133 1.00 0.60  ? 46  PHE A HD1  1 
ATOM 686  H HD2  . PHE A 1 46  ? 3.753   1.358   -13.658 1.00 0.49  ? 46  PHE A HD2  1 
ATOM 687  H HE1  . PHE A 1 46  ? 4.782   6.100   -14.455 1.00 0.77  ? 46  PHE A HE1  1 
ATOM 688  H HE2  . PHE A 1 46  ? 5.934   2.271   -12.976 1.00 0.66  ? 46  PHE A HE2  1 
ATOM 689  H HZ   . PHE A 1 46  ? 6.449   4.646   -13.374 1.00 0.78  ? 46  PHE A HZ   1 
ATOM 690  N N    . LEU A 1 47  ? 0.773   1.283   -12.071 1.00 0.25  ? 47  LEU A N    1 
ATOM 691  C CA   . LEU A 1 47  ? 1.164   0.786   -10.757 1.00 0.25  ? 47  LEU A CA   1 
ATOM 692  C C    . LEU A 1 47  ? 2.088   -0.415  -10.905 1.00 0.29  ? 47  LEU A C    1 
ATOM 693  O O    . LEU A 1 47  ? 1.637   -1.539  -11.121 1.00 0.36  ? 47  LEU A O    1 
ATOM 694  C CB   . LEU A 1 47  ? -0.073  0.407   -9.934  1.00 0.27  ? 47  LEU A CB   1 
ATOM 695  C CG   . LEU A 1 47  ? 0.133   0.372   -8.416  1.00 0.58  ? 47  LEU A CG   1 
ATOM 696  C CD1  . LEU A 1 47  ? -1.207  0.402   -7.699  1.00 0.74  ? 47  LEU A CD1  1 
ATOM 697  C CD2  . LEU A 1 47  ? 0.927   -0.861  -8.005  1.00 0.94  ? 47  LEU A CD2  1 
ATOM 698  H H    . LEU A 1 47  ? 0.319   0.679   -12.693 1.00 0.32  ? 47  LEU A H    1 
ATOM 699  H HA   . LEU A 1 47  ? 1.696   1.577   -10.249 1.00 0.25  ? 47  LEU A HA   1 
ATOM 700  H HB2  . LEU A 1 47  ? -0.853  1.121   -10.151 1.00 0.48  ? 47  LEU A HB2  1 
ATOM 701  H HB3  . LEU A 1 47  ? -0.404  -0.569  -10.252 1.00 0.50  ? 47  LEU A HB3  1 
ATOM 702  H HG   . LEU A 1 47  ? 0.692   1.246   -8.115  1.00 0.76  ? 47  LEU A HG   1 
ATOM 703  H HD11 . LEU A 1 47  ? -1.743  1.297   -7.975  1.00 1.14  ? 47  LEU A HD11 1 
ATOM 704  H HD12 . LEU A 1 47  ? -1.786  -0.465  -7.981  1.00 1.41  ? 47  LEU A HD12 1 
ATOM 705  H HD13 . LEU A 1 47  ? -1.045  0.394   -6.630  1.00 1.06  ? 47  LEU A HD13 1 
ATOM 706  H HD21 . LEU A 1 47  ? 0.425   -1.748  -8.363  1.00 1.26  ? 47  LEU A HD21 1 
ATOM 707  H HD22 . LEU A 1 47  ? 1.916   -0.811  -8.432  1.00 1.81  ? 47  LEU A HD22 1 
ATOM 708  H HD23 . LEU A 1 47  ? 1.000   -0.899  -6.928  1.00 1.15  ? 47  LEU A HD23 1 
ATOM 709  N N    . LYS A 1 48  ? 3.385   -0.162  -10.798 1.00 0.28  ? 48  LYS A N    1 
ATOM 710  C CA   . LYS A 1 48  ? 4.388   -1.212  -10.920 1.00 0.35  ? 48  LYS A CA   1 
ATOM 711  C C    . LYS A 1 48  ? 4.499   -2.002  -9.619  1.00 0.30  ? 48  LYS A C    1 
ATOM 712  O O    . LYS A 1 48  ? 4.816   -1.443  -8.572  1.00 0.32  ? 48  LYS A O    1 
ATOM 713  C CB   . LYS A 1 48  ? 5.735   -0.587  -11.284 1.00 0.45  ? 48  LYS A CB   1 
ATOM 714  C CG   . LYS A 1 48  ? 6.850   -1.595  -11.500 1.00 0.61  ? 48  LYS A CG   1 
ATOM 715  C CD   . LYS A 1 48  ? 8.089   -0.933  -12.085 1.00 1.20  ? 48  LYS A CD   1 
ATOM 716  C CE   . LYS A 1 48  ? 8.672   0.111   -11.144 1.00 1.72  ? 48  LYS A CE   1 
ATOM 717  N NZ   . LYS A 1 48  ? 9.815   0.838   -11.761 1.00 2.17  ? 48  LYS A NZ   1 
ATOM 718  H H    . LYS A 1 48  ? 3.678   0.758   -10.633 1.00 0.27  ? 48  LYS A H    1 
ATOM 719  H HA   . LYS A 1 48  ? 4.081   -1.877  -11.712 1.00 0.46  ? 48  LYS A HA   1 
ATOM 720  H HB2  . LYS A 1 48  ? 5.617   -0.015  -12.192 1.00 0.54  ? 48  LYS A HB2  1 
ATOM 721  H HB3  . LYS A 1 48  ? 6.033   0.080   -10.487 1.00 0.48  ? 48  LYS A HB3  1 
ATOM 722  H HG2  . LYS A 1 48  ? 7.108   -2.043  -10.553 1.00 0.76  ? 48  LYS A HG2  1 
ATOM 723  H HG3  . LYS A 1 48  ? 6.505   -2.360  -12.181 1.00 0.69  ? 48  LYS A HG3  1 
ATOM 724  H HD2  . LYS A 1 48  ? 8.835   -1.689  -12.269 1.00 1.61  ? 48  LYS A HD2  1 
ATOM 725  H HD3  . LYS A 1 48  ? 7.822   -0.454  -13.017 1.00 1.78  ? 48  LYS A HD3  1 
ATOM 726  H HE2  . LYS A 1 48  ? 7.900   0.822   -10.892 1.00 2.17  ? 48  LYS A HE2  1 
ATOM 727  H HE3  . LYS A 1 48  ? 9.012   -0.385  -10.246 1.00 2.17  ? 48  LYS A HE3  1 
ATOM 728  H HZ1  . LYS A 1 48  ? 10.550  0.163   -12.056 1.00 2.54  ? 48  LYS A HZ1  1 
ATOM 729  H HZ2  . LYS A 1 48  ? 9.493   1.369   -12.596 1.00 2.46  ? 48  LYS A HZ2  1 
ATOM 730  H HZ3  . LYS A 1 48  ? 10.227  1.504   -11.078 1.00 2.50  ? 48  LYS A HZ3  1 
ATOM 731  N N    . PHE A 1 49  ? 4.231   -3.302  -9.690  1.00 0.41  ? 49  PHE A N    1 
ATOM 732  C CA   . PHE A 1 49  ? 4.297   -4.155  -8.507  1.00 0.41  ? 49  PHE A CA   1 
ATOM 733  C C    . PHE A 1 49  ? 4.982   -5.482  -8.814  1.00 0.42  ? 49  PHE A C    1 
ATOM 734  O O    . PHE A 1 49  ? 4.776   -6.071  -9.874  1.00 0.57  ? 49  PHE A O    1 
ATOM 735  C CB   . PHE A 1 49  ? 2.889   -4.414  -7.959  1.00 0.53  ? 49  PHE A CB   1 
ATOM 736  C CG   . PHE A 1 49  ? 1.981   -5.124  -8.927  1.00 0.63  ? 49  PHE A CG   1 
ATOM 737  C CD1  . PHE A 1 49  ? 1.216   -4.405  -9.831  1.00 0.75  ? 49  PHE A CD1  1 
ATOM 738  C CD2  . PHE A 1 49  ? 1.892   -6.507  -8.930  1.00 0.68  ? 49  PHE A CD2  1 
ATOM 739  C CE1  . PHE A 1 49  ? 0.379   -5.053  -10.721 1.00 0.89  ? 49  PHE A CE1  1 
ATOM 740  C CE2  . PHE A 1 49  ? 1.058   -7.160  -9.818  1.00 0.81  ? 49  PHE A CE2  1 
ATOM 741  C CZ   . PHE A 1 49  ? 0.301   -6.432  -10.715 1.00 0.91  ? 49  PHE A CZ   1 
ATOM 742  H H    . PHE A 1 49  ? 3.983   -3.696  -10.553 1.00 0.52  ? 49  PHE A H    1 
ATOM 743  H HA   . PHE A 1 49  ? 4.870   -3.634  -7.757  1.00 0.37  ? 49  PHE A HA   1 
ATOM 744  H HB2  . PHE A 1 49  ? 2.964   -5.022  -7.071  1.00 0.53  ? 49  PHE A HB2  1 
ATOM 745  H HB3  . PHE A 1 49  ? 2.432   -3.469  -7.704  1.00 0.59  ? 49  PHE A HB3  1 
ATOM 746  H HD1  . PHE A 1 49  ? 1.277   -3.328  -9.838  1.00 0.78  ? 49  PHE A HD1  1 
ATOM 747  H HD2  . PHE A 1 49  ? 2.485   -7.078  -8.230  1.00 0.68  ? 49  PHE A HD2  1 
ATOM 748  H HE1  . PHE A 1 49  ? -0.212  -4.482  -11.420 1.00 1.02  ? 49  PHE A HE1  1 
ATOM 749  H HE2  . PHE A 1 49  ? 0.998   -8.239  -9.811  1.00 0.88  ? 49  PHE A HE2  1 
ATOM 750  H HZ   . PHE A 1 49  ? -0.352  -6.941  -11.409 1.00 1.04  ? 49  PHE A HZ   1 
ATOM 751  N N    . GLN A 1 50  ? 5.800   -5.945  -7.874  1.00 0.33  ? 50  GLN A N    1 
ATOM 752  C CA   . GLN A 1 50  ? 6.507   -7.208  -8.031  1.00 0.35  ? 50  GLN A CA   1 
ATOM 753  C C    . GLN A 1 50  ? 5.973   -8.238  -7.042  1.00 0.35  ? 50  GLN A C    1 
ATOM 754  O O    . GLN A 1 50  ? 6.519   -8.407  -5.953  1.00 0.38  ? 50  GLN A O    1 
ATOM 755  C CB   . GLN A 1 50  ? 8.012   -7.018  -7.824  1.00 0.44  ? 50  GLN A CB   1 
ATOM 756  C CG   . GLN A 1 50  ? 8.819   -8.286  -8.053  1.00 0.48  ? 50  GLN A CG   1 
ATOM 757  C CD   . GLN A 1 50  ? 10.257  -8.165  -7.584  1.00 1.18  ? 50  GLN A CD   1 
ATOM 758  O OE1  . GLN A 1 50  ? 10.873  -9.152  -7.183  1.00 2.01  ? 50  GLN A OE1  1 
ATOM 759  N NE2  . GLN A 1 50  ? 10.801  -6.956  -7.633  1.00 1.79  ? 50  GLN A NE2  1 
ATOM 760  H H    . GLN A 1 50  ? 5.929   -5.424  -7.054  1.00 0.35  ? 50  GLN A H    1 
ATOM 761  H HA   . GLN A 1 50  ? 6.332   -7.565  -9.036  1.00 0.38  ? 50  GLN A HA   1 
ATOM 762  H HB2  . GLN A 1 50  ? 8.366   -6.261  -8.509  1.00 0.57  ? 50  GLN A HB2  1 
ATOM 763  H HB3  . GLN A 1 50  ? 8.185   -6.685  -6.811  1.00 0.50  ? 50  GLN A HB3  1 
ATOM 764  H HG2  . GLN A 1 50  ? 8.351   -9.097  -7.514  1.00 0.94  ? 50  GLN A HG2  1 
ATOM 765  H HG3  . GLN A 1 50  ? 8.818   -8.511  -9.110  1.00 1.17  ? 50  GLN A HG3  1 
ATOM 766  H HE21 . GLN A 1 50  ? 10.254  -6.214  -7.964  1.00 2.00  ? 50  GLN A HE21 1 
ATOM 767  H HE22 . GLN A 1 50  ? 11.729  -6.853  -7.334  1.00 2.42  ? 50  GLN A HE22 1 
ATOM 768  N N    . THR A 1 51  ? 4.894   -8.912  -7.425  1.00 0.41  ? 51  THR A N    1 
ATOM 769  C CA   . THR A 1 51  ? 4.278   -9.923  -6.572  1.00 0.47  ? 51  THR A CA   1 
ATOM 770  C C    . THR A 1 51  ? 4.721   -11.325 -6.970  1.00 0.50  ? 51  THR A C    1 
ATOM 771  O O    . THR A 1 51  ? 5.524   -11.955 -6.282  1.00 0.57  ? 51  THR A O    1 
ATOM 772  C CB   . THR A 1 51  ? 2.739   -9.843  -6.632  1.00 0.66  ? 51  THR A CB   1 
ATOM 773  O OG1  . THR A 1 51  ? 2.298   -9.845  -7.995  1.00 1.35  ? 51  THR A OG1  1 
ATOM 774  C CG2  . THR A 1 51  ? 2.231   -8.590  -5.936  1.00 1.16  ? 51  THR A CG2  1 
ATOM 775  H H    . THR A 1 51  ? 4.500   -8.726  -8.303  1.00 0.45  ? 51  THR A H    1 
ATOM 776  H HA   . THR A 1 51  ? 4.587   -9.736  -5.557  1.00 0.47  ? 51  THR A HA   1 
ATOM 777  H HB   . THR A 1 51  ? 2.328   -10.706 -6.128  1.00 1.10  ? 51  THR A HB   1 
ATOM 778  H HG1  . THR A 1 51  ? 1.644   -10.536 -8.118  1.00 1.69  ? 51  THR A HG1  1 
ATOM 779  H HG21 . THR A 1 51  ? 2.769   -7.730  -6.305  1.00 1.70  ? 51  THR A HG21 1 
ATOM 780  H HG22 . THR A 1 51  ? 1.177   -8.469  -6.137  1.00 1.64  ? 51  THR A HG22 1 
ATOM 781  H HG23 . THR A 1 51  ? 2.386   -8.682  -4.872  1.00 1.73  ? 51  THR A HG23 1 
ATOM 782  N N    . GLY A 1 52  ? 4.189   -11.800 -8.086  1.00 0.81  ? 52  GLY A N    1 
ATOM 783  C CA   . GLY A 1 52  ? 4.531   -13.116 -8.583  1.00 0.92  ? 52  GLY A CA   1 
ATOM 784  C C    . GLY A 1 52  ? 4.458   -13.165 -10.090 1.00 1.12  ? 52  GLY A C    1 
ATOM 785  O O    . GLY A 1 52  ? 4.220   -14.219 -10.681 1.00 1.48  ? 52  GLY A O    1 
ATOM 786  H H    . GLY A 1 52  ? 3.553   -11.247 -8.584  1.00 1.09  ? 52  GLY A H    1 
ATOM 787  H HA2  . GLY A 1 52  ? 5.534   -13.363 -8.267  1.00 0.98  ? 52  GLY A HA2  1 
ATOM 788  H HA3  . GLY A 1 52  ? 3.841   -13.839 -8.174  1.00 1.13  ? 52  GLY A HA3  1 
ATOM 789  N N    . SER A 1 53  ? 4.671   -12.008 -10.712 1.00 1.25  ? 53  SER A N    1 
ATOM 790  C CA   . SER A 1 53  ? 4.622   -11.887 -12.162 1.00 1.82  ? 53  SER A CA   1 
ATOM 791  C C    . SER A 1 53  ? 5.813   -12.568 -12.825 1.00 2.15  ? 53  SER A C    1 
ATOM 792  O O    . SER A 1 53  ? 6.043   -12.391 -14.019 1.00 2.58  ? 53  SER A O    1 
ATOM 793  C CB   . SER A 1 53  ? 4.585   -10.413 -12.560 1.00 2.12  ? 53  SER A CB   1 
ATOM 794  O OG   . SER A 1 53  ? 3.500   -9.747  -11.942 1.00 2.50  ? 53  SER A OG   1 
ATOM 795  H H    . SER A 1 53  ? 4.865   -11.211 -10.175 1.00 1.15  ? 53  SER A H    1 
ATOM 796  H HA   . SER A 1 53  ? 3.715   -12.361 -12.503 1.00 1.98  ? 53  SER A HA   1 
ATOM 797  H HB2  . SER A 1 53  ? 5.505   -9.936  -12.254 1.00 2.41  ? 53  SER A HB2  1 
ATOM 798  H HB3  . SER A 1 53  ? 4.478   -10.335 -13.631 1.00 2.50  ? 53  SER A HB3  1 
ATOM 799  H HG   . SER A 1 53  ? 2.712   -9.852  -12.481 1.00 2.74  ? 53  SER A HG   1 
ATOM 800  N N    . ASN A 1 54  ? 6.569   -13.335 -12.043 1.00 2.52  ? 54  ASN A N    1 
ATOM 801  C CA   . ASN A 1 54  ? 7.731   -14.056 -12.551 1.00 2.97  ? 54  ASN A CA   1 
ATOM 802  C C    . ASN A 1 54  ? 8.839   -13.101 -12.990 1.00 2.71  ? 54  ASN A C    1 
ATOM 803  O O    . ASN A 1 54  ? 8.580   -12.065 -13.600 1.00 2.85  ? 54  ASN A O    1 
ATOM 804  C CB   . ASN A 1 54  ? 7.321   -14.975 -13.711 1.00 3.53  ? 54  ASN A CB   1 
ATOM 805  C CG   . ASN A 1 54  ? 7.941   -14.574 -15.036 1.00 3.76  ? 54  ASN A CG   1 
ATOM 806  O OD1  . ASN A 1 54  ? 7.414   -13.724 -15.752 1.00 4.04  ? 54  ASN A OD1  1 
ATOM 807  N ND2  . ASN A 1 54  ? 9.063   -15.194 -15.372 1.00 4.06  ? 54  ASN A ND2  1 
ATOM 808  H H    . ASN A 1 54  ? 6.342   -13.415 -11.094 1.00 2.81  ? 54  ASN A H    1 
ATOM 809  H HA   . ASN A 1 54  ? 8.109   -14.668 -11.747 1.00 3.39  ? 54  ASN A HA   1 
ATOM 810  H HB2  . ASN A 1 54  ? 7.629   -15.985 -13.486 1.00 3.83  ? 54  ASN A HB2  1 
ATOM 811  H HB3  . ASN A 1 54  ? 6.245   -14.950 -13.817 1.00 3.97  ? 54  ASN A HB3  1 
ATOM 812  H HD21 . ASN A 1 54  ? 9.423   -15.865 -14.756 1.00 4.12  ? 54  ASN A HD21 1 
ATOM 813  H HD22 . ASN A 1 54  ? 9.487   -14.955 -16.222 1.00 4.44  ? 54  ASN A HD22 1 
ATOM 814  N N    . SER A 1 55  ? 10.075  -13.470 -12.660 1.00 2.85  ? 55  SER A N    1 
ATOM 815  C CA   . SER A 1 55  ? 11.253  -12.683 -13.015 1.00 2.83  ? 55  SER A CA   1 
ATOM 816  C C    . SER A 1 55  ? 11.286  -11.337 -12.298 1.00 2.28  ? 55  SER A C    1 
ATOM 817  O O    . SER A 1 55  ? 11.991  -11.177 -11.303 1.00 2.81  ? 55  SER A O    1 
ATOM 818  C CB   . SER A 1 55  ? 11.325  -12.470 -14.527 1.00 3.39  ? 55  SER A CB   1 
ATOM 819  O OG   . SER A 1 55  ? 11.389  -13.708 -15.211 1.00 3.63  ? 55  SER A OG   1 
ATOM 820  H H    . SER A 1 55  ? 10.199  -14.302 -12.157 1.00 3.26  ? 55  SER A H    1 
ATOM 821  H HA   . SER A 1 55  ? 12.121  -13.250 -12.709 1.00 3.12  ? 55  SER A HA   1 
ATOM 822  H HB2  . SER A 1 55  ? 10.447  -11.937 -14.856 1.00 3.83  ? 55  SER A HB2  1 
ATOM 823  H HB3  . SER A 1 55  ? 12.206  -11.894 -14.767 1.00 3.56  ? 55  SER A HB3  1 
ATOM 824  H HG   . SER A 1 55  ? 11.064  -14.407 -14.639 1.00 3.97  ? 55  SER A HG   1 
ATOM 825  N N    . ALA A 1 56  ? 10.528  -10.371 -12.802 1.00 1.60  ? 56  ALA A N    1 
ATOM 826  C CA   . ALA A 1 56  ? 10.509  -9.043  -12.204 1.00 1.41  ? 56  ALA A CA   1 
ATOM 827  C C    . ALA A 1 56  ? 9.090   -8.536  -11.969 1.00 1.23  ? 56  ALA A C    1 
ATOM 828  O O    . ALA A 1 56  ? 8.126   -9.301  -11.991 1.00 1.37  ? 56  ALA A O    1 
ATOM 829  C CB   . ALA A 1 56  ? 11.277  -8.071  -13.086 1.00 1.39  ? 56  ALA A CB   1 
ATOM 830  H H    . ALA A 1 56  ? 9.973   -10.554 -13.588 1.00 1.67  ? 56  ALA A H    1 
ATOM 831  H HA   . ALA A 1 56  ? 11.018  -9.102  -11.253 1.00 1.89  ? 56  ALA A HA   1 
ATOM 832  H HB1  . ALA A 1 56  ? 12.277  -8.447  -13.252 1.00 1.72  ? 56  ALA A HB1  1 
ATOM 833  H HB2  . ALA A 1 56  ? 11.331  -7.108  -12.600 1.00 1.68  ? 56  ALA A HB2  1 
ATOM 834  H HB3  . ALA A 1 56  ? 10.771  -7.967  -14.034 1.00 1.82  ? 56  ALA A HB3  1 
ATOM 835  N N    . PHE A 1 57  ? 8.985   -7.232  -11.737 1.00 1.12  ? 57  PHE A N    1 
ATOM 836  C CA   . PHE A 1 57  ? 7.704   -6.581  -11.490 1.00 0.96  ? 57  PHE A CA   1 
ATOM 837  C C    . PHE A 1 57  ? 6.818   -6.591  -12.731 1.00 0.99  ? 57  PHE A C    1 
ATOM 838  O O    . PHE A 1 57  ? 7.215   -7.074  -13.793 1.00 1.10  ? 57  PHE A O    1 
ATOM 839  C CB   . PHE A 1 57  ? 7.937   -5.139  -11.033 1.00 0.84  ? 57  PHE A CB   1 
ATOM 840  C CG   . PHE A 1 57  ? 9.102   -4.479  -11.719 1.00 0.94  ? 57  PHE A CG   1 
ATOM 841  C CD1  . PHE A 1 57  ? 9.031   -4.129  -13.058 1.00 0.96  ? 57  PHE A CD1  1 
ATOM 842  C CD2  . PHE A 1 57  ? 10.272  -4.220  -11.025 1.00 1.10  ? 57  PHE A CD2  1 
ATOM 843  C CE1  . PHE A 1 57  ? 10.103  -3.529  -13.690 1.00 1.14  ? 57  PHE A CE1  1 
ATOM 844  C CE2  . PHE A 1 57  ? 11.349  -3.621  -11.651 1.00 1.28  ? 57  PHE A CE2  1 
ATOM 845  C CZ   . PHE A 1 57  ? 11.264  -3.275  -12.985 1.00 1.31  ? 57  PHE A CZ   1 
ATOM 846  H H    . PHE A 1 57  ? 9.801   -6.690  -11.728 1.00 1.30  ? 57  PHE A H    1 
ATOM 847  H HA   . PHE A 1 57  ? 7.205   -7.121  -10.700 1.00 0.97  ? 57  PHE A HA   1 
ATOM 848  H HB2  . PHE A 1 57  ? 7.053   -4.555  -11.242 1.00 0.76  ? 57  PHE A HB2  1 
ATOM 849  H HB3  . PHE A 1 57  ? 8.126   -5.131  -9.970  1.00 0.84  ? 57  PHE A HB3  1 
ATOM 850  H HD1  . PHE A 1 57  ? 8.123   -4.326  -13.610 1.00 0.88  ? 57  PHE A HD1  1 
ATOM 851  H HD2  . PHE A 1 57  ? 10.339  -4.489  -9.980  1.00 1.13  ? 57  PHE A HD2  1 
ATOM 852  H HE1  . PHE A 1 57  ? 10.034  -3.258  -14.733 1.00 1.20  ? 57  PHE A HE1  1 
ATOM 853  H HE2  . PHE A 1 57  ? 12.256  -3.424  -11.097 1.00 1.44  ? 57  PHE A HE2  1 
ATOM 854  H HZ   . PHE A 1 57  ? 12.105  -2.807  -13.476 1.00 1.48  ? 57  PHE A HZ   1 
ATOM 855  N N    . ASP A 1 58  ? 5.613   -6.047  -12.584 1.00 0.92  ? 58  ASP A N    1 
ATOM 856  C CA   . ASP A 1 58  ? 4.654   -5.980  -13.679 1.00 0.97  ? 58  ASP A CA   1 
ATOM 857  C C    . ASP A 1 58  ? 3.933   -4.637  -13.669 1.00 0.82  ? 58  ASP A C    1 
ATOM 858  O O    . ASP A 1 58  ? 3.282   -4.281  -12.687 1.00 0.79  ? 58  ASP A O    1 
ATOM 859  C CB   . ASP A 1 58  ? 3.642   -7.122  -13.565 1.00 1.05  ? 58  ASP A CB   1 
ATOM 860  C CG   . ASP A 1 58  ? 2.671   -7.158  -14.727 1.00 1.26  ? 58  ASP A CG   1 
ATOM 861  O OD1  . ASP A 1 58  ? 3.046   -7.676  -15.799 1.00 1.44  ? 58  ASP A OD1  1 
ATOM 862  O OD2  . ASP A 1 58  ? 1.533   -6.672  -14.564 1.00 1.67  ? 58  ASP A OD2  1 
ATOM 863  H H    . ASP A 1 58  ? 5.364   -5.677  -11.713 1.00 0.86  ? 58  ASP A H    1 
ATOM 864  H HA   . ASP A 1 58  ? 5.199   -6.080  -14.606 1.00 1.09  ? 58  ASP A HA   1 
ATOM 865  H HB2  . ASP A 1 58  ? 4.173   -8.061  -13.536 1.00 1.11  ? 58  ASP A HB2  1 
ATOM 866  H HB3  . ASP A 1 58  ? 3.078   -7.003  -12.651 1.00 0.94  ? 58  ASP A HB3  1 
ATOM 867  N N    . VAL A 1 59  ? 4.055   -3.893  -14.762 1.00 0.89  ? 59  VAL A N    1 
ATOM 868  C CA   . VAL A 1 59  ? 3.419   -2.586  -14.869 1.00 0.83  ? 59  VAL A CA   1 
ATOM 869  C C    . VAL A 1 59  ? 1.982   -2.698  -15.369 1.00 0.77  ? 59  VAL A C    1 
ATOM 870  O O    . VAL A 1 59  ? 1.725   -3.229  -16.449 1.00 0.93  ? 59  VAL A O    1 
ATOM 871  C CB   . VAL A 1 59  ? 4.207   -1.647  -15.803 1.00 1.02  ? 59  VAL A CB   1 
ATOM 872  C CG1  . VAL A 1 59  ? 5.451   -1.123  -15.108 1.00 1.32  ? 59  VAL A CG1  1 
ATOM 873  C CG2  . VAL A 1 59  ? 4.575   -2.357  -17.096 1.00 1.64  ? 59  VAL A CG2  1 
ATOM 874  H H    . VAL A 1 59  ? 4.585   -4.232  -15.514 1.00 1.07  ? 59  VAL A H    1 
ATOM 875  H HA   . VAL A 1 59  ? 3.408   -2.145  -13.882 1.00 0.79  ? 59  VAL A HA   1 
ATOM 876  H HB   . VAL A 1 59  ? 3.577   -0.804  -16.048 1.00 1.55  ? 59  VAL A HB   1 
ATOM 877  H HG11 . VAL A 1 59  ? 6.050   -1.954  -14.767 1.00 2.03  ? 59  VAL A HG11 1 
ATOM 878  H HG12 . VAL A 1 59  ? 6.025   -0.525  -15.798 1.00 1.85  ? 59  VAL A HG12 1 
ATOM 879  H HG13 . VAL A 1 59  ? 5.162   -0.516  -14.261 1.00 1.46  ? 59  VAL A HG13 1 
ATOM 880  H HG21 . VAL A 1 59  ? 5.157   -3.238  -16.870 1.00 2.10  ? 59  VAL A HG21 1 
ATOM 881  H HG22 . VAL A 1 59  ? 3.674   -2.645  -17.618 1.00 2.31  ? 59  VAL A HG22 1 
ATOM 882  H HG23 . VAL A 1 59  ? 5.155   -1.692  -17.719 1.00 1.94  ? 59  VAL A HG23 1 
ATOM 883  N N    . VAL A 1 60  ? 1.050   -2.193  -14.566 1.00 0.61  ? 60  VAL A N    1 
ATOM 884  C CA   . VAL A 1 60  ? -0.364  -2.220  -14.918 1.00 0.62  ? 60  VAL A CA   1 
ATOM 885  C C    . VAL A 1 60  ? -0.961  -0.819  -14.840 1.00 0.49  ? 60  VAL A C    1 
ATOM 886  O O    . VAL A 1 60  ? -1.075  -0.244  -13.758 1.00 0.45  ? 60  VAL A O    1 
ATOM 887  C CB   . VAL A 1 60  ? -1.161  -3.161  -13.993 1.00 0.76  ? 60  VAL A CB   1 
ATOM 888  C CG1  . VAL A 1 60  ? -2.633  -3.177  -14.377 1.00 1.21  ? 60  VAL A CG1  1 
ATOM 889  C CG2  . VAL A 1 60  ? -0.582  -4.565  -14.037 1.00 1.34  ? 60  VAL A CG2  1 
ATOM 890  H H    . VAL A 1 60  ? 1.321   -1.792  -13.714 1.00 0.56  ? 60  VAL A H    1 
ATOM 891  H HA   . VAL A 1 60  ? -0.451  -2.583  -15.932 1.00 0.74  ? 60  VAL A HA   1 
ATOM 892  H HB   . VAL A 1 60  ? -1.079  -2.793  -12.980 1.00 1.18  ? 60  VAL A HB   1 
ATOM 893  H HG11 . VAL A 1 60  ? -3.037  -2.178  -14.302 1.00 1.78  ? 60  VAL A HG11 1 
ATOM 894  H HG12 . VAL A 1 60  ? -2.736  -3.530  -15.393 1.00 1.60  ? 60  VAL A HG12 1 
ATOM 895  H HG13 . VAL A 1 60  ? -3.173  -3.834  -13.711 1.00 1.60  ? 60  VAL A HG13 1 
ATOM 896  H HG21 . VAL A 1 60  ? 0.473   -4.527  -13.810 1.00 1.87  ? 60  VAL A HG21 1 
ATOM 897  H HG22 . VAL A 1 60  ? -1.084  -5.185  -13.309 1.00 1.80  ? 60  VAL A HG22 1 
ATOM 898  H HG23 . VAL A 1 60  ? -0.721  -4.981  -15.023 1.00 1.81  ? 60  VAL A HG23 1 
ATOM 899  N N    . GLU A 1 61  ? -1.331  -0.276  -15.995 1.00 0.52  ? 61  GLU A N    1 
ATOM 900  C CA   . GLU A 1 61  ? -1.911  1.060   -16.064 1.00 0.53  ? 61  GLU A CA   1 
ATOM 901  C C    . GLU A 1 61  ? -3.106  1.192   -15.126 1.00 0.51  ? 61  GLU A C    1 
ATOM 902  O O    . GLU A 1 61  ? -3.941  0.292   -15.030 1.00 0.68  ? 61  GLU A O    1 
ATOM 903  C CB   . GLU A 1 61  ? -2.332  1.378   -17.497 1.00 0.71  ? 61  GLU A CB   1 
ATOM 904  C CG   . GLU A 1 61  ? -3.126  0.266   -18.157 1.00 1.41  ? 61  GLU A CG   1 
ATOM 905  C CD   . GLU A 1 61  ? -3.439  0.562   -19.609 1.00 1.87  ? 61  GLU A CD   1 
ATOM 906  O OE1  . GLU A 1 61  ? -2.519  0.461   -20.447 1.00 2.52  ? 61  GLU A OE1  1 
ATOM 907  O OE2  . GLU A 1 61  ? -4.604  0.894   -19.908 1.00 2.12  ? 61  GLU A OE2  1 
ATOM 908  H H    . GLU A 1 61  ? -1.208  -0.787  -16.823 1.00 0.60  ? 61  GLU A H    1 
ATOM 909  H HA   . GLU A 1 61  ? -1.152  1.763   -15.758 1.00 0.52  ? 61  GLU A HA   1 
ATOM 910  H HB2  . GLU A 1 61  ? -2.940  2.272   -17.490 1.00 1.14  ? 61  GLU A HB2  1 
ATOM 911  H HB3  . GLU A 1 61  ? -1.447  1.560   -18.088 1.00 1.26  ? 61  GLU A HB3  1 
ATOM 912  H HG2  . GLU A 1 61  ? -2.553  -0.647  -18.107 1.00 2.00  ? 61  GLU A HG2  1 
ATOM 913  H HG3  . GLU A 1 61  ? -4.055  0.137   -17.621 1.00 2.03  ? 61  GLU A HG3  1 
ATOM 914  N N    . VAL A 1 62  ? -3.178  2.325   -14.438 1.00 0.42  ? 62  VAL A N    1 
ATOM 915  C CA   . VAL A 1 62  ? -4.260  2.590   -13.500 1.00 0.45  ? 62  VAL A CA   1 
ATOM 916  C C    . VAL A 1 62  ? -4.978  3.889   -13.852 1.00 0.38  ? 62  VAL A C    1 
ATOM 917  O O    . VAL A 1 62  ? -4.450  4.716   -14.596 1.00 0.48  ? 62  VAL A O    1 
ATOM 918  C CB   . VAL A 1 62  ? -3.725  2.681   -12.054 1.00 0.59  ? 62  VAL A CB   1 
ATOM 919  C CG1  . VAL A 1 62  ? -4.864  2.734   -11.049 1.00 1.62  ? 62  VAL A CG1  1 
ATOM 920  C CG2  . VAL A 1 62  ? -2.804  1.510   -11.757 1.00 1.31  ? 62  VAL A CG2  1 
ATOM 921  H H    . VAL A 1 62  ? -2.482  3.004   -14.564 1.00 0.44  ? 62  VAL A H    1 
ATOM 922  H HA   . VAL A 1 62  ? -4.962  1.772   -13.554 1.00 0.58  ? 62  VAL A HA   1 
ATOM 923  H HB   . VAL A 1 62  ? -3.152  3.592   -11.962 1.00 1.05  ? 62  VAL A HB   1 
ATOM 924  H HG11 . VAL A 1 62  ? -5.481  3.596   -11.248 1.00 2.15  ? 62  VAL A HG11 1 
ATOM 925  H HG12 . VAL A 1 62  ? -5.460  1.838   -11.131 1.00 2.15  ? 62  VAL A HG12 1 
ATOM 926  H HG13 . VAL A 1 62  ? -4.459  2.806   -10.051 1.00 2.03  ? 62  VAL A HG13 1 
ATOM 927  H HG21 . VAL A 1 62  ? -3.330  0.584   -11.939 1.00 1.84  ? 62  VAL A HG21 1 
ATOM 928  H HG22 . VAL A 1 62  ? -1.936  1.563   -12.397 1.00 1.96  ? 62  VAL A HG22 1 
ATOM 929  H HG23 . VAL A 1 62  ? -2.493  1.552   -10.724 1.00 1.62  ? 62  VAL A HG23 1 
ATOM 930  N N    . GLU A 1 63  ? -6.186  4.057   -13.322 1.00 0.42  ? 63  GLU A N    1 
ATOM 931  C CA   . GLU A 1 63  ? -6.975  5.258   -13.570 1.00 0.49  ? 63  GLU A CA   1 
ATOM 932  C C    . GLU A 1 63  ? -6.204  6.508   -13.164 1.00 0.58  ? 63  GLU A C    1 
ATOM 933  O O    . GLU A 1 63  ? -5.129  6.424   -12.569 1.00 0.85  ? 63  GLU A O    1 
ATOM 934  C CB   . GLU A 1 63  ? -8.291  5.200   -12.795 1.00 0.66  ? 63  GLU A CB   1 
ATOM 935  C CG   . GLU A 1 63  ? -9.206  4.070   -13.229 1.00 1.61  ? 63  GLU A CG   1 
ATOM 936  C CD   . GLU A 1 63  ? -9.693  4.240   -14.651 1.00 2.44  ? 63  GLU A CD   1 
ATOM 937  O OE1  . GLU A 1 63  ? -10.591 5.076   -14.872 1.00 3.04  ? 63  GLU A OE1  1 
ATOM 938  O OE2  . GLU A 1 63  ? -9.172  3.541   -15.544 1.00 3.03  ? 63  GLU A OE2  1 
ATOM 939  H H    . GLU A 1 63  ? -6.557  3.353   -12.750 1.00 0.51  ? 63  GLU A H    1 
ATOM 940  H HA   . GLU A 1 63  ? -7.188  5.305   -14.627 1.00 0.51  ? 63  GLU A HA   1 
ATOM 941  H HB2  . GLU A 1 63  ? -8.072  5.074   -11.746 1.00 1.00  ? 63  GLU A HB2  1 
ATOM 942  H HB3  . GLU A 1 63  ? -8.817  6.133   -12.934 1.00 1.00  ? 63  GLU A HB3  1 
ATOM 943  H HG2  . GLU A 1 63  ? -8.666  3.138   -13.158 1.00 1.85  ? 63  GLU A HG2  1 
ATOM 944  H HG3  . GLU A 1 63  ? -10.061 4.042   -12.569 1.00 2.32  ? 63  GLU A HG3  1 
ATOM 945  N N    . GLU A 1 64  ? -6.763  7.668   -13.488 1.00 0.64  ? 64  GLU A N    1 
ATOM 946  C CA   . GLU A 1 64  ? -6.136  8.938   -13.153 1.00 0.76  ? 64  GLU A CA   1 
ATOM 947  C C    . GLU A 1 64  ? -6.852  9.591   -11.971 1.00 0.64  ? 64  GLU A C    1 
ATOM 948  O O    . GLU A 1 64  ? -7.844  10.292  -12.158 1.00 0.76  ? 64  GLU A O    1 
ATOM 949  C CB   . GLU A 1 64  ? -6.162  9.874   -14.361 1.00 1.05  ? 64  GLU A CB   1 
ATOM 950  C CG   . GLU A 1 64  ? -5.557  9.265   -15.613 1.00 1.75  ? 64  GLU A CG   1 
ATOM 951  C CD   . GLU A 1 64  ? -5.640  10.191  -16.809 1.00 2.13  ? 64  GLU A CD   1 
ATOM 952  O OE1  . GLU A 1 64  ? -6.758  10.393  -17.326 1.00 2.58  ? 64  GLU A OE1  1 
ATOM 953  O OE2  . GLU A 1 64  ? -4.588  10.713  -17.228 1.00 2.46  ? 64  GLU A OE2  1 
ATOM 954  H H    . GLU A 1 64  ? -7.621  7.668   -13.963 1.00 0.76  ? 64  GLU A H    1 
ATOM 955  H HA   . GLU A 1 64  ? -5.110  8.742   -12.882 1.00 0.82  ? 64  GLU A HA   1 
ATOM 956  H HB2  . GLU A 1 64  ? -7.188  10.140  -14.575 1.00 1.52  ? 64  GLU A HB2  1 
ATOM 957  H HB3  . GLU A 1 64  ? -5.611  10.772  -14.119 1.00 1.46  ? 64  GLU A HB3  1 
ATOM 958  H HG2  . GLU A 1 64  ? -4.518  9.042   -15.422 1.00 2.41  ? 64  GLU A HG2  1 
ATOM 959  H HG3  . GLU A 1 64  ? -6.084  8.352   -15.845 1.00 2.19  ? 64  GLU A HG3  1 
ATOM 960  N N    . PRO A 1 65  ? -6.367  9.363   -10.734 1.00 0.52  ? 65  PRO A N    1 
ATOM 961  C CA   . PRO A 1 65  ? -6.982  9.937   -9.532  1.00 0.43  ? 65  PRO A CA   1 
ATOM 962  C C    . PRO A 1 65  ? -7.003  11.457  -9.564  1.00 0.39  ? 65  PRO A C    1 
ATOM 963  O O    . PRO A 1 65  ? -6.359  12.083  -10.407 1.00 0.51  ? 65  PRO A O    1 
ATOM 964  C CB   . PRO A 1 65  ? -6.090  9.444   -8.386  1.00 0.58  ? 65  PRO A CB   1 
ATOM 965  C CG   . PRO A 1 65  ? -4.816  9.033   -9.035  1.00 0.67  ? 65  PRO A CG   1 
ATOM 966  C CD   . PRO A 1 65  ? -5.191  8.542   -10.402 1.00 0.68  ? 65  PRO A CD   1 
ATOM 967  H HA   . PRO A 1 65  ? -7.987  9.568   -9.393  1.00 0.43  ? 65  PRO A HA   1 
ATOM 968  H HB2  . PRO A 1 65  ? -5.932  10.246  -7.681  1.00 0.58  ? 65  PRO A HB2  1 
ATOM 969  H HB3  . PRO A 1 65  ? -6.565  8.611   -7.891  1.00 0.71  ? 65  PRO A HB3  1 
ATOM 970  H HG2  . PRO A 1 65  ? -4.151  9.881   -9.109  1.00 0.66  ? 65  PRO A HG2  1 
ATOM 971  H HG3  . PRO A 1 65  ? -4.353  8.240   -8.466  1.00 0.86  ? 65  PRO A HG3  1 
ATOM 972  H HD2  . PRO A 1 65  ? -4.386  8.716   -11.103 1.00 0.83  ? 65  PRO A HD2  1 
ATOM 973  H HD3  . PRO A 1 65  ? -5.449  7.493   -10.373 1.00 0.84  ? 65  PRO A HD3  1 
ATOM 974  N N    . ALA A 1 66  ? -7.749  12.047  -8.638  1.00 0.44  ? 66  ALA A N    1 
ATOM 975  C CA   . ALA A 1 66  ? -7.860  13.494  -8.554  1.00 0.49  ? 66  ALA A CA   1 
ATOM 976  C C    . ALA A 1 66  ? -7.849  13.957  -7.102  1.00 0.49  ? 66  ALA A C    1 
ATOM 977  O O    . ALA A 1 66  ? -8.886  14.321  -6.548  1.00 0.57  ? 66  ALA A O    1 
ATOM 978  C CB   . ALA A 1 66  ? -9.122  13.970  -9.256  1.00 0.63  ? 66  ALA A CB   1 
ATOM 979  H H    . ALA A 1 66  ? -8.234  11.493  -7.993  1.00 0.56  ? 66  ALA A H    1 
ATOM 980  H HA   . ALA A 1 66  ? -7.009  13.922  -9.063  1.00 0.50  ? 66  ALA A HA   1 
ATOM 981  H HB1  . ALA A 1 66  ? -9.131  13.600  -10.271 1.00 0.98  ? 66  ALA A HB1  1 
ATOM 982  H HB2  . ALA A 1 66  ? -9.989  13.598  -8.729  1.00 1.18  ? 66  ALA A HB2  1 
ATOM 983  H HB3  . ALA A 1 66  ? -9.143  15.050  -9.267  1.00 1.22  ? 66  ALA A HB3  1 
ATOM 984  N N    . GLY A 1 67  ? -6.671  13.925  -6.487  1.00 0.47  ? 67  GLY A N    1 
ATOM 985  C CA   . GLY A 1 67  ? -6.542  14.352  -5.108  1.00 0.53  ? 67  GLY A CA   1 
ATOM 986  C C    . GLY A 1 67  ? -6.592  13.194  -4.121  1.00 0.40  ? 67  GLY A C    1 
ATOM 987  O O    . GLY A 1 67  ? -5.629  12.435  -4.015  1.00 0.47  ? 67  GLY A O    1 
ATOM 988  H H    . GLY A 1 67  ? -5.883  13.607  -6.976  1.00 0.46  ? 67  GLY A H    1 
ATOM 989  H HA2  . GLY A 1 67  ? -5.598  14.864  -4.992  1.00 0.71  ? 67  GLY A HA2  1 
ATOM 990  H HA3  . GLY A 1 67  ? -7.339  15.041  -4.881  1.00 0.59  ? 67  GLY A HA3  1 
ATOM 991  N N    . PRO A 1 68  ? -7.709  13.028  -3.379  1.00 0.31  ? 68  PRO A N    1 
ATOM 992  C CA   . PRO A 1 68  ? -7.847  11.952  -2.388  1.00 0.27  ? 68  PRO A CA   1 
ATOM 993  C C    . PRO A 1 68  ? -7.633  10.566  -2.985  1.00 0.24  ? 68  PRO A C    1 
ATOM 994  O O    . PRO A 1 68  ? -7.948  10.322  -4.150  1.00 0.30  ? 68  PRO A O    1 
ATOM 995  C CB   . PRO A 1 68  ? -9.289  12.097  -1.892  1.00 0.29  ? 68  PRO A CB   1 
ATOM 996  C CG   . PRO A 1 68  ? -9.659  13.507  -2.190  1.00 0.43  ? 68  PRO A CG   1 
ATOM 997  C CD   . PRO A 1 68  ? -8.921  13.866  -3.448  1.00 0.41  ? 68  PRO A CD   1 
ATOM 998  H HA   . PRO A 1 68  ? -7.167  12.090  -1.561  1.00 0.38  ? 68  PRO A HA   1 
ATOM 999  H HB2  . PRO A 1 68  ? -9.925  11.400  -2.419  1.00 0.27  ? 68  PRO A HB2  1 
ATOM 1000 H HB3  . PRO A 1 68  ? -9.329  11.896  -0.831  1.00 0.41  ? 68  PRO A HB3  1 
ATOM 1001 H HG2  . PRO A 1 68  ? -10.724 13.584  -2.344  1.00 0.72  ? 68  PRO A HG2  1 
ATOM 1002 H HG3  . PRO A 1 68  ? -9.348  14.147  -1.377  1.00 0.67  ? 68  PRO A HG3  1 
ATOM 1003 H HD2  . PRO A 1 68  ? -9.512  13.620  -4.317  1.00 0.68  ? 68  PRO A HD2  1 
ATOM 1004 H HD3  . PRO A 1 68  ? -8.664  14.916  -3.449  1.00 0.61  ? 68  PRO A HD3  1 
ATOM 1005 N N    . ALA A 1 69  ? -7.095  9.664   -2.171  1.00 0.24  ? 69  ALA A N    1 
ATOM 1006 C CA   . ALA A 1 69  ? -6.833  8.297   -2.600  1.00 0.24  ? 69  ALA A CA   1 
ATOM 1007 C C    . ALA A 1 69  ? -6.727  7.364   -1.400  1.00 0.26  ? 69  ALA A C    1 
ATOM 1008 O O    . ALA A 1 69  ? -5.824  7.500   -0.574  1.00 0.32  ? 69  ALA A O    1 
ATOM 1009 C CB   . ALA A 1 69  ? -5.564  8.237   -3.433  1.00 0.28  ? 69  ALA A CB   1 
ATOM 1010 H H    . ALA A 1 69  ? -6.868  9.926   -1.254  1.00 0.30  ? 69  ALA A H    1 
ATOM 1011 H HA   . ALA A 1 69  ? -7.659  7.980   -3.218  1.00 0.22  ? 69  ALA A HA   1 
ATOM 1012 H HB1  . ALA A 1 69  ? -5.381  7.217   -3.741  1.00 0.99  ? 69  ALA A HB1  1 
ATOM 1013 H HB2  . ALA A 1 69  ? -4.730  8.590   -2.846  1.00 1.06  ? 69  ALA A HB2  1 
ATOM 1014 H HB3  . ALA A 1 69  ? -5.677  8.861   -4.308  1.00 1.03  ? 69  ALA A HB3  1 
ATOM 1015 N N    . VAL A 1 70  ? -7.655  6.417   -1.308  1.00 0.27  ? 70  VAL A N    1 
ATOM 1016 C CA   . VAL A 1 70  ? -7.669  5.465   -0.204  1.00 0.33  ? 70  VAL A CA   1 
ATOM 1017 C C    . VAL A 1 70  ? -7.069  4.128   -0.625  1.00 0.32  ? 70  VAL A C    1 
ATOM 1018 O O    . VAL A 1 70  ? -7.583  3.462   -1.521  1.00 0.42  ? 70  VAL A O    1 
ATOM 1019 C CB   . VAL A 1 70  ? -9.101  5.228   0.315   1.00 0.39  ? 70  VAL A CB   1 
ATOM 1020 C CG1  . VAL A 1 70  ? -9.082  4.368   1.570   1.00 0.45  ? 70  VAL A CG1  1 
ATOM 1021 C CG2  . VAL A 1 70  ? -9.799  6.554   0.580   1.00 0.47  ? 70  VAL A CG2  1 
ATOM 1022 H H    . VAL A 1 70  ? -8.348  6.357   -1.999  1.00 0.28  ? 70  VAL A H    1 
ATOM 1023 H HA   . VAL A 1 70  ? -7.080  5.877   0.601   1.00 0.37  ? 70  VAL A HA   1 
ATOM 1024 H HB   . VAL A 1 70  ? -9.655  4.700   -0.446  1.00 0.39  ? 70  VAL A HB   1 
ATOM 1025 H HG11 . VAL A 1 70  ? -8.416  3.531   1.424   1.00 1.01  ? 70  VAL A HG11 1 
ATOM 1026 H HG12 . VAL A 1 70  ? -8.739  4.959   2.406   1.00 0.97  ? 70  VAL A HG12 1 
ATOM 1027 H HG13 . VAL A 1 70  ? -10.078 4.003   1.770   1.00 1.27  ? 70  VAL A HG13 1 
ATOM 1028 H HG21 . VAL A 1 70  ? -9.836  7.130   -0.333  1.00 1.21  ? 70  VAL A HG21 1 
ATOM 1029 H HG22 . VAL A 1 70  ? -10.803 6.367   0.928   1.00 0.89  ? 70  VAL A HG22 1 
ATOM 1030 H HG23 . VAL A 1 70  ? -9.252  7.106   1.331   1.00 1.16  ? 70  VAL A HG23 1 
ATOM 1031 N N    . LEU A 1 71  ? -5.979  3.743   0.031   1.00 0.29  ? 71  LEU A N    1 
ATOM 1032 C CA   . LEU A 1 71  ? -5.308  2.482   -0.264  1.00 0.31  ? 71  LEU A CA   1 
ATOM 1033 C C    . LEU A 1 71  ? -5.397  1.539   0.930   1.00 0.34  ? 71  LEU A C    1 
ATOM 1034 O O    . LEU A 1 71  ? -4.732  1.747   1.944   1.00 0.48  ? 71  LEU A O    1 
ATOM 1035 C CB   . LEU A 1 71  ? -3.840  2.732   -0.623  1.00 0.39  ? 71  LEU A CB   1 
ATOM 1036 C CG   . LEU A 1 71  ? -3.032  1.476   -0.962  1.00 0.58  ? 71  LEU A CG   1 
ATOM 1037 C CD1  . LEU A 1 71  ? -3.520  0.862   -2.265  1.00 0.93  ? 71  LEU A CD1  1 
ATOM 1038 C CD2  . LEU A 1 71  ? -1.549  1.803   -1.048  1.00 0.78  ? 71  LEU A CD2  1 
ATOM 1039 H H    . LEU A 1 71  ? -5.616  4.322   0.732   1.00 0.29  ? 71  LEU A H    1 
ATOM 1040 H HA   . LEU A 1 71  ? -5.807  2.029   -1.108  1.00 0.29  ? 71  LEU A HA   1 
ATOM 1041 H HB2  . LEU A 1 71  ? -3.809  3.396   -1.475  1.00 0.41  ? 71  LEU A HB2  1 
ATOM 1042 H HB3  . LEU A 1 71  ? -3.367  3.222   0.213   1.00 0.40  ? 71  LEU A HB3  1 
ATOM 1043 H HG   . LEU A 1 71  ? -3.169  0.746   -0.177  1.00 1.09  ? 71  LEU A HG   1 
ATOM 1044 H HD11 . LEU A 1 71  ? -3.439  1.589   -3.059  1.00 1.40  ? 71  LEU A HD11 1 
ATOM 1045 H HD12 . LEU A 1 71  ? -2.917  -0.002  -2.504  1.00 1.50  ? 71  LEU A HD12 1 
ATOM 1046 H HD13 . LEU A 1 71  ? -4.552  0.560   -2.157  1.00 1.50  ? 71  LEU A HD13 1 
ATOM 1047 H HD21 . LEU A 1 71  ? -1.388  2.549   -1.812  1.00 1.35  ? 71  LEU A HD21 1 
ATOM 1048 H HD22 . LEU A 1 71  ? -1.209  2.183   -0.095  1.00 1.61  ? 71  LEU A HD22 1 
ATOM 1049 H HD23 . LEU A 1 71  ? -0.996  0.908   -1.296  1.00 1.09  ? 71  LEU A HD23 1 
ATOM 1050 N N    . THR A 1 72  ? -6.220  0.502   0.806   1.00 0.31  ? 72  THR A N    1 
ATOM 1051 C CA   . THR A 1 72  ? -6.395  -0.462  1.886   1.00 0.35  ? 72  THR A CA   1 
ATOM 1052 C C    . THR A 1 72  ? -5.915  -1.853  1.482   1.00 0.40  ? 72  THR A C    1 
ATOM 1053 O O    . THR A 1 72  ? -6.580  -2.550  0.719   1.00 0.48  ? 72  THR A O    1 
ATOM 1054 C CB   . THR A 1 72  ? -7.870  -0.548  2.322   1.00 0.42  ? 72  THR A CB   1 
ATOM 1055 O OG1  . THR A 1 72  ? -8.357  0.756   2.660   1.00 0.48  ? 72  THR A OG1  1 
ATOM 1056 C CG2  . THR A 1 72  ? -8.028  -1.477  3.518   1.00 0.47  ? 72  THR A CG2  1 
ATOM 1057 H H    . THR A 1 72  ? -6.719  0.383   -0.028  1.00 0.32  ? 72  THR A H    1 
ATOM 1058 H HA   . THR A 1 72  ? -5.813  -0.124  2.730   1.00 0.35  ? 72  THR A HA   1 
ATOM 1059 H HB   . THR A 1 72  ? -8.451  -0.941  1.500   1.00 0.47  ? 72  THR A HB   1 
ATOM 1060 H HG1  . THR A 1 72  ? -7.762  1.168   3.291   1.00 0.65  ? 72  THR A HG1  1 
ATOM 1061 H HG21 . THR A 1 72  ? -7.420  -1.118  4.335   1.00 0.92  ? 72  THR A HG21 1 
ATOM 1062 H HG22 . THR A 1 72  ? -9.064  -1.498  3.822   1.00 1.09  ? 72  THR A HG22 1 
ATOM 1063 H HG23 . THR A 1 72  ? -7.712  -2.473  3.244   1.00 1.27  ? 72  THR A HG23 1 
ATOM 1064 N N    . ILE A 1 73  ? -4.758  -2.251  2.004   1.00 0.41  ? 73  ILE A N    1 
ATOM 1065 C CA   . ILE A 1 73  ? -4.191  -3.562  1.705   1.00 0.48  ? 73  ILE A CA   1 
ATOM 1066 C C    . ILE A 1 73  ? -4.258  -4.474  2.927   1.00 0.43  ? 73  ILE A C    1 
ATOM 1067 O O    . ILE A 1 73  ? -3.495  -4.310  3.877   1.00 0.38  ? 73  ILE A O    1 
ATOM 1068 C CB   . ILE A 1 73  ? -2.726  -3.447  1.237   1.00 0.56  ? 73  ILE A CB   1 
ATOM 1069 C CG1  . ILE A 1 73  ? -2.626  -2.487  0.049   1.00 0.70  ? 73  ILE A CG1  1 
ATOM 1070 C CG2  . ILE A 1 73  ? -2.176  -4.818  0.870   1.00 0.63  ? 73  ILE A CG2  1 
ATOM 1071 C CD1  . ILE A 1 73  ? -1.205  -2.207  -0.391  1.00 0.72  ? 73  ILE A CD1  1 
ATOM 1072 H H    . ILE A 1 73  ? -4.274  -1.649  2.605   1.00 0.41  ? 73  ILE A H    1 
ATOM 1073 H HA   . ILE A 1 73  ? -4.770  -4.002  0.906   1.00 0.56  ? 73  ILE A HA   1 
ATOM 1074 H HB   . ILE A 1 73  ? -2.140  -3.057  2.055   1.00 0.54  ? 73  ILE A HB   1 
ATOM 1075 H HG12 . ILE A 1 73  ? -3.154  -2.911  -0.793  1.00 1.36  ? 73  ILE A HG12 1 
ATOM 1076 H HG13 . ILE A 1 73  ? -3.083  -1.545  0.315   1.00 1.23  ? 73  ILE A HG13 1 
ATOM 1077 H HG21 . ILE A 1 73  ? -2.224  -5.468  1.731   1.00 1.10  ? 73  ILE A HG21 1 
ATOM 1078 H HG22 . ILE A 1 73  ? -2.764  -5.239  0.069   1.00 1.02  ? 73  ILE A HG22 1 
ATOM 1079 H HG23 . ILE A 1 73  ? -1.149  -4.721  0.550   1.00 1.09  ? 73  ILE A HG23 1 
ATOM 1080 H HD11 . ILE A 1 73  ? -0.652  -1.778  0.433   1.00 1.45  ? 73  ILE A HD11 1 
ATOM 1081 H HD12 . ILE A 1 73  ? -0.735  -3.129  -0.698  1.00 1.04  ? 73  ILE A HD12 1 
ATOM 1082 H HD13 . ILE A 1 73  ? -1.213  -1.514  -1.218  1.00 1.49  ? 73  ILE A HD13 1 
ATOM 1083 N N    . GLY A 1 74  ? -5.173  -5.438  2.893   1.00 0.47  ? 74  GLY A N    1 
ATOM 1084 C CA   . GLY A 1 74  ? -5.328  -6.352  4.011   1.00 0.45  ? 74  GLY A CA   1 
ATOM 1085 C C    . GLY A 1 74  ? -4.550  -7.642  3.838   1.00 0.47  ? 74  GLY A C    1 
ATOM 1086 O O    . GLY A 1 74  ? -4.764  -8.383  2.879   1.00 0.49  ? 74  GLY A O    1 
ATOM 1087 H H    . GLY A 1 74  ? -5.748  -5.530  2.104   1.00 0.55  ? 74  GLY A H    1 
ATOM 1088 H HA2  . GLY A 1 74  ? -4.988  -5.860  4.909   1.00 0.40  ? 74  GLY A HA2  1 
ATOM 1089 H HA3  . GLY A 1 74  ? -6.375  -6.590  4.121   1.00 0.48  ? 74  GLY A HA3  1 
ATOM 1090 N N    . LEU A 1 75  ? -3.641  -7.906  4.776   1.00 0.63  ? 75  LEU A N    1 
ATOM 1091 C CA   . LEU A 1 75  ? -2.829  -9.120  4.747   1.00 0.66  ? 75  LEU A CA   1 
ATOM 1092 C C    . LEU A 1 75  ? -3.455  -10.191 5.633   1.00 0.70  ? 75  LEU A C    1 
ATOM 1093 O O    . LEU A 1 75  ? -4.119  -9.873  6.620   1.00 0.88  ? 75  LEU A O    1 
ATOM 1094 C CB   . LEU A 1 75  ? -1.403  -8.829  5.235   1.00 0.66  ? 75  LEU A CB   1 
ATOM 1095 C CG   . LEU A 1 75  ? -0.516  -8.004  4.292   1.00 0.67  ? 75  LEU A CG   1 
ATOM 1096 C CD1  . LEU A 1 75  ? -0.346  -8.707  2.956   1.00 1.22  ? 75  LEU A CD1  1 
ATOM 1097 C CD2  . LEU A 1 75  ? -1.084  -6.607  4.093   1.00 0.89  ? 75  LEU A CD2  1 
ATOM 1098 H H    . LEU A 1 75  ? -3.514  -7.265  5.506   1.00 0.77  ? 75  LEU A H    1 
ATOM 1099 H HA   . LEU A 1 75  ? -2.794  -9.478  3.730   1.00 0.67  ? 75  LEU A HA   1 
ATOM 1100 H HB2  . LEU A 1 75  ? -1.471  -8.302  6.174   1.00 0.71  ? 75  LEU A HB2  1 
ATOM 1101 H HB3  . LEU A 1 75  ? -0.911  -9.775  5.412   1.00 0.68  ? 75  LEU A HB3  1 
ATOM 1102 H HG   . LEU A 1 75  ? 0.464   -7.903  4.737   1.00 0.96  ? 75  LEU A HG   1 
ATOM 1103 H HD11 . LEU A 1 75  ? 0.080   -9.687  3.116   1.00 1.53  ? 75  LEU A HD11 1 
ATOM 1104 H HD12 . LEU A 1 75  ? -1.309  -8.807  2.477   1.00 1.72  ? 75  LEU A HD12 1 
ATOM 1105 H HD13 . LEU A 1 75  ? 0.312   -8.129  2.325   1.00 1.84  ? 75  LEU A HD13 1 
ATOM 1106 H HD21 . LEU A 1 75  ? -1.166  -6.112  5.049   1.00 1.28  ? 75  LEU A HD21 1 
ATOM 1107 H HD22 . LEU A 1 75  ? -0.426  -6.040  3.450   1.00 1.63  ? 75  LEU A HD22 1 
ATOM 1108 H HD23 . LEU A 1 75  ? -2.060  -6.675  3.637   1.00 1.25  ? 75  LEU A HD23 1 
ATOM 1109 N N    . GLY A 1 76  ? -3.242  -11.457 5.288   1.00 0.69  ? 76  GLY A N    1 
ATOM 1110 C CA   . GLY A 1 76  ? -3.805  -12.535 6.080   1.00 0.75  ? 76  GLY A CA   1 
ATOM 1111 C C    . GLY A 1 76  ? -3.221  -13.891 5.741   1.00 0.82  ? 76  GLY A C    1 
ATOM 1112 O O    . GLY A 1 76  ? -3.942  -14.889 5.713   1.00 1.37  ? 76  GLY A O    1 
ATOM 1113 H H    . GLY A 1 76  ? -2.702  -11.658 4.495   1.00 0.75  ? 76  GLY A H    1 
ATOM 1114 H HA2  . GLY A 1 76  ? -3.621  -12.330 7.124   1.00 0.73  ? 76  GLY A HA2  1 
ATOM 1115 H HA3  . GLY A 1 76  ? -4.873  -12.566 5.916   1.00 0.86  ? 76  GLY A HA3  1 
ATOM 1116 N N    . HIS A 1 77  ? -1.915  -13.933 5.488   1.00 0.80  ? 77  HIS A N    1 
ATOM 1117 C CA   . HIS A 1 77  ? -1.239  -15.183 5.155   1.00 0.89  ? 77  HIS A CA   1 
ATOM 1118 C C    . HIS A 1 77  ? 0.257   -14.959 4.959   1.00 0.95  ? 77  HIS A C    1 
ATOM 1119 O O    . HIS A 1 77  ? 0.778   -13.890 5.272   1.00 1.04  ? 77  HIS A O    1 
ATOM 1120 C CB   . HIS A 1 77  ? -1.840  -15.795 3.888   1.00 0.93  ? 77  HIS A CB   1 
ATOM 1121 C CG   . HIS A 1 77  ? -2.084  -17.268 3.995   1.00 1.38  ? 77  HIS A CG   1 
ATOM 1122 N ND1  . HIS A 1 77  ? -1.606  -18.179 3.078   1.00 2.04  ? 77  HIS A ND1  1 
ATOM 1123 C CD2  . HIS A 1 77  ? -2.764  -17.988 4.918   1.00 2.06  ? 77  HIS A CD2  1 
ATOM 1124 C CE1  . HIS A 1 77  ? -1.983  -19.395 3.431   1.00 2.45  ? 77  HIS A CE1  1 
ATOM 1125 N NE2  . HIS A 1 77  ? -2.687  -19.305 4.543   1.00 2.53  ? 77  HIS A NE2  1 
ATOM 1126 H H    . HIS A 1 77  ? -1.394  -13.103 5.526   1.00 1.14  ? 77  HIS A H    1 
ATOM 1127 H HA   . HIS A 1 77  ? -1.383  -15.867 5.978   1.00 1.06  ? 77  HIS A HA   1 
ATOM 1128 H HB2  . HIS A 1 77  ? -2.785  -15.317 3.678   1.00 0.94  ? 77  HIS A HB2  1 
ATOM 1129 H HB3  . HIS A 1 77  ? -1.165  -15.628 3.061   1.00 1.28  ? 77  HIS A HB3  1 
ATOM 1130 H HD1  . HIS A 1 77  ? -1.071  -17.966 2.284   1.00 2.56  ? 77  HIS A HD1  1 
ATOM 1131 H HD2  . HIS A 1 77  ? -3.275  -17.596 5.787   1.00 2.60  ? 77  HIS A HD2  1 
ATOM 1132 H HE1  . HIS A 1 77  ? -1.753  -20.307 2.901   1.00 3.03  ? 77  HIS A HE1  1 
ATOM 1133 H HE2  . HIS A 1 77  ? -3.132  -20.053 4.993   1.00 3.21  ? 77  HIS A HE2  1 
ATOM 1134 N N    . LYS A 1 78  ? 0.938   -15.977 4.440   1.00 1.14  ? 78  LYS A N    1 
ATOM 1135 C CA   . LYS A 1 78  ? 2.374   -15.901 4.193   1.00 1.34  ? 78  LYS A CA   1 
ATOM 1136 C C    . LYS A 1 78  ? 2.725   -14.674 3.358   1.00 1.15  ? 78  LYS A C    1 
ATOM 1137 O O    . LYS A 1 78  ? 3.742   -14.019 3.595   1.00 1.53  ? 78  LYS A O    1 
ATOM 1138 C CB   . LYS A 1 78  ? 2.851   -17.163 3.475   1.00 1.61  ? 78  LYS A CB   1 
ATOM 1139 C CG   . LYS A 1 78  ? 1.977   -17.553 2.294   1.00 1.62  ? 78  LYS A CG   1 
ATOM 1140 C CD   . LYS A 1 78  ? 2.642   -18.604 1.421   1.00 2.09  ? 78  LYS A CD   1 
ATOM 1141 C CE   . LYS A 1 78  ? 3.767   -18.007 0.590   1.00 2.66  ? 78  LYS A CE   1 
ATOM 1142 N NZ   . LYS A 1 78  ? 4.375   -19.012 -0.324  1.00 2.77  ? 78  LYS A NZ   1 
ATOM 1143 H H    . LYS A 1 78  ? 0.460   -16.804 4.217   1.00 1.25  ? 78  LYS A H    1 
ATOM 1144 H HA   . LYS A 1 78  ? 2.872   -15.830 5.148   1.00 1.58  ? 78  LYS A HA   1 
ATOM 1145 H HB2  . LYS A 1 78  ? 3.857   -17.002 3.115   1.00 1.79  ? 78  LYS A HB2  1 
ATOM 1146 H HB3  . LYS A 1 78  ? 2.857   -17.984 4.177   1.00 1.79  ? 78  LYS A HB3  1 
ATOM 1147 H HG2  . LYS A 1 78  ? 1.043   -17.948 2.665   1.00 1.68  ? 78  LYS A HG2  1 
ATOM 1148 H HG3  . LYS A 1 78  ? 1.785   -16.672 1.698   1.00 1.70  ? 78  LYS A HG3  1 
ATOM 1149 H HD2  . LYS A 1 78  ? 3.049   -19.378 2.055   1.00 2.52  ? 78  LYS A HD2  1 
ATOM 1150 H HD3  . LYS A 1 78  ? 1.903   -19.029 0.759   1.00 2.30  ? 78  LYS A HD3  1 
ATOM 1151 H HE2  . LYS A 1 78  ? 3.369   -17.194 0.002   1.00 3.27  ? 78  LYS A HE2  1 
ATOM 1152 H HE3  . LYS A 1 78  ? 4.529   -17.631 1.257   1.00 2.99  ? 78  LYS A HE3  1 
ATOM 1153 H HZ1  . LYS A 1 78  ? 4.766   -19.804 0.224   1.00 3.14  ? 78  LYS A HZ1  1 
ATOM 1154 H HZ2  . LYS A 1 78  ? 3.657   -19.381 -0.979  1.00 3.13  ? 78  LYS A HZ2  1 
ATOM 1155 H HZ3  . LYS A 1 78  ? 5.140   -18.575 -0.877  1.00 2.69  ? 78  LYS A HZ3  1 
ATOM 1156 N N    . GLY A 1 79  ? 1.880   -14.370 2.379   1.00 0.87  ? 79  GLY A N    1 
ATOM 1157 C CA   . GLY A 1 79  ? 2.118   -13.224 1.523   1.00 0.88  ? 79  GLY A CA   1 
ATOM 1158 C C    . GLY A 1 79  ? 0.860   -12.767 0.814   1.00 0.66  ? 79  GLY A C    1 
ATOM 1159 O O    . GLY A 1 79  ? 0.903   -11.873 -0.029  1.00 0.87  ? 79  GLY A O    1 
ATOM 1160 H H    . GLY A 1 79  ? 1.088   -14.929 2.239   1.00 0.96  ? 79  GLY A H    1 
ATOM 1161 H HA2  . GLY A 1 79  ? 2.497   -12.410 2.123   1.00 1.05  ? 79  GLY A HA2  1 
ATOM 1162 H HA3  . GLY A 1 79  ? 2.859   -13.488 0.783   1.00 1.06  ? 79  GLY A HA3  1 
ATOM 1163 N N    . ARG A 1 80  ? -0.263  -13.384 1.157   1.00 0.53  ? 80  ARG A N    1 
ATOM 1164 C CA   . ARG A 1 80  ? -1.543  -13.040 0.553   1.00 0.57  ? 80  ARG A CA   1 
ATOM 1165 C C    . ARG A 1 80  ? -1.912  -11.591 0.850   1.00 0.67  ? 80  ARG A C    1 
ATOM 1166 O O    . ARG A 1 80  ? -1.897  -11.163 2.003   1.00 1.14  ? 80  ARG A O    1 
ATOM 1167 C CB   . ARG A 1 80  ? -2.636  -13.972 1.076   1.00 0.72  ? 80  ARG A CB   1 
ATOM 1168 C CG   . ARG A 1 80  ? -4.032  -13.598 0.613   1.00 1.21  ? 80  ARG A CG   1 
ATOM 1169 C CD   . ARG A 1 80  ? -5.092  -14.180 1.529   1.00 1.41  ? 80  ARG A CD   1 
ATOM 1170 N NE   . ARG A 1 80  ? -6.398  -13.572 1.304   1.00 2.27  ? 80  ARG A NE   1 
ATOM 1171 C CZ   . ARG A 1 80  ? -6.932  -12.657 2.106   1.00 2.96  ? 80  ARG A CZ   1 
ATOM 1172 N NH1  . ARG A 1 80  ? -6.275  -12.248 3.184   1.00 2.97  ? 80  ARG A NH1  1 
ATOM 1173 N NH2  . ARG A 1 80  ? -8.124  -12.150 1.831   1.00 3.82  ? 80  ARG A NH2  1 
ATOM 1174 H H    . ARG A 1 80  ? -0.231  -14.091 1.836   1.00 0.67  ? 80  ARG A H    1 
ATOM 1175 H HA   . ARG A 1 80  ? -1.452  -13.167 -0.515  1.00 0.63  ? 80  ARG A HA   1 
ATOM 1176 H HB2  . ARG A 1 80  ? -2.426  -14.977 0.739   1.00 1.23  ? 80  ARG A HB2  1 
ATOM 1177 H HB3  . ARG A 1 80  ? -2.620  -13.954 2.155   1.00 0.90  ? 80  ARG A HB3  1 
ATOM 1178 H HG2  . ARG A 1 80  ? -4.126  -12.521 0.610   1.00 1.70  ? 80  ARG A HG2  1 
ATOM 1179 H HG3  . ARG A 1 80  ? -4.183  -13.977 -0.386  1.00 1.75  ? 80  ARG A HG3  1 
ATOM 1180 H HD2  . ARG A 1 80  ? -5.164  -15.243 1.346   1.00 1.44  ? 80  ARG A HD2  1 
ATOM 1181 H HD3  . ARG A 1 80  ? -4.797  -14.011 2.555   1.00 1.59  ? 80  ARG A HD3  1 
ATOM 1182 H HE   . ARG A 1 80  ? -6.902  -13.859 0.514   1.00 2.52  ? 80  ARG A HE   1 
ATOM 1183 H HH11 . ARG A 1 80  ? -5.376  -12.629 3.396   1.00 2.53  ? 80  ARG A HH11 1 
ATOM 1184 H HH12 . ARG A 1 80  ? -6.682  -11.559 3.785   1.00 3.58  ? 80  ARG A HH12 1 
ATOM 1185 H HH21 . ARG A 1 80  ? -8.622  -12.455 1.019   1.00 4.01  ? 80  ARG A HH21 1 
ATOM 1186 H HH22 . ARG A 1 80  ? -8.525  -11.460 2.434   1.00 4.36  ? 80  ARG A HH22 1 
ATOM 1187 N N    . LEU A 1 81  ? -2.244  -10.840 -0.197  1.00 0.41  ? 81  LEU A N    1 
ATOM 1188 C CA   . LEU A 1 81  ? -2.626  -9.444  -0.035  1.00 0.45  ? 81  LEU A CA   1 
ATOM 1189 C C    . LEU A 1 81  ? -3.931  -9.137  -0.760  1.00 0.39  ? 81  LEU A C    1 
ATOM 1190 O O    . LEU A 1 81  ? -4.277  -9.786  -1.748  1.00 0.41  ? 81  LEU A O    1 
ATOM 1191 C CB   . LEU A 1 81  ? -1.512  -8.508  -0.526  1.00 0.56  ? 81  LEU A CB   1 
ATOM 1192 C CG   . LEU A 1 81  ? -0.888  -8.850  -1.885  1.00 0.64  ? 81  LEU A CG   1 
ATOM 1193 C CD1  . LEU A 1 81  ? -1.827  -8.496  -3.028  1.00 1.08  ? 81  LEU A CD1  1 
ATOM 1194 C CD2  . LEU A 1 81  ? 0.440   -8.126  -2.051  1.00 0.95  ? 81  LEU A CD2  1 
ATOM 1195 H H    . LEU A 1 81  ? -2.232  -11.234 -1.093  1.00 0.46  ? 81  LEU A H    1 
ATOM 1196 H HA   . LEU A 1 81  ? -2.777  -9.273  1.020   1.00 0.53  ? 81  LEU A HA   1 
ATOM 1197 H HB2  . LEU A 1 81  ? -1.917  -7.509  -0.587  1.00 1.04  ? 81  LEU A HB2  1 
ATOM 1198 H HB3  . LEU A 1 81  ? -0.724  -8.508  0.213   1.00 0.88  ? 81  LEU A HB3  1 
ATOM 1199 H HG   . LEU A 1 81  ? -0.696  -9.913  -1.929  1.00 0.76  ? 81  LEU A HG   1 
ATOM 1200 H HD11 . LEU A 1 81  ? -2.174  -7.480  -2.906  1.00 1.26  ? 81  LEU A HD11 1 
ATOM 1201 H HD12 . LEU A 1 81  ? -1.303  -8.586  -3.967  1.00 1.77  ? 81  LEU A HD12 1 
ATOM 1202 H HD13 . LEU A 1 81  ? -2.672  -9.167  -3.023  1.00 1.59  ? 81  LEU A HD13 1 
ATOM 1203 H HD21 . LEU A 1 81  ? 1.113   -8.422  -1.259  1.00 1.39  ? 81  LEU A HD21 1 
ATOM 1204 H HD22 . LEU A 1 81  ? 0.872   -8.380  -3.006  1.00 1.54  ? 81  LEU A HD22 1 
ATOM 1205 H HD23 . LEU A 1 81  ? 0.276   -7.059  -2.002  1.00 1.44  ? 81  LEU A HD23 1 
ATOM 1206 N N    . ALA A 1 82  ? -4.655  -8.151  -0.247  1.00 0.39  ? 82  ALA A N    1 
ATOM 1207 C CA   . ALA A 1 82  ? -5.916  -7.730  -0.838  1.00 0.40  ? 82  ALA A CA   1 
ATOM 1208 C C    . ALA A 1 82  ? -5.923  -6.219  -1.014  1.00 0.40  ? 82  ALA A C    1 
ATOM 1209 O O    . ALA A 1 82  ? -6.475  -5.488  -0.191  1.00 0.41  ? 82  ALA A O    1 
ATOM 1210 C CB   . ALA A 1 82  ? -7.084  -8.178  0.027   1.00 0.45  ? 82  ALA A CB   1 
ATOM 1211 H H    . ALA A 1 82  ? -4.329  -7.691  0.555   1.00 0.42  ? 82  ALA A H    1 
ATOM 1212 H HA   . ALA A 1 82  ? -6.008  -8.200  -1.808  1.00 0.41  ? 82  ALA A HA   1 
ATOM 1213 H HB1  . ALA A 1 82  ? -7.058  -9.251  0.140   1.00 1.05  ? 82  ALA A HB1  1 
ATOM 1214 H HB2  . ALA A 1 82  ? -8.012  -7.890  -0.444  1.00 1.04  ? 82  ALA A HB2  1 
ATOM 1215 H HB3  . ALA A 1 82  ? -7.013  -7.712  0.998   1.00 1.10  ? 82  ALA A HB3  1 
ATOM 1216 N N    . VAL A 1 83  ? -5.292  -5.758  -2.088  1.00 0.44  ? 83  VAL A N    1 
ATOM 1217 C CA   . VAL A 1 83  ? -5.199  -4.332  -2.365  1.00 0.47  ? 83  VAL A CA   1 
ATOM 1218 C C    . VAL A 1 83  ? -6.515  -3.761  -2.874  1.00 0.51  ? 83  VAL A C    1 
ATOM 1219 O O    . VAL A 1 83  ? -6.817  -3.827  -4.064  1.00 0.61  ? 83  VAL A O    1 
ATOM 1220 C CB   . VAL A 1 83  ? -4.090  -4.031  -3.391  1.00 0.57  ? 83  VAL A CB   1 
ATOM 1221 C CG1  . VAL A 1 83  ? -3.896  -2.531  -3.548  1.00 0.63  ? 83  VAL A CG1  1 
ATOM 1222 C CG2  . VAL A 1 83  ? -2.790  -4.705  -2.982  1.00 0.57  ? 83  VAL A CG2  1 
ATOM 1223 H H    . VAL A 1 83  ? -4.881  -6.394  -2.710  1.00 0.48  ? 83  VAL A H    1 
ATOM 1224 H HA   . VAL A 1 83  ? -4.941  -3.834  -1.442  1.00 0.42  ? 83  VAL A HA   1 
ATOM 1225 H HB   . VAL A 1 83  ? -4.394  -4.434  -4.346  1.00 0.63  ? 83  VAL A HB   1 
ATOM 1226 H HG11 . VAL A 1 83  ? -3.673  -2.095  -2.586  1.00 1.16  ? 83  VAL A HG11 1 
ATOM 1227 H HG12 . VAL A 1 83  ? -3.078  -2.344  -4.227  1.00 1.25  ? 83  VAL A HG12 1 
ATOM 1228 H HG13 . VAL A 1 83  ? -4.799  -2.090  -3.943  1.00 1.19  ? 83  VAL A HG13 1 
ATOM 1229 H HG21 . VAL A 1 83  ? -2.942  -5.772  -2.917  1.00 1.15  ? 83  VAL A HG21 1 
ATOM 1230 H HG22 . VAL A 1 83  ? -2.028  -4.494  -3.718  1.00 1.07  ? 83  VAL A HG22 1 
ATOM 1231 H HG23 . VAL A 1 83  ? -2.476  -4.328  -2.020  1.00 1.10  ? 83  VAL A HG23 1 
ATOM 1232 N N    . VAL A 1 84  ? -7.295  -3.206  -1.955  1.00 0.47  ? 84  VAL A N    1 
ATOM 1233 C CA   . VAL A 1 84  ? -8.572  -2.594  -2.291  1.00 0.53  ? 84  VAL A CA   1 
ATOM 1234 C C    . VAL A 1 84  ? -8.474  -1.083  -2.125  1.00 0.44  ? 84  VAL A C    1 
ATOM 1235 O O    . VAL A 1 84  ? -8.570  -0.567  -1.011  1.00 0.34  ? 84  VAL A O    1 
ATOM 1236 C CB   . VAL A 1 84  ? -9.709  -3.135  -1.400  1.00 0.60  ? 84  VAL A CB   1 
ATOM 1237 C CG1  . VAL A 1 84  ? -11.044 -2.526  -1.799  1.00 0.70  ? 84  VAL A CG1  1 
ATOM 1238 C CG2  . VAL A 1 84  ? -9.765  -4.653  -1.474  1.00 0.70  ? 84  VAL A CG2  1 
ATOM 1239 H H    . VAL A 1 84  ? -7.003  -3.211  -1.021  1.00 0.41  ? 84  VAL A H    1 
ATOM 1240 H HA   . VAL A 1 84  ? -8.799  -2.824  -3.322  1.00 0.64  ? 84  VAL A HA   1 
ATOM 1241 H HB   . VAL A 1 84  ? -9.502  -2.854  -0.378  1.00 0.54  ? 84  VAL A HB   1 
ATOM 1242 H HG11 . VAL A 1 84  ? -11.258 -2.771  -2.829  1.00 1.18  ? 84  VAL A HG11 1 
ATOM 1243 H HG12 . VAL A 1 84  ? -11.824 -2.922  -1.165  1.00 1.29  ? 84  VAL A HG12 1 
ATOM 1244 H HG13 . VAL A 1 84  ? -11.000 -1.453  -1.685  1.00 1.02  ? 84  VAL A HG13 1 
ATOM 1245 H HG21 . VAL A 1 84  ? -8.806  -5.064  -1.192  1.00 1.15  ? 84  VAL A HG21 1 
ATOM 1246 H HG22 . VAL A 1 84  ? -10.525 -5.019  -0.799  1.00 1.15  ? 84  VAL A HG22 1 
ATOM 1247 H HG23 . VAL A 1 84  ? -10.003 -4.956  -2.483  1.00 1.18  ? 84  VAL A HG23 1 
ATOM 1248 N N    . LEU A 1 85  ? -8.274  -0.378  -3.232  1.00 0.52  ? 85  LEU A N    1 
ATOM 1249 C CA   . LEU A 1 85  ? -8.138  1.071   -3.187  1.00 0.46  ? 85  LEU A CA   1 
ATOM 1250 C C    . LEU A 1 85  ? -9.290  1.779   -3.891  1.00 0.47  ? 85  LEU A C    1 
ATOM 1251 O O    . LEU A 1 85  ? -9.607  1.494   -5.046  1.00 0.69  ? 85  LEU A O    1 
ATOM 1252 C CB   . LEU A 1 85  ? -6.798  1.505   -3.796  1.00 0.55  ? 85  LEU A CB   1 
ATOM 1253 C CG   . LEU A 1 85  ? -6.604  1.192   -5.283  1.00 0.86  ? 85  LEU A CG   1 
ATOM 1254 C CD1  . LEU A 1 85  ? -5.503  2.062   -5.867  1.00 1.25  ? 85  LEU A CD1  1 
ATOM 1255 C CD2  . LEU A 1 85  ? -6.274  -0.280  -5.486  1.00 1.26  ? 85  LEU A CD2  1 
ATOM 1256 H H    . LEU A 1 85  ? -8.220  -0.840  -4.094  1.00 0.65  ? 85  LEU A H    1 
ATOM 1257 H HA   . LEU A 1 85  ? -8.149  1.360   -2.147  1.00 0.40  ? 85  LEU A HA   1 
ATOM 1258 H HB2  . LEU A 1 85  ? -6.698  2.573   -3.661  1.00 0.68  ? 85  LEU A HB2  1 
ATOM 1259 H HB3  . LEU A 1 85  ? -6.006  1.019   -3.246  1.00 0.92  ? 85  LEU A HB3  1 
ATOM 1260 H HG   . LEU A 1 85  ? -7.519  1.408   -5.814  1.00 0.90  ? 85  LEU A HG   1 
ATOM 1261 H HD11 . LEU A 1 85  ? -4.595  1.919   -5.301  1.00 1.66  ? 85  LEU A HD11 1 
ATOM 1262 H HD12 . LEU A 1 85  ? -5.333  1.784   -6.896  1.00 1.67  ? 85  LEU A HD12 1 
ATOM 1263 H HD13 . LEU A 1 85  ? -5.799  3.098   -5.818  1.00 1.78  ? 85  LEU A HD13 1 
ATOM 1264 H HD21 . LEU A 1 85  ? -5.416  -0.542  -4.886  1.00 1.52  ? 85  LEU A HD21 1 
ATOM 1265 H HD22 . LEU A 1 85  ? -7.118  -0.883  -5.191  1.00 1.45  ? 85  LEU A HD22 1 
ATOM 1266 H HD23 . LEU A 1 85  ? -6.052  -0.458  -6.527  1.00 2.00  ? 85  LEU A HD23 1 
ATOM 1267 N N    . ASP A 1 86  ? -9.916  2.704   -3.170  1.00 0.37  ? 86  ASP A N    1 
ATOM 1268 C CA   . ASP A 1 86  ? -11.024 3.487   -3.700  1.00 0.37  ? 86  ASP A CA   1 
ATOM 1269 C C    . ASP A 1 86  ? -10.659 4.968   -3.681  1.00 0.33  ? 86  ASP A C    1 
ATOM 1270 O O    . ASP A 1 86  ? -10.368 5.526   -2.623  1.00 0.34  ? 86  ASP A O    1 
ATOM 1271 C CB   . ASP A 1 86  ? -12.291 3.240   -2.880  1.00 0.44  ? 86  ASP A CB   1 
ATOM 1272 C CG   . ASP A 1 86  ? -13.482 4.013   -3.409  1.00 1.06  ? 86  ASP A CG   1 
ATOM 1273 O OD1  . ASP A 1 86  ? -14.037 3.607   -4.451  1.00 1.25  ? 86  ASP A OD1  1 
ATOM 1274 O OD2  . ASP A 1 86  ? -13.859 5.023   -2.783  1.00 1.63  ? 86  ASP A OD2  1 
ATOM 1275 H H    . ASP A 1 86  ? -9.622  2.865   -2.248  1.00 0.47  ? 86  ASP A H    1 
ATOM 1276 H HA   . ASP A 1 86  ? -11.194 3.179   -4.722  1.00 0.38  ? 86  ASP A HA   1 
ATOM 1277 H HB2  . ASP A 1 86  ? -12.529 2.187   -2.903  1.00 0.76  ? 86  ASP A HB2  1 
ATOM 1278 H HB3  . ASP A 1 86  ? -12.113 3.543   -1.858  1.00 0.73  ? 86  ASP A HB3  1 
ATOM 1279 N N    . TYR A 1 87  ? -10.674 5.600   -4.849  1.00 0.33  ? 87  TYR A N    1 
ATOM 1280 C CA   . TYR A 1 87  ? -10.311 7.009   -4.950  1.00 0.36  ? 87  TYR A CA   1 
ATOM 1281 C C    . TYR A 1 87  ? -11.136 7.735   -6.006  1.00 0.38  ? 87  TYR A C    1 
ATOM 1282 O O    . TYR A 1 87  ? -11.823 7.112   -6.811  1.00 0.46  ? 87  TYR A O    1 
ATOM 1283 C CB   . TYR A 1 87  ? -8.829  7.125   -5.301  1.00 0.38  ? 87  TYR A CB   1 
ATOM 1284 C CG   . TYR A 1 87  ? -8.441  6.327   -6.527  1.00 0.33  ? 87  TYR A CG   1 
ATOM 1285 C CD1  . TYR A 1 87  ? -8.513  6.886   -7.797  1.00 0.38  ? 87  TYR A CD1  1 
ATOM 1286 C CD2  . TYR A 1 87  ? -8.006  5.011   -6.415  1.00 0.43  ? 87  TYR A CD2  1 
ATOM 1287 C CE1  . TYR A 1 87  ? -8.167  6.158   -8.919  1.00 0.36  ? 87  TYR A CE1  1 
ATOM 1288 C CE2  . TYR A 1 87  ? -7.657  4.277   -7.533  1.00 0.49  ? 87  TYR A CE2  1 
ATOM 1289 C CZ   . TYR A 1 87  ? -7.738  4.855   -8.781  1.00 0.40  ? 87  TYR A CZ   1 
ATOM 1290 O OH   . TYR A 1 87  ? -7.391  4.127   -9.895  1.00 0.47  ? 87  TYR A OH   1 
ATOM 1291 H H    . TYR A 1 87  ? -10.934 5.111   -5.657  1.00 0.33  ? 87  TYR A H    1 
ATOM 1292 H HA   . TYR A 1 87  ? -10.481 7.470   -3.990  1.00 0.41  ? 87  TYR A HA   1 
ATOM 1293 H HB2  . TYR A 1 87  ? -8.588  8.161   -5.488  1.00 0.44  ? 87  TYR A HB2  1 
ATOM 1294 H HB3  . TYR A 1 87  ? -8.239  6.766   -4.470  1.00 0.43  ? 87  TYR A HB3  1 
ATOM 1295 H HD1  . TYR A 1 87  ? -8.847  7.908   -7.902  1.00 0.52  ? 87  TYR A HD1  1 
ATOM 1296 H HD2  . TYR A 1 87  ? -7.944  4.560   -5.437  1.00 0.54  ? 87  TYR A HD2  1 
ATOM 1297 H HE1  . TYR A 1 87  ? -8.229  6.611   -9.898  1.00 0.44  ? 87  TYR A HE1  1 
ATOM 1298 H HE2  . TYR A 1 87  ? -7.322  3.257   -7.425  1.00 0.67  ? 87  TYR A HE2  1 
ATOM 1299 H HH   . TYR A 1 87  ? -6.838  4.663   -10.468 1.00 0.93  ? 87  TYR A HH   1 
ATOM 1300 N N    . THR A 1 88  ? -11.057 9.062   -5.989  1.00 0.42  ? 88  THR A N    1 
ATOM 1301 C CA   . THR A 1 88  ? -11.768 9.885   -6.957  1.00 0.45  ? 88  THR A CA   1 
ATOM 1302 C C    . THR A 1 88  ? -10.926 10.035  -8.218  1.00 0.38  ? 88  THR A C    1 
ATOM 1303 O O    . THR A 1 88  ? -9.711  10.208  -8.137  1.00 0.41  ? 88  THR A O    1 
ATOM 1304 C CB   . THR A 1 88  ? -12.086 11.282  -6.387  1.00 0.57  ? 88  THR A CB   1 
ATOM 1305 O OG1  . THR A 1 88  ? -12.797 11.157  -5.149  1.00 0.72  ? 88  THR A OG1  1 
ATOM 1306 C CG2  . THR A 1 88  ? -12.918 12.096  -7.370  1.00 0.58  ? 88  THR A CG2  1 
ATOM 1307 H H    . THR A 1 88  ? -10.504 9.498   -5.308  1.00 0.49  ? 88  THR A H    1 
ATOM 1308 H HA   . THR A 1 88  ? -12.697 9.392   -7.206  1.00 0.48  ? 88  THR A HA   1 
ATOM 1309 H HB   . THR A 1 88  ? -11.155 11.803  -6.209  1.00 0.59  ? 88  THR A HB   1 
ATOM 1310 H HG1  . THR A 1 88  ? -12.178 11.206  -4.417  1.00 1.04  ? 88  THR A HG1  1 
ATOM 1311 H HG21 . THR A 1 88  ? -13.845 11.581  -7.570  1.00 0.92  ? 88  THR A HG21 1 
ATOM 1312 H HG22 . THR A 1 88  ? -13.129 13.067  -6.945  1.00 1.15  ? 88  THR A HG22 1 
ATOM 1313 H HG23 . THR A 1 88  ? -12.368 12.218  -8.292  1.00 1.31  ? 88  THR A HG23 1 
ATOM 1314 N N    . ARG A 1 89  ? -11.565 9.962   -9.379  1.00 0.41  ? 89  ARG A N    1 
ATOM 1315 C CA   . ARG A 1 89  ? -10.851 10.072  -10.648 1.00 0.39  ? 89  ARG A CA   1 
ATOM 1316 C C    . ARG A 1 89  ? -11.136 11.397  -11.345 1.00 0.47  ? 89  ARG A C    1 
ATOM 1317 O O    . ARG A 1 89  ? -12.060 12.122  -10.976 1.00 0.69  ? 89  ARG A O    1 
ATOM 1318 C CB   . ARG A 1 89  ? -11.240 8.916   -11.567 1.00 0.61  ? 89  ARG A CB   1 
ATOM 1319 C CG   . ARG A 1 89  ? -10.805 7.558   -11.048 1.00 1.02  ? 89  ARG A CG   1 
ATOM 1320 C CD   . ARG A 1 89  ? -11.817 6.480   -11.395 1.00 0.80  ? 89  ARG A CD   1 
ATOM 1321 N NE   . ARG A 1 89  ? -12.076 6.402   -12.828 1.00 0.90  ? 89  ARG A NE   1 
ATOM 1322 C CZ   . ARG A 1 89  ? -13.044 5.661   -13.360 1.00 1.22  ? 89  ARG A CZ   1 
ATOM 1323 N NH1  . ARG A 1 89  ? -13.840 4.945   -12.579 1.00 1.56  ? 89  ARG A NH1  1 
ATOM 1324 N NH2  . ARG A 1 89  ? -13.215 5.634   -14.673 1.00 1.76  ? 89  ARG A NH2  1 
ATOM 1325 H H    . ARG A 1 89  ? -12.537 9.831   -9.385  1.00 0.51  ? 89  ARG A H    1 
ATOM 1326 H HA   . ARG A 1 89  ? -9.794  10.010  -10.439 1.00 0.36  ? 89  ARG A HA   1 
ATOM 1327 H HB2  . ARG A 1 89  ? -12.315 8.906   -11.681 1.00 1.29  ? 89  ARG A HB2  1 
ATOM 1328 H HB3  . ARG A 1 89  ? -10.785 9.070   -12.534 1.00 1.09  ? 89  ARG A HB3  1 
ATOM 1329 H HG2  . ARG A 1 89  ? -9.855  7.300   -11.491 1.00 1.72  ? 89  ARG A HG2  1 
ATOM 1330 H HG3  . ARG A 1 89  ? -10.702 7.610   -9.974  1.00 1.85  ? 89  ARG A HG3  1 
ATOM 1331 H HD2  . ARG A 1 89  ? -11.436 5.528   -11.058 1.00 1.41  ? 89  ARG A HD2  1 
ATOM 1332 H HD3  . ARG A 1 89  ? -12.743 6.696   -10.882 1.00 1.24  ? 89  ARG A HD3  1 
ATOM 1333 H HE   . ARG A 1 89  ? -11.500 6.926   -13.423 1.00 1.30  ? 89  ARG A HE   1 
ATOM 1334 H HH11 . ARG A 1 89  ? -13.716 4.960   -11.588 1.00 1.72  ? 89  ARG A HH11 1 
ATOM 1335 H HH12 . ARG A 1 89  ? -14.568 4.388   -12.983 1.00 1.98  ? 89  ARG A HH12 1 
ATOM 1336 H HH21 . ARG A 1 89  ? -12.617 6.174   -15.267 1.00 2.11  ? 89  ARG A HH21 1 
ATOM 1337 H HH22 . ARG A 1 89  ? -13.942 5.075   -15.072 1.00 2.04  ? 89  ARG A HH22 1 
ATOM 1338 N N    . LEU A 1 90  ? -10.329 11.701  -12.358 1.00 0.46  ? 90  LEU A N    1 
ATOM 1339 C CA   . LEU A 1 90  ? -10.490 12.926  -13.130 1.00 0.59  ? 90  LEU A CA   1 
ATOM 1340 C C    . LEU A 1 90  ? -11.738 12.836  -13.996 1.00 0.77  ? 90  LEU A C    1 
ATOM 1341 O O    . LEU A 1 90  ? -12.197 13.835  -14.551 1.00 0.96  ? 90  LEU A O    1 
ATOM 1342 C CB   . LEU A 1 90  ? -9.259  13.170  -14.006 1.00 0.64  ? 90  LEU A CB   1 
ATOM 1343 C CG   . LEU A 1 90  ? -7.963  13.465  -13.248 1.00 0.80  ? 90  LEU A CG   1 
ATOM 1344 C CD1  . LEU A 1 90  ? -6.781  13.489  -14.204 1.00 1.00  ? 90  LEU A CD1  1 
ATOM 1345 C CD2  . LEU A 1 90  ? -8.068  14.789  -12.504 1.00 0.95  ? 90  LEU A CD2  1 
ATOM 1346 H H    . LEU A 1 90  ? -9.607  11.083  -12.593 1.00 0.47  ? 90  LEU A H    1 
ATOM 1347 H HA   . LEU A 1 90  ? -10.600 13.746  -12.436 1.00 0.72  ? 90  LEU A HA   1 
ATOM 1348 H HB2  . LEU A 1 90  ? -9.101  12.293  -14.618 1.00 0.67  ? 90  LEU A HB2  1 
ATOM 1349 H HB3  . LEU A 1 90  ? -9.467  14.007  -14.656 1.00 0.73  ? 90  LEU A HB3  1 
ATOM 1350 H HG   . LEU A 1 90  ? -7.791  12.684  -12.522 1.00 0.82  ? 90  LEU A HG   1 
ATOM 1351 H HD11 . LEU A 1 90  ? -6.946  14.239  -14.962 1.00 1.01  ? 90  LEU A HD11 1 
ATOM 1352 H HD12 . LEU A 1 90  ? -5.880  13.724  -13.656 1.00 1.56  ? 90  LEU A HD12 1 
ATOM 1353 H HD13 . LEU A 1 90  ? -6.675  12.522  -14.671 1.00 1.70  ? 90  LEU A HD13 1 
ATOM 1354 H HD21 . LEU A 1 90  ? -8.909  14.755  -11.827 1.00 1.25  ? 90  LEU A HD21 1 
ATOM 1355 H HD22 . LEU A 1 90  ? -7.161  14.960  -11.944 1.00 1.39  ? 90  LEU A HD22 1 
ATOM 1356 H HD23 . LEU A 1 90  ? -8.209  15.589  -13.214 1.00 1.52  ? 90  LEU A HD23 1 
ATOM 1357 N N    . ASN A 1 91  ? -12.279 11.627  -14.106 1.00 0.86  ? 91  ASN A N    1 
ATOM 1358 C CA   . ASN A 1 91  ? -13.481 11.390  -14.896 1.00 1.17  ? 91  ASN A CA   1 
ATOM 1359 C C    . ASN A 1 91  ? -14.726 11.725  -14.083 1.00 1.28  ? 91  ASN A C    1 
ATOM 1360 O O    . ASN A 1 91  ? -15.845 11.404  -14.482 1.00 1.50  ? 91  ASN A O    1 
ATOM 1361 C CB   . ASN A 1 91  ? -13.538 9.931   -15.356 1.00 1.28  ? 91  ASN A CB   1 
ATOM 1362 C CG   . ASN A 1 91  ? -12.413 9.580   -16.311 1.00 1.86  ? 91  ASN A CG   1 
ATOM 1363 O OD1  . ASN A 1 91  ? -11.332 10.164  -16.258 1.00 2.54  ? 91  ASN A OD1  1 
ATOM 1364 N ND2  . ASN A 1 91  ? -12.663 8.619   -17.190 1.00 2.38  ? 91  ASN A ND2  1 
ATOM 1365 H H    . ASN A 1 91  ? -11.858 10.872  -13.643 1.00 0.82  ? 91  ASN A H    1 
ATOM 1366 H HA   . ASN A 1 91  ? -13.444 12.033  -15.761 1.00 1.36  ? 91  ASN A HA   1 
ATOM 1367 H HB2  . ASN A 1 91  ? -13.466 9.285   -14.493 1.00 1.39  ? 91  ASN A HB2  1 
ATOM 1368 H HB3  . ASN A 1 91  ? -14.479 9.754   -15.855 1.00 1.47  ? 91  ASN A HB3  1 
ATOM 1369 H HD21 . ASN A 1 91  ? -13.548 8.197   -17.176 1.00 2.54  ? 91  ASN A HD21 1 
ATOM 1370 H HD22 . ASN A 1 91  ? -11.954 8.371   -17.818 1.00 2.96  ? 91  ASN A HD22 1 
ATOM 1371 N N    . ALA A 1 92  ? -14.516 12.371  -12.936 1.00 1.33  ? 92  ALA A N    1 
ATOM 1372 C CA   . ALA A 1 92  ? -15.611 12.761  -12.054 1.00 1.60  ? 92  ALA A CA   1 
ATOM 1373 C C    . ALA A 1 92  ? -16.382 11.542  -11.555 1.00 1.35  ? 92  ALA A C    1 
ATOM 1374 O O    . ALA A 1 92  ? -17.552 11.646  -11.190 1.00 1.64  ? 92  ALA A O    1 
ATOM 1375 C CB   . ALA A 1 92  ? -16.547 13.726  -12.767 1.00 2.17  ? 92  ALA A CB   1 
ATOM 1376 H H    . ALA A 1 92  ? -13.597 12.591  -12.677 1.00 1.30  ? 92  ALA A H    1 
ATOM 1377 H HA   . ALA A 1 92  ? -15.184 13.275  -11.205 1.00 1.88  ? 92  ALA A HA   1 
ATOM 1378 H HB1  . ALA A 1 92  ? -15.984 14.577  -13.124 1.00 2.51  ? 92  ALA A HB1  1 
ATOM 1379 H HB2  . ALA A 1 92  ? -17.309 14.062  -12.079 1.00 2.58  ? 92  ALA A HB2  1 
ATOM 1380 H HB3  . ALA A 1 92  ? -17.012 13.225  -13.603 1.00 2.48  ? 92  ALA A HB3  1 
ATOM 1381 N N    . ALA A 1 93  ? -15.715 10.393  -11.531 1.00 1.11  ? 93  ALA A N    1 
ATOM 1382 C CA   . ALA A 1 93  ? -16.343 9.157   -11.076 1.00 1.19  ? 93  ALA A CA   1 
ATOM 1383 C C    . ALA A 1 93  ? -15.481 8.452   -10.034 1.00 1.09  ? 93  ALA A C    1 
ATOM 1384 O O    . ALA A 1 93  ? -14.290 8.735   -9.905  1.00 1.57  ? 93  ALA A O    1 
ATOM 1385 C CB   . ALA A 1 93  ? -16.604 8.235   -12.256 1.00 1.44  ? 93  ALA A CB   1 
ATOM 1386 H H    . ALA A 1 93  ? -14.782 10.374  -11.828 1.00 1.14  ? 93  ALA A H    1 
ATOM 1387 H HA   . ALA A 1 93  ? -17.293 9.411   -10.630 1.00 1.44  ? 93  ALA A HA   1 
ATOM 1388 H HB1  . ALA A 1 93  ? -17.231 8.740   -12.976 1.00 1.70  ? 93  ALA A HB1  1 
ATOM 1389 H HB2  . ALA A 1 93  ? -15.666 7.969   -12.720 1.00 1.88  ? 93  ALA A HB2  1 
ATOM 1390 H HB3  . ALA A 1 93  ? -17.103 7.340   -11.910 1.00 1.90  ? 93  ALA A HB3  1 
ATOM 1391 N N    . LEU A 1 94  ? -16.092 7.533   -9.296  1.00 0.91  ? 94  LEU A N    1 
ATOM 1392 C CA   . LEU A 1 94  ? -15.384 6.783   -8.267  1.00 0.74  ? 94  LEU A CA   1 
ATOM 1393 C C    . LEU A 1 94  ? -14.626 5.611   -8.880  1.00 0.70  ? 94  LEU A C    1 
ATOM 1394 O O    . LEU A 1 94  ? -15.150 4.895   -9.732  1.00 0.96  ? 94  LEU A O    1 
ATOM 1395 C CB   . LEU A 1 94  ? -16.365 6.277   -7.207  1.00 0.85  ? 94  LEU A CB   1 
ATOM 1396 C CG   . LEU A 1 94  ? -17.193 7.363   -6.516  1.00 1.27  ? 94  LEU A CG   1 
ATOM 1397 C CD1  . LEU A 1 94  ? -18.221 6.739   -5.586  1.00 1.90  ? 94  LEU A CD1  1 
ATOM 1398 C CD2  . LEU A 1 94  ? -16.289 8.315   -5.747  1.00 1.88  ? 94  LEU A CD2  1 
ATOM 1399 H H    . LEU A 1 94  ? -17.044 7.354   -9.446  1.00 1.23  ? 94  LEU A H    1 
ATOM 1400 H HA   . LEU A 1 94  ? -14.675 7.450   -7.799  1.00 0.67  ? 94  LEU A HA   1 
ATOM 1401 H HB2  . LEU A 1 94  ? -17.045 5.582   -7.679  1.00 1.16  ? 94  LEU A HB2  1 
ATOM 1402 H HB3  . LEU A 1 94  ? -15.805 5.748   -6.452  1.00 1.04  ? 94  LEU A HB3  1 
ATOM 1403 H HG   . LEU A 1 94  ? -17.723 7.935   -7.264  1.00 1.87  ? 94  LEU A HG   1 
ATOM 1404 H HD11 . LEU A 1 94  ? -17.716 6.152   -4.834  1.00 2.33  ? 94  LEU A HD11 1 
ATOM 1405 H HD12 . LEU A 1 94  ? -18.793 7.520   -5.108  1.00 2.42  ? 94  LEU A HD12 1 
ATOM 1406 H HD13 . LEU A 1 94  ? -18.883 6.104   -6.155  1.00 2.32  ? 94  LEU A HD13 1 
ATOM 1407 H HD21 . LEU A 1 94  ? -15.692 7.756   -5.044  1.00 2.54  ? 94  LEU A HD21 1 
ATOM 1408 H HD22 . LEU A 1 94  ? -15.640 8.832   -6.438  1.00 2.17  ? 94  LEU A HD22 1 
ATOM 1409 H HD23 . LEU A 1 94  ? -16.893 9.034   -5.215  1.00 2.26  ? 94  LEU A HD23 1 
ATOM 1410 N N    . GLY A 1 95  ? -13.387 5.424   -8.438  1.00 0.70  ? 95  GLY A N    1 
ATOM 1411 C CA   . GLY A 1 95  ? -12.568 4.342   -8.951  1.00 0.76  ? 95  GLY A CA   1 
ATOM 1412 C C    . GLY A 1 95  ? -12.159 3.367   -7.869  1.00 0.72  ? 95  GLY A C    1 
ATOM 1413 O O    . GLY A 1 95  ? -11.300 3.670   -7.042  1.00 0.94  ? 95  GLY A O    1 
ATOM 1414 H H    . GLY A 1 95  ? -13.029 6.023   -7.754  1.00 0.86  ? 95  GLY A H    1 
ATOM 1415 H HA2  . GLY A 1 95  ? -13.123 3.810   -9.709  1.00 0.89  ? 95  GLY A HA2  1 
ATOM 1416 H HA3  . GLY A 1 95  ? -11.677 4.760   -9.396  1.00 0.80  ? 95  GLY A HA3  1 
ATOM 1417 N N    . SER A 1 96  ? -12.775 2.192   -7.878  1.00 0.93  ? 96  SER A N    1 
ATOM 1418 C CA   . SER A 1 96  ? -12.478 1.167   -6.888  1.00 0.90  ? 96  SER A CA   1 
ATOM 1419 C C    . SER A 1 96  ? -11.742 -0.011  -7.519  1.00 0.96  ? 96  SER A C    1 
ATOM 1420 O O    . SER A 1 96  ? -12.357 -0.883  -8.132  1.00 1.15  ? 96  SER A O    1 
ATOM 1421 C CB   . SER A 1 96  ? -13.770 0.686   -6.226  1.00 1.01  ? 96  SER A CB   1 
ATOM 1422 O OG   . SER A 1 96  ? -13.499 -0.241  -5.191  1.00 1.63  ? 96  SER A OG   1 
ATOM 1423 H H    . SER A 1 96  ? -13.444 2.008   -8.569  1.00 1.29  ? 96  SER A H    1 
ATOM 1424 H HA   . SER A 1 96  ? -11.843 1.609   -6.135  1.00 0.84  ? 96  SER A HA   1 
ATOM 1425 H HB2  . SER A 1 96  ? -14.293 1.532   -5.807  1.00 1.63  ? 96  SER A HB2  1 
ATOM 1426 H HB3  . SER A 1 96  ? -14.395 0.210   -6.967  1.00 1.27  ? 96  SER A HB3  1 
ATOM 1427 H HG   . SER A 1 96  ? -13.386 -1.116  -5.567  1.00 1.93  ? 96  SER A HG   1 
ATOM 1428 N N    . ALA A 1 97  ? -10.421 -0.024  -7.372  1.00 0.89  ? 97  ALA A N    1 
ATOM 1429 C CA   . ALA A 1 97  ? -9.600  -1.098  -7.915  1.00 1.00  ? 97  ALA A CA   1 
ATOM 1430 C C    . ALA A 1 97  ? -9.310  -2.142  -6.843  1.00 0.85  ? 97  ALA A C    1 
ATOM 1431 O O    . ALA A 1 97  ? -9.247  -1.821  -5.656  1.00 0.90  ? 97  ALA A O    1 
ATOM 1432 C CB   . ALA A 1 97  ? -8.302  -0.539  -8.478  1.00 1.12  ? 97  ALA A CB   1 
ATOM 1433 H H    . ALA A 1 97  ? -9.989  0.708   -6.885  1.00 0.84  ? 97  ALA A H    1 
ATOM 1434 H HA   . ALA A 1 97  ? -10.147 -1.563  -8.722  1.00 1.19  ? 97  ALA A HA   1 
ATOM 1435 H HB1  . ALA A 1 97  ? -7.764  -0.022  -7.697  1.00 1.48  ? 97  ALA A HB1  1 
ATOM 1436 H HB2  . ALA A 1 97  ? -8.525  0.151   -9.279  1.00 1.71  ? 97  ALA A HB2  1 
ATOM 1437 H HB3  . ALA A 1 97  ? -7.696  -1.348  -8.858  1.00 1.42  ? 97  ALA A HB3  1 
ATOM 1438 N N    . ALA A 1 98  ? -9.136  -3.392  -7.262  1.00 0.78  ? 98  ALA A N    1 
ATOM 1439 C CA   . ALA A 1 98  ? -8.863  -4.473  -6.322  1.00 0.64  ? 98  ALA A CA   1 
ATOM 1440 C C    . ALA A 1 98  ? -7.822  -5.447  -6.865  1.00 0.56  ? 98  ALA A C    1 
ATOM 1441 O O    . ALA A 1 98  ? -7.748  -5.689  -8.070  1.00 0.63  ? 98  ALA A O    1 
ATOM 1442 C CB   . ALA A 1 98  ? -10.150 -5.211  -5.983  1.00 0.72  ? 98  ALA A CB   1 
ATOM 1443 H H    . ALA A 1 98  ? -9.190  -3.590  -8.221  1.00 0.90  ? 98  ALA A H    1 
ATOM 1444 H HA   . ALA A 1 98  ? -8.485  -4.031  -5.413  1.00 0.62  ? 98  ALA A HA   1 
ATOM 1445 H HB1  . ALA A 1 98  ? -10.880 -4.508  -5.611  1.00 1.15  ? 98  ALA A HB1  1 
ATOM 1446 H HB2  . ALA A 1 98  ? -10.533 -5.691  -6.871  1.00 1.17  ? 98  ALA A HB2  1 
ATOM 1447 H HB3  . ALA A 1 98  ? -9.948  -5.955  -5.229  1.00 1.24  ? 98  ALA A HB3  1 
ATOM 1448 N N    . TYR A 1 99  ? -7.021  -6.000  -5.959  1.00 0.47  ? 99  TYR A N    1 
ATOM 1449 C CA   . TYR A 1 99  ? -5.982  -6.960  -6.323  1.00 0.45  ? 99  TYR A CA   1 
ATOM 1450 C C    . TYR A 1 99  ? -5.906  -8.080  -5.294  1.00 0.44  ? 99  TYR A C    1 
ATOM 1451 O O    . TYR A 1 99  ? -5.798  -7.824  -4.095  1.00 0.59  ? 99  TYR A O    1 
ATOM 1452 C CB   . TYR A 1 99  ? -4.624  -6.270  -6.428  1.00 0.67  ? 99  TYR A CB   1 
ATOM 1453 C CG   . TYR A 1 99  ? -4.395  -5.565  -7.742  1.00 1.18  ? 99  TYR A CG   1 
ATOM 1454 C CD1  . TYR A 1 99  ? -4.002  -6.272  -8.869  1.00 1.79  ? 99  TYR A CD1  1 
ATOM 1455 C CD2  . TYR A 1 99  ? -4.562  -4.191  -7.852  1.00 1.95  ? 99  TYR A CD2  1 
ATOM 1456 C CE1  . TYR A 1 99  ? -3.783  -5.632  -10.072 1.00 2.75  ? 99  TYR A CE1  1 
ATOM 1457 C CE2  . TYR A 1 99  ? -4.347  -3.543  -9.053  1.00 2.81  ? 99  TYR A CE2  1 
ATOM 1458 C CZ   . TYR A 1 99  ? -3.957  -4.267  -10.158 1.00 3.13  ? 99  TYR A CZ   1 
ATOM 1459 O OH   . TYR A 1 99  ? -3.737  -3.626  -11.354 1.00 4.14  ? 99  TYR A OH   1 
ATOM 1460 H H    . TYR A 1 99  ? -7.131  -5.757  -5.017  1.00 0.49  ? 99  TYR A H    1 
ATOM 1461 H HA   . TYR A 1 99  ? -6.240  -7.382  -7.282  1.00 0.40  ? 99  TYR A HA   1 
ATOM 1462 H HB2  . TYR A 1 99  ? -4.540  -5.537  -5.641  1.00 1.53  ? 99  TYR A HB2  1 
ATOM 1463 H HB3  . TYR A 1 99  ? -3.845  -7.009  -6.308  1.00 0.81  ? 99  TYR A HB3  1 
ATOM 1464 H HD1  . TYR A 1 99  ? -3.869  -7.341  -8.798  1.00 1.87  ? 99  TYR A HD1  1 
ATOM 1465 H HD2  . TYR A 1 99  ? -4.868  -3.628  -6.983  1.00 2.18  ? 99  TYR A HD2  1 
ATOM 1466 H HE1  . TYR A 1 99  ? -3.479  -6.199  -10.939 1.00 3.38  ? 99  TYR A HE1  1 
ATOM 1467 H HE2  . TYR A 1 99  ? -4.483  -2.474  -9.120  1.00 3.44  ? 99  TYR A HE2  1 
ATOM 1468 H HH   . TYR A 1 99  ? -4.099  -4.152  -12.070 1.00 4.27  ? 99  TYR A HH   1 
ATOM 1469 N N    . VAL A 1 100 ? -5.957  -9.320  -5.767  1.00 0.39  ? 100 VAL A N    1 
ATOM 1470 C CA   . VAL A 1 100 ? -5.895  -10.476 -4.883  1.00 0.40  ? 100 VAL A CA   1 
ATOM 1471 C C    . VAL A 1 100 ? -4.785  -11.434 -5.303  1.00 0.39  ? 100 VAL A C    1 
ATOM 1472 O O    . VAL A 1 100 ? -4.939  -12.199 -6.255  1.00 0.46  ? 100 VAL A O    1 
ATOM 1473 C CB   . VAL A 1 100 ? -7.237  -11.234 -4.858  1.00 0.45  ? 100 VAL A CB   1 
ATOM 1474 C CG1  . VAL A 1 100 ? -7.176  -12.409 -3.895  1.00 1.40  ? 100 VAL A CG1  1 
ATOM 1475 C CG2  . VAL A 1 100 ? -8.373  -10.294 -4.486  1.00 1.21  ? 100 VAL A CG2  1 
ATOM 1476 H H    . VAL A 1 100 ? -6.041  -9.460  -6.734  1.00 0.42  ? 100 VAL A H    1 
ATOM 1477 H HA   . VAL A 1 100 ? -5.690  -10.119 -3.884  1.00 0.46  ? 100 VAL A HA   1 
ATOM 1478 H HB   . VAL A 1 100 ? -7.428  -11.619 -5.849  1.00 1.04  ? 100 VAL A HB   1 
ATOM 1479 H HG11 . VAL A 1 100 ? -6.381  -13.077 -4.191  1.00 1.89  ? 100 VAL A HG11 1 
ATOM 1480 H HG12 . VAL A 1 100 ? -6.988  -12.047 -2.895  1.00 1.86  ? 100 VAL A HG12 1 
ATOM 1481 H HG13 . VAL A 1 100 ? -8.116  -12.940 -3.914  1.00 2.06  ? 100 VAL A HG13 1 
ATOM 1482 H HG21 . VAL A 1 100 ? -8.428  -9.494  -5.209  1.00 1.90  ? 100 VAL A HG21 1 
ATOM 1483 H HG22 . VAL A 1 100 ? -9.304  -10.840 -4.480  1.00 1.85  ? 100 VAL A HG22 1 
ATOM 1484 H HG23 . VAL A 1 100 ? -8.191  -9.881  -3.505  1.00 1.53  ? 100 VAL A HG23 1 
ATOM 1485 N N    . VAL A 1 101 ? -3.666  -11.384 -4.586  1.00 0.35  ? 101 VAL A N    1 
ATOM 1486 C CA   . VAL A 1 101 ? -2.528  -12.248 -4.875  1.00 0.39  ? 101 VAL A CA   1 
ATOM 1487 C C    . VAL A 1 101 ? -2.069  -12.973 -3.614  1.00 0.45  ? 101 VAL A C    1 
ATOM 1488 O O    . VAL A 1 101 ? -1.583  -12.350 -2.671  1.00 0.56  ? 101 VAL A O    1 
ATOM 1489 C CB   . VAL A 1 101 ? -1.347  -11.448 -5.458  1.00 0.55  ? 101 VAL A CB   1 
ATOM 1490 C CG1  . VAL A 1 101 ? -0.217  -12.380 -5.871  1.00 0.67  ? 101 VAL A CG1  1 
ATOM 1491 C CG2  . VAL A 1 101 ? -1.805  -10.601 -6.636  1.00 0.64  ? 101 VAL A CG2  1 
ATOM 1492 H H    . VAL A 1 101 ? -3.603  -10.746 -3.845  1.00 0.35  ? 101 VAL A H    1 
ATOM 1493 H HA   . VAL A 1 101 ? -2.840  -12.979 -5.607  1.00 0.38  ? 101 VAL A HA   1 
ATOM 1494 H HB   . VAL A 1 101 ? -0.973  -10.785 -4.691  1.00 0.60  ? 101 VAL A HB   1 
ATOM 1495 H HG11 . VAL A 1 101 ? 0.124   -12.935 -5.011  1.00 1.31  ? 101 VAL A HG11 1 
ATOM 1496 H HG12 . VAL A 1 101 ? -0.575  -13.066 -6.625  1.00 1.17  ? 101 VAL A HG12 1 
ATOM 1497 H HG13 . VAL A 1 101 ? 0.600   -11.799 -6.272  1.00 1.21  ? 101 VAL A HG13 1 
ATOM 1498 H HG21 . VAL A 1 101 ? -2.589  -9.932  -6.315  1.00 1.19  ? 101 VAL A HG21 1 
ATOM 1499 H HG22 . VAL A 1 101 ? -0.972  -10.024 -7.011  1.00 1.30  ? 101 VAL A HG22 1 
ATOM 1500 H HG23 . VAL A 1 101 ? -2.179  -11.244 -7.418  1.00 1.14  ? 101 VAL A HG23 1 
ATOM 1501 N N    . GLU A 1 102 ? -2.227  -14.294 -3.604  1.00 0.56  ? 102 GLU A N    1 
ATOM 1502 C CA   . GLU A 1 102 ? -1.835  -15.104 -2.455  1.00 0.80  ? 102 GLU A CA   1 
ATOM 1503 C C    . GLU A 1 102 ? -0.322  -15.106 -2.270  1.00 0.87  ? 102 GLU A C    1 
ATOM 1504 O O    . GLU A 1 102 ? 0.180   -14.772 -1.199  1.00 1.78  ? 102 GLU A O    1 
ATOM 1505 C CB   . GLU A 1 102 ? -2.345  -16.535 -2.617  1.00 1.02  ? 102 GLU A CB   1 
ATOM 1506 C CG   . GLU A 1 102 ? -3.858  -16.630 -2.720  1.00 1.41  ? 102 GLU A CG   1 
ATOM 1507 C CD   . GLU A 1 102 ? -4.351  -18.060 -2.757  1.00 1.81  ? 102 GLU A CD   1 
ATOM 1508 O OE1  . GLU A 1 102 ? -4.405  -18.641 -3.860  1.00 2.37  ? 102 GLU A OE1  1 
ATOM 1509 O OE2  . GLU A 1 102 ? -4.682  -18.602 -1.681  1.00 1.99  ? 102 GLU A OE2  1 
ATOM 1510 H H    . GLU A 1 102 ? -2.615  -14.735 -4.389  1.00 0.59  ? 102 GLU A H    1 
ATOM 1511 H HA   . GLU A 1 102 ? -2.290  -14.670 -1.577  1.00 0.98  ? 102 GLU A HA   1 
ATOM 1512 H HB2  . GLU A 1 102 ? -1.917  -16.958 -3.513  1.00 1.53  ? 102 GLU A HB2  1 
ATOM 1513 H HB3  . GLU A 1 102 ? -2.027  -17.118 -1.766  1.00 1.39  ? 102 GLU A HB3  1 
ATOM 1514 H HG2  . GLU A 1 102 ? -4.296  -16.137 -1.865  1.00 1.67  ? 102 GLU A HG2  1 
ATOM 1515 H HG3  . GLU A 1 102 ? -4.176  -16.131 -3.624  1.00 1.99  ? 102 GLU A HG3  1 
ATOM 1516 N N    . ASP A 1 103 ? 0.402   -15.493 -3.312  1.00 0.85  ? 103 ASP A N    1 
ATOM 1517 C CA   . ASP A 1 103 ? 1.858   -15.529 -3.251  1.00 0.92  ? 103 ASP A CA   1 
ATOM 1518 C C    . ASP A 1 103 ? 2.453   -14.202 -3.695  1.00 0.70  ? 103 ASP A C    1 
ATOM 1519 O O    . ASP A 1 103 ? 2.724   -13.995 -4.877  1.00 0.96  ? 103 ASP A O    1 
ATOM 1520 C CB   . ASP A 1 103 ? 2.406   -16.661 -4.117  1.00 1.37  ? 103 ASP A CB   1 
ATOM 1521 C CG   . ASP A 1 103 ? 2.678   -17.915 -3.314  1.00 2.03  ? 103 ASP A CG   1 
ATOM 1522 O OD1  . ASP A 1 103 ? 1.720   -18.668 -3.045  1.00 2.72  ? 103 ASP A OD1  1 
ATOM 1523 O OD2  . ASP A 1 103 ? 3.850   -18.142 -2.950  1.00 2.44  ? 103 ASP A OD2  1 
ATOM 1524 H H    . ASP A 1 103 ? -0.052  -15.761 -4.139  1.00 1.49  ? 103 ASP A H    1 
ATOM 1525 H HA   . ASP A 1 103 ? 2.140   -15.708 -2.224  1.00 1.10  ? 103 ASP A HA   1 
ATOM 1526 H HB2  . ASP A 1 103 ? 1.688   -16.899 -4.889  1.00 1.90  ? 103 ASP A HB2  1 
ATOM 1527 H HB3  . ASP A 1 103 ? 3.330   -16.341 -4.576  1.00 1.57  ? 103 ASP A HB3  1 
ATOM 1528 N N    . SER A 1 104 ? 2.651   -13.305 -2.739  1.00 0.59  ? 104 SER A N    1 
ATOM 1529 C CA   . SER A 1 104 ? 3.208   -11.995 -3.035  1.00 0.76  ? 104 SER A CA   1 
ATOM 1530 C C    . SER A 1 104 ? 4.592   -11.834 -2.419  1.00 1.16  ? 104 SER A C    1 
ATOM 1531 O O    . SER A 1 104 ? 5.604   -12.010 -3.097  1.00 1.50  ? 104 SER A O    1 
ATOM 1532 C CB   . SER A 1 104 ? 2.278   -10.898 -2.525  1.00 1.46  ? 104 SER A CB   1 
ATOM 1533 O OG   . SER A 1 104 ? 0.970   -11.057 -3.045  1.00 1.91  ? 104 SER A OG   1 
ATOM 1534 H H    . SER A 1 104 ? 2.417   -13.529 -1.815  1.00 0.68  ? 104 SER A H    1 
ATOM 1535 H HA   . SER A 1 104 ? 3.295   -11.908 -4.108  1.00 0.77  ? 104 SER A HA   1 
ATOM 1536 H HB2  . SER A 1 104 ? 2.231   -10.940 -1.448  1.00 1.64  ? 104 SER A HB2  1 
ATOM 1537 H HB3  . SER A 1 104 ? 2.658   -9.936  -2.831  1.00 2.26  ? 104 SER A HB3  1 
ATOM 1538 H HG   . SER A 1 104 ? 1.010   -11.110 -4.003  1.00 2.56  ? 104 SER A HG   1 
ATOM 1539 N N    . GLY A 1 105 ? 4.636   -11.506 -1.131  1.00 1.38  ? 105 GLY A N    1 
ATOM 1540 C CA   . GLY A 1 105 ? 5.910   -11.316 -0.466  1.00 2.14  ? 105 GLY A CA   1 
ATOM 1541 C C    . GLY A 1 105 ? 5.952   -11.909 0.927   1.00 1.51  ? 105 GLY A C    1 
ATOM 1542 O O    . GLY A 1 105 ? 5.625   -13.078 1.122   1.00 1.73  ? 105 GLY A O    1 
ATOM 1543 H H    . GLY A 1 105 ? 3.800   -11.395 -0.631  1.00 1.11  ? 105 GLY A H    1 
ATOM 1544 H HA2  . GLY A 1 105 ? 6.684   -11.777 -1.062  1.00 2.93  ? 105 GLY A HA2  1 
ATOM 1545 H HA3  . GLY A 1 105 ? 6.111   -10.256 -0.399  1.00 2.79  ? 105 GLY A HA3  1 
ATOM 1546 N N    . CYS A 1 106 ? 6.362   -11.096 1.894   1.00 1.25  ? 106 CYS A N    1 
ATOM 1547 C CA   . CYS A 1 106 ? 6.467   -11.538 3.280   1.00 0.94  ? 106 CYS A CA   1 
ATOM 1548 C C    . CYS A 1 106 ? 5.167   -11.304 4.036   1.00 1.06  ? 106 CYS A C    1 
ATOM 1549 O O    . CYS A 1 106 ? 4.102   -11.171 3.433   1.00 1.89  ? 106 CYS A O    1 
ATOM 1550 C CB   . CYS A 1 106 ? 7.611   -10.805 3.978   1.00 1.49  ? 106 CYS A CB   1 
ATOM 1551 S SG   . CYS A 1 106 ? 9.238   -11.056 3.202   1.00 2.34  ? 106 CYS A SG   1 
ATOM 1552 H H    . CYS A 1 106 ? 6.600   -10.171 1.671   1.00 1.68  ? 106 CYS A H    1 
ATOM 1553 H HA   . CYS A 1 106 ? 6.680   -12.596 3.275   1.00 1.24  ? 106 CYS A HA   1 
ATOM 1554 H HB2  . CYS A 1 106 ? 7.405   -9.746  3.975   1.00 1.80  ? 106 CYS A HB2  1 
ATOM 1555 H HB3  . CYS A 1 106 ? 7.678   -11.149 5.000   1.00 1.67  ? 106 CYS A HB3  1 
ATOM 1556 N N    . SER A 1 107 ? 5.264   -11.254 5.364   1.00 1.04  ? 107 SER A N    1 
ATOM 1557 C CA   . SER A 1 107 ? 4.095   -11.042 6.206   1.00 1.58  ? 107 SER A CA   1 
ATOM 1558 C C    . SER A 1 107 ? 4.488   -10.832 7.667   1.00 0.93  ? 107 SER A C    1 
ATOM 1559 O O    . SER A 1 107 ? 4.374   -9.728  8.193   1.00 1.35  ? 107 SER A O    1 
ATOM 1560 C CB   . SER A 1 107 ? 3.149   -12.233 6.090   1.00 2.69  ? 107 SER A CB   1 
ATOM 1561 O OG   . SER A 1 107 ? 3.850   -13.453 6.256   1.00 3.29  ? 107 SER A OG   1 
ATOM 1562 H H    . SER A 1 107 ? 6.141   -11.362 5.784   1.00 1.33  ? 107 SER A H    1 
ATOM 1563 H HA   . SER A 1 107 ? 3.587   -10.157 5.853   1.00 2.18  ? 107 SER A HA   1 
ATOM 1564 H HB2  . SER A 1 107 ? 2.387   -12.164 6.854   1.00 3.00  ? 107 SER A HB2  1 
ATOM 1565 H HB3  . SER A 1 107 ? 2.684   -12.228 5.116   1.00 3.23  ? 107 SER A HB3  1 
ATOM 1566 H HG   . SER A 1 107 ? 4.627   -13.453 5.693   1.00 3.25  ? 107 SER A HG   1 
ATOM 1567 N N    . SER A 1 108 ? 4.950   -11.901 8.315   1.00 1.07  ? 108 SER A N    1 
ATOM 1568 C CA   . SER A 1 108 ? 5.348   -11.846 9.723   1.00 0.56  ? 108 SER A CA   1 
ATOM 1569 C C    . SER A 1 108 ? 6.221   -10.628 10.019  1.00 0.52  ? 108 SER A C    1 
ATOM 1570 O O    . SER A 1 108 ? 5.901   -9.824  10.895  1.00 0.60  ? 108 SER A O    1 
ATOM 1571 C CB   . SER A 1 108 ? 6.092   -13.124 10.109  1.00 0.68  ? 108 SER A CB   1 
ATOM 1572 O OG   . SER A 1 108 ? 5.294   -14.269 9.866   1.00 1.26  ? 108 SER A OG   1 
ATOM 1573 H H    . SER A 1 108 ? 5.024   -12.752 7.834   1.00 1.90  ? 108 SER A H    1 
ATOM 1574 H HA   . SER A 1 108 ? 4.449   -11.777 10.316  1.00 0.68  ? 108 SER A HA   1 
ATOM 1575 H HB2  . SER A 1 108 ? 6.997   -13.203 9.524   1.00 1.08  ? 108 SER A HB2  1 
ATOM 1576 H HB3  . SER A 1 108 ? 6.342   -13.089 11.161  1.00 1.13  ? 108 SER A HB3  1 
ATOM 1577 H HG   . SER A 1 108 ? 5.769   -14.877 9.295   1.00 1.97  ? 108 SER A HG   1 
ATOM 1578 N N    . SER A 1 109 ? 7.326   -10.502 9.292   1.00 0.58  ? 109 SER A N    1 
ATOM 1579 C CA   . SER A 1 109 ? 8.239   -9.377  9.474   1.00 0.64  ? 109 SER A CA   1 
ATOM 1580 C C    . SER A 1 109 ? 8.466   -8.664  8.148   1.00 0.68  ? 109 SER A C    1 
ATOM 1581 O O    . SER A 1 109 ? 9.109   -9.202  7.247   1.00 0.88  ? 109 SER A O    1 
ATOM 1582 C CB   . SER A 1 109 ? 9.574   -9.861  10.044  1.00 0.86  ? 109 SER A CB   1 
ATOM 1583 O OG   . SER A 1 109 ? 9.386   -10.551 11.266  1.00 1.50  ? 109 SER A OG   1 
ATOM 1584 H H    . SER A 1 109 ? 7.532   -11.182 8.617   1.00 0.66  ? 109 SER A H    1 
ATOM 1585 H HA   . SER A 1 109 ? 7.787   -8.687  10.171  1.00 0.57  ? 109 SER A HA   1 
ATOM 1586 H HB2  . SER A 1 109 ? 10.045  -10.526 9.337   1.00 1.18  ? 109 SER A HB2  1 
ATOM 1587 H HB3  . SER A 1 109 ? 10.216  -9.010  10.220  1.00 1.20  ? 109 SER A HB3  1 
ATOM 1588 H HG   . SER A 1 109 ? 8.742   -11.251 11.143  1.00 2.02  ? 109 SER A HG   1 
ATOM 1589 N N    . GLU A 1 110 ? 7.939   -7.449  8.034   1.00 0.56  ? 110 GLU A N    1 
ATOM 1590 C CA   . GLU A 1 110 ? 8.070   -6.684  6.801   1.00 0.66  ? 110 GLU A CA   1 
ATOM 1591 C C    . GLU A 1 110 ? 7.819   -5.195  7.035   1.00 0.57  ? 110 GLU A C    1 
ATOM 1592 O O    . GLU A 1 110 ? 6.677   -4.772  7.206   1.00 0.54  ? 110 GLU A O    1 
ATOM 1593 C CB   . GLU A 1 110 ? 7.077   -7.223  5.771   1.00 0.78  ? 110 GLU A CB   1 
ATOM 1594 C CG   . GLU A 1 110 ? 7.191   -6.576  4.406   1.00 1.77  ? 110 GLU A CG   1 
ATOM 1595 C CD   . GLU A 1 110 ? 7.900   -7.464  3.406   1.00 2.50  ? 110 GLU A CD   1 
ATOM 1596 O OE1  . GLU A 1 110 ? 9.126   -7.655  3.544   1.00 3.09  ? 110 GLU A OE1  1 
ATOM 1597 O OE2  . GLU A 1 110 ? 7.226   -7.974  2.488   1.00 2.93  ? 110 GLU A OE2  1 
ATOM 1598 H H    . GLU A 1 110 ? 7.454   -7.061  8.791   1.00 0.44  ? 110 GLU A H    1 
ATOM 1599 H HA   . GLU A 1 110 ? 9.073   -6.818  6.426   1.00 0.79  ? 110 GLU A HA   1 
ATOM 1600 H HB2  . GLU A 1 110 ? 7.239   -8.284  5.656   1.00 1.07  ? 110 GLU A HB2  1 
ATOM 1601 H HB3  . GLU A 1 110 ? 6.074   -7.061  6.140   1.00 1.29  ? 110 GLU A HB3  1 
ATOM 1602 H HG2  . GLU A 1 110 ? 6.199   -6.363  4.037   1.00 2.39  ? 110 GLU A HG2  1 
ATOM 1603 H HG3  . GLU A 1 110 ? 7.743   -5.655  4.504   1.00 2.05  ? 110 GLU A HG3  1 
ATOM 1604 N N    . GLU A 1 111 ? 8.888   -4.404  7.035   1.00 0.58  ? 111 GLU A N    1 
ATOM 1605 C CA   . GLU A 1 111 ? 8.766   -2.963  7.243   1.00 0.56  ? 111 GLU A CA   1 
ATOM 1606 C C    . GLU A 1 111 ? 8.422   -2.246  5.941   1.00 0.48  ? 111 GLU A C    1 
ATOM 1607 O O    . GLU A 1 111 ? 9.298   -1.952  5.127   1.00 0.50  ? 111 GLU A O    1 
ATOM 1608 C CB   . GLU A 1 111 ? 10.050  -2.389  7.846   1.00 0.66  ? 111 GLU A CB   1 
ATOM 1609 C CG   . GLU A 1 111 ? 11.324  -2.931  7.219   1.00 0.94  ? 111 GLU A CG   1 
ATOM 1610 C CD   . GLU A 1 111 ? 12.574  -2.409  7.901   1.00 1.49  ? 111 GLU A CD   1 
ATOM 1611 O OE1  . GLU A 1 111 ? 12.444  -1.668  8.898   1.00 1.97  ? 111 GLU A OE1  1 
ATOM 1612 O OE2  . GLU A 1 111 ? 13.684  -2.740  7.439   1.00 2.01  ? 111 GLU A OE2  1 
ATOM 1613 H H    . GLU A 1 111 ? 9.775   -4.795  6.893   1.00 0.64  ? 111 GLU A H    1 
ATOM 1614 H HA   . GLU A 1 111 ? 7.958   -2.804  7.940   1.00 0.64  ? 111 GLU A HA   1 
ATOM 1615 H HB2  . GLU A 1 111 ? 10.043  -1.317  7.718   1.00 1.11  ? 111 GLU A HB2  1 
ATOM 1616 H HB3  . GLU A 1 111 ? 10.070  -2.615  8.901   1.00 1.03  ? 111 GLU A HB3  1 
ATOM 1617 H HG2  . GLU A 1 111 ? 11.318  -4.009  7.292   1.00 1.39  ? 111 GLU A HG2  1 
ATOM 1618 H HG3  . GLU A 1 111 ? 11.352  -2.641  6.179   1.00 1.39  ? 111 GLU A HG3  1 
ATOM 1619 N N    . VAL A 1 112 ? 7.135   -1.968  5.756   1.00 0.48  ? 112 VAL A N    1 
ATOM 1620 C CA   . VAL A 1 112 ? 6.660   -1.286  4.558   1.00 0.46  ? 112 VAL A CA   1 
ATOM 1621 C C    . VAL A 1 112 ? 6.895   0.217   4.658   1.00 0.41  ? 112 VAL A C    1 
ATOM 1622 O O    . VAL A 1 112 ? 6.627   0.828   5.692   1.00 0.49  ? 112 VAL A O    1 
ATOM 1623 C CB   . VAL A 1 112 ? 5.158   -1.544  4.326   1.00 0.55  ? 112 VAL A CB   1 
ATOM 1624 C CG1  . VAL A 1 112 ? 4.739   -1.062  2.945   1.00 0.86  ? 112 VAL A CG1  1 
ATOM 1625 C CG2  . VAL A 1 112 ? 4.834   -3.020  4.504   1.00 1.02  ? 112 VAL A CG2  1 
ATOM 1626 H H    . VAL A 1 112 ? 6.487   -2.229  6.443   1.00 0.54  ? 112 VAL A H    1 
ATOM 1627 H HA   . VAL A 1 112 ? 7.208   -1.673  3.711   1.00 0.47  ? 112 VAL A HA   1 
ATOM 1628 H HB   . VAL A 1 112 ? 4.600   -0.984  5.061   1.00 0.80  ? 112 VAL A HB   1 
ATOM 1629 H HG11 . VAL A 1 112 ? 4.933   -0.002  2.859   1.00 1.56  ? 112 VAL A HG11 1 
ATOM 1630 H HG12 . VAL A 1 112 ? 5.302   -1.592  2.192   1.00 1.29  ? 112 VAL A HG12 1 
ATOM 1631 H HG13 . VAL A 1 112 ? 3.684   -1.246  2.804   1.00 1.07  ? 112 VAL A HG13 1 
ATOM 1632 H HG21 . VAL A 1 112 ? 5.105   -3.330  5.502   1.00 1.87  ? 112 VAL A HG21 1 
ATOM 1633 H HG22 . VAL A 1 112 ? 3.777   -3.177  4.354   1.00 1.36  ? 112 VAL A HG22 1 
ATOM 1634 H HG23 . VAL A 1 112 ? 5.390   -3.601  3.784   1.00 1.22  ? 112 VAL A HG23 1 
ATOM 1635 N N    . SER A 1 113 ? 7.396   0.808   3.577   1.00 0.34  ? 113 SER A N    1 
ATOM 1636 C CA   . SER A 1 113 ? 7.669   2.241   3.548   1.00 0.35  ? 113 SER A CA   1 
ATOM 1637 C C    . SER A 1 113 ? 6.738   2.958   2.575   1.00 0.38  ? 113 SER A C    1 
ATOM 1638 O O    . SER A 1 113 ? 6.680   2.617   1.394   1.00 0.54  ? 113 SER A O    1 
ATOM 1639 C CB   . SER A 1 113 ? 9.125   2.495   3.156   1.00 0.45  ? 113 SER A CB   1 
ATOM 1640 O OG   . SER A 1 113 ? 10.015  1.850   4.050   1.00 0.97  ? 113 SER A OG   1 
ATOM 1641 H H    . SER A 1 113 ? 7.586   0.270   2.781   1.00 0.36  ? 113 SER A H    1 
ATOM 1642 H HA   . SER A 1 113 ? 7.501   2.631   4.541   1.00 0.34  ? 113 SER A HA   1 
ATOM 1643 H HB2  . SER A 1 113 ? 9.298   2.116   2.160   1.00 0.68  ? 113 SER A HB2  1 
ATOM 1644 H HB3  . SER A 1 113 ? 9.320   3.558   3.176   1.00 0.89  ? 113 SER A HB3  1 
ATOM 1645 H HG   . SER A 1 113 ? 10.183  0.955   3.745   1.00 1.38  ? 113 SER A HG   1 
ATOM 1646 N N    . PHE A 1 114 ? 6.014   3.953   3.079   1.00 0.35  ? 114 PHE A N    1 
ATOM 1647 C CA   . PHE A 1 114 ? 5.089   4.722   2.254   1.00 0.35  ? 114 PHE A CA   1 
ATOM 1648 C C    . PHE A 1 114 ? 5.560   6.165   2.112   1.00 0.36  ? 114 PHE A C    1 
ATOM 1649 O O    . PHE A 1 114 ? 5.439   6.959   3.043   1.00 0.51  ? 114 PHE A O    1 
ATOM 1650 C CB   . PHE A 1 114 ? 3.684   4.700   2.860   1.00 0.39  ? 114 PHE A CB   1 
ATOM 1651 C CG   . PHE A 1 114 ? 3.035   3.347   2.840   1.00 0.39  ? 114 PHE A CG   1 
ATOM 1652 C CD1  . PHE A 1 114 ? 2.483   2.847   1.673   1.00 0.40  ? 114 PHE A CD1  1 
ATOM 1653 C CD2  . PHE A 1 114 ? 2.974   2.577   3.990   1.00 0.42  ? 114 PHE A CD2  1 
ATOM 1654 C CE1  . PHE A 1 114 ? 1.882   1.603   1.651   1.00 0.44  ? 114 PHE A CE1  1 
ATOM 1655 C CE2  . PHE A 1 114 ? 2.373   1.332   3.976   1.00 0.45  ? 114 PHE A CE2  1 
ATOM 1656 C CZ   . PHE A 1 114 ? 1.826   0.845   2.805   1.00 0.47  ? 114 PHE A CZ   1 
ATOM 1657 H H    . PHE A 1 114 ? 6.105   4.177   4.029   1.00 0.41  ? 114 PHE A H    1 
ATOM 1658 H HA   . PHE A 1 114 ? 5.057   4.267   1.275   1.00 0.37  ? 114 PHE A HA   1 
ATOM 1659 H HB2  . PHE A 1 114 ? 3.741   5.024   3.887   1.00 0.44  ? 114 PHE A HB2  1 
ATOM 1660 H HB3  . PHE A 1 114 ? 3.052   5.380   2.309   1.00 0.43  ? 114 PHE A HB3  1 
ATOM 1661 H HD1  . PHE A 1 114 ? 2.525   3.438   0.770   1.00 0.42  ? 114 PHE A HD1  1 
ATOM 1662 H HD2  . PHE A 1 114 ? 3.401   2.958   4.906   1.00 0.44  ? 114 PHE A HD2  1 
ATOM 1663 H HE1  . PHE A 1 114 ? 1.455   1.224   0.735   1.00 0.49  ? 114 PHE A HE1  1 
ATOM 1664 H HE2  . PHE A 1 114 ? 2.333   0.742   4.879   1.00 0.50  ? 114 PHE A HE2  1 
ATOM 1665 H HZ   . PHE A 1 114 ? 1.357   -0.127  2.791   1.00 0.52  ? 114 PHE A HZ   1 
ATOM 1666 N N    . GLN A 1 115 ? 6.095   6.499   0.943   1.00 0.34  ? 115 GLN A N    1 
ATOM 1667 C CA   . GLN A 1 115 ? 6.581   7.850   0.688   1.00 0.39  ? 115 GLN A CA   1 
ATOM 1668 C C    . GLN A 1 115 ? 5.683   8.571   -0.311  1.00 0.46  ? 115 GLN A C    1 
ATOM 1669 O O    . GLN A 1 115 ? 5.227   7.980   -1.289  1.00 0.52  ? 115 GLN A O    1 
ATOM 1670 C CB   . GLN A 1 115 ? 8.018   7.810   0.168   1.00 0.46  ? 115 GLN A CB   1 
ATOM 1671 C CG   . GLN A 1 115 ? 8.624   9.187   -0.046  1.00 0.55  ? 115 GLN A CG   1 
ATOM 1672 C CD   . GLN A 1 115 ? 10.045  9.123   -0.567  1.00 1.15  ? 115 GLN A CD   1 
ATOM 1673 O OE1  . GLN A 1 115 ? 11.000  9.095   0.207   1.00 1.63  ? 115 GLN A OE1  1 
ATOM 1674 N NE2  . GLN A 1 115 ? 10.192  9.099   -1.884  1.00 2.04  ? 115 GLN A NE2  1 
ATOM 1675 H H    . GLN A 1 115 ? 6.164   5.823   0.237   1.00 0.39  ? 115 GLN A H    1 
ATOM 1676 H HA   . GLN A 1 115 ? 6.561   8.389   1.623   1.00 0.40  ? 115 GLN A HA   1 
ATOM 1677 H HB2  . GLN A 1 115 ? 8.631   7.277   0.878   1.00 0.45  ? 115 GLN A HB2  1 
ATOM 1678 H HB3  . GLN A 1 115 ? 8.032   7.283   -0.775  1.00 0.53  ? 115 GLN A HB3  1 
ATOM 1679 H HG2  . GLN A 1 115 ? 8.021   9.726   -0.760  1.00 0.80  ? 115 GLN A HG2  1 
ATOM 1680 H HG3  . GLN A 1 115 ? 8.623   9.716   0.895   1.00 1.02  ? 115 GLN A HG3  1 
ATOM 1681 H HE21 . GLN A 1 115 ? 9.385   9.126   -2.439  1.00 2.40  ? 115 GLN A HE21 1 
ATOM 1682 H HE22 . GLN A 1 115 ? 11.101  9.056   -2.249  1.00 2.58  ? 115 GLN A HE22 1 
ATOM 1683 N N    . GLY A 1 116 ? 5.435   9.852   -0.057  1.00 0.60  ? 116 GLY A N    1 
ATOM 1684 C CA   . GLY A 1 116 ? 4.591   10.634  -0.942  1.00 0.76  ? 116 GLY A CA   1 
ATOM 1685 C C    . GLY A 1 116 ? 3.242   10.944  -0.328  1.00 0.78  ? 116 GLY A C    1 
ATOM 1686 O O    . GLY A 1 116 ? 2.419   11.631  -0.933  1.00 1.12  ? 116 GLY A O    1 
ATOM 1687 H H    . GLY A 1 116 ? 5.828   10.270  0.737   1.00 0.66  ? 116 GLY A H    1 
ATOM 1688 H HA2  . GLY A 1 116 ? 5.092   11.562  -1.172  1.00 0.95  ? 116 GLY A HA2  1 
ATOM 1689 H HA3  . GLY A 1 116 ? 4.439   10.081  -1.857  1.00 0.82  ? 116 GLY A HA3  1 
ATOM 1690 N N    . VAL A 1 117 ? 3.014   10.436  0.879   1.00 0.61  ? 117 VAL A N    1 
ATOM 1691 C CA   . VAL A 1 117 ? 1.757   10.662  1.580   1.00 0.80  ? 117 VAL A CA   1 
ATOM 1692 C C    . VAL A 1 117 ? 1.672   12.093  2.097   1.00 1.14  ? 117 VAL A C    1 
ATOM 1693 O O    . VAL A 1 117 ? 0.603   12.558  2.495   1.00 1.65  ? 117 VAL A O    1 
ATOM 1694 C CB   . VAL A 1 117 ? 1.589   9.687   2.759   1.00 0.91  ? 117 VAL A CB   1 
ATOM 1695 C CG1  . VAL A 1 117 ? 1.472   8.258   2.255   1.00 1.59  ? 117 VAL A CG1  1 
ATOM 1696 C CG2  . VAL A 1 117 ? 2.748   9.822   3.734   1.00 1.44  ? 117 VAL A CG2  1 
ATOM 1697 H H    . VAL A 1 117 ? 3.710   9.895   1.308   1.00 0.56  ? 117 VAL A H    1 
ATOM 1698 H HA   . VAL A 1 117 ? 0.950   10.493  0.881   1.00 1.08  ? 117 VAL A HA   1 
ATOM 1699 H HB   . VAL A 1 117 ? 0.678   9.938   3.279   1.00 0.88  ? 117 VAL A HB   1 
ATOM 1700 H HG11 . VAL A 1 117 ? 2.360   7.999   1.698   1.00 2.10  ? 117 VAL A HG11 1 
ATOM 1701 H HG12 . VAL A 1 117 ? 1.366   7.588   3.096   1.00 1.94  ? 117 VAL A HG12 1 
ATOM 1702 H HG13 . VAL A 1 117 ? 0.607   8.173   1.615   1.00 2.00  ? 117 VAL A HG13 1 
ATOM 1703 H HG21 . VAL A 1 117 ? 2.782   10.833  4.115   1.00 1.59  ? 117 VAL A HG21 1 
ATOM 1704 H HG22 . VAL A 1 117 ? 2.611   9.133   4.554   1.00 2.04  ? 117 VAL A HG22 1 
ATOM 1705 H HG23 . VAL A 1 117 ? 3.674   9.598   3.226   1.00 1.93  ? 117 VAL A HG23 1 
ATOM 1706 N N    . GLY A 1 118 ? 2.808   12.783  2.089   1.00 1.13  ? 118 GLY A N    1 
ATOM 1707 C CA   . GLY A 1 118 ? 2.850   14.156  2.557   1.00 1.70  ? 118 GLY A CA   1 
ATOM 1708 C C    . GLY A 1 118 ? 2.461   14.287  4.015   1.00 1.28  ? 118 GLY A C    1 
ATOM 1709 O O    . GLY A 1 118 ? 2.437   13.301  4.751   1.00 1.82  ? 118 GLY A O    1 
ATOM 1710 H H    . GLY A 1 118 ? 3.627   12.356  1.761   1.00 0.91  ? 118 GLY A H    1 
ATOM 1711 H HA2  . GLY A 1 118 ? 3.851   14.537  2.426   1.00 2.25  ? 118 GLY A HA2  1 
ATOM 1712 H HA3  . GLY A 1 118 ? 2.172   14.747  1.960   1.00 2.26  ? 118 GLY A HA3  1 
ATOM 1713 N N    . SER A 1 119 ? 2.160   15.512  4.432   1.00 1.10  ? 119 SER A N    1 
ATOM 1714 C CA   . SER A 1 119 ? 1.769   15.778  5.810   1.00 0.93  ? 119 SER A CA   1 
ATOM 1715 C C    . SER A 1 119 ? 0.258   15.958  5.920   1.00 1.00  ? 119 SER A C    1 
ATOM 1716 O O    . SER A 1 119 ? -0.258  17.063  5.758   1.00 1.67  ? 119 SER A O    1 
ATOM 1717 C CB   . SER A 1 119 ? 2.482   17.026  6.330   1.00 1.26  ? 119 SER A CB   1 
ATOM 1718 O OG   . SER A 1 119 ? 2.140   17.283  7.681   1.00 1.95  ? 119 SER A OG   1 
ATOM 1719 H H    . SER A 1 119 ? 2.203   16.257  3.796   1.00 1.66  ? 119 SER A H    1 
ATOM 1720 H HA   . SER A 1 119 ? 2.063   14.929  6.409   1.00 0.95  ? 119 SER A HA   1 
ATOM 1721 H HB2  . SER A 1 119 ? 3.550   16.882  6.263   1.00 1.88  ? 119 SER A HB2  1 
ATOM 1722 H HB3  . SER A 1 119 ? 2.196   17.877  5.731   1.00 1.32  ? 119 SER A HB3  1 
ATOM 1723 H HG   . SER A 1 119 ? 1.531   18.024  7.723   1.00 2.30  ? 119 SER A HG   1 
ATOM 1724 N N    . GLY A 1 120 ? -0.445  14.865  6.190   1.00 1.32  ? 120 GLY A N    1 
ATOM 1725 C CA   . GLY A 1 120 ? -1.889  14.923  6.316   1.00 1.42  ? 120 GLY A CA   1 
ATOM 1726 C C    . GLY A 1 120 ? -2.537  13.567  6.126   1.00 1.31  ? 120 GLY A C    1 
ATOM 1727 O O    . GLY A 1 120 ? -3.751  13.427  6.263   1.00 1.89  ? 120 GLY A O    1 
ATOM 1728 H H    . GLY A 1 120 ? 0.021   14.010  6.302   1.00 1.94  ? 120 GLY A H    1 
ATOM 1729 H HA2  . GLY A 1 120 ? -2.138  15.296  7.300   1.00 1.54  ? 120 GLY A HA2  1 
ATOM 1730 H HA3  . GLY A 1 120 ? -2.278  15.604  5.574   1.00 1.59  ? 120 GLY A HA3  1 
ATOM 1731 N N    . ALA A 1 121 ? -1.721  12.569  5.805   1.00 0.74  ? 121 ALA A N    1 
ATOM 1732 C CA   . ALA A 1 121 ? -2.215  11.215  5.599   1.00 0.64  ? 121 ALA A CA   1 
ATOM 1733 C C    . ALA A 1 121 ? -1.962  10.353  6.829   1.00 0.52  ? 121 ALA A C    1 
ATOM 1734 O O    . ALA A 1 121 ? -0.978  10.548  7.544   1.00 0.65  ? 121 ALA A O    1 
ATOM 1735 C CB   . ALA A 1 121 ? -1.561  10.595  4.374   1.00 0.62  ? 121 ALA A CB   1 
ATOM 1736 H H    . ALA A 1 121 ? -0.763  12.748  5.705   1.00 0.72  ? 121 ALA A H    1 
ATOM 1737 H HA   . ALA A 1 121 ? -3.279  11.271  5.423   1.00 0.78  ? 121 ALA A HA   1 
ATOM 1738 H HB1  . ALA A 1 121 ? -2.029  9.647   4.158   1.00 0.98  ? 121 ALA A HB1  1 
ATOM 1739 H HB2  . ALA A 1 121 ? -0.510  10.442  4.567   1.00 1.31  ? 121 ALA A HB2  1 
ATOM 1740 H HB3  . ALA A 1 121 ? -1.680  11.257  3.530   1.00 1.18  ? 121 ALA A HB3  1 
ATOM 1741 N N    . THR A 1 122 ? -2.856  9.402   7.074   1.00 0.52  ? 122 THR A N    1 
ATOM 1742 C CA   . THR A 1 122 ? -2.727  8.512   8.219   1.00 0.53  ? 122 THR A CA   1 
ATOM 1743 C C    . THR A 1 122 ? -2.462  7.079   7.775   1.00 0.51  ? 122 THR A C    1 
ATOM 1744 O O    . THR A 1 122 ? -2.994  6.623   6.763   1.00 0.58  ? 122 THR A O    1 
ATOM 1745 C CB   . THR A 1 122 ? -3.993  8.536   9.095   1.00 0.66  ? 122 THR A CB   1 
ATOM 1746 O OG1  . THR A 1 122 ? -5.123  8.091   8.334   1.00 0.75  ? 122 THR A OG1  1 
ATOM 1747 C CG2  . THR A 1 122 ? -4.255  9.935   9.629   1.00 0.70  ? 122 THR A CG2  1 
ATOM 1748 H H    . THR A 1 122 ? -3.621  9.298   6.470   1.00 0.64  ? 122 THR A H    1 
ATOM 1749 H HA   . THR A 1 122 ? -1.895  8.853   8.817   1.00 0.56  ? 122 THR A HA   1 
ATOM 1750 H HB   . THR A 1 122 ? -3.848  7.868   9.931   1.00 0.75  ? 122 THR A HB   1 
ATOM 1751 H HG1  . THR A 1 122 ? -5.377  7.211   8.622   1.00 1.34  ? 122 THR A HG1  1 
ATOM 1752 H HG21 . THR A 1 122 ? -3.374  10.298  10.135  1.00 1.01  ? 122 THR A HG21 1 
ATOM 1753 H HG22 . THR A 1 122 ? -4.494  10.595  8.809   1.00 1.07  ? 122 THR A HG22 1 
ATOM 1754 H HG23 . THR A 1 122 ? -5.081  9.907   10.322  1.00 1.44  ? 122 THR A HG23 1 
ATOM 1755 N N    . LEU A 1 123 ? -1.633  6.375   8.538   1.00 0.57  ? 123 LEU A N    1 
ATOM 1756 C CA   . LEU A 1 123 ? -1.297  4.990   8.229   1.00 0.59  ? 123 LEU A CA   1 
ATOM 1757 C C    . LEU A 1 123 ? -1.801  4.057   9.323   1.00 0.48  ? 123 LEU A C    1 
ATOM 1758 O O    . LEU A 1 123 ? -1.173  3.921   10.374  1.00 0.54  ? 123 LEU A O    1 
ATOM 1759 C CB   . LEU A 1 123 ? 0.217   4.831   8.061   1.00 0.73  ? 123 LEU A CB   1 
ATOM 1760 C CG   . LEU A 1 123 ? 0.698   3.396   7.822   1.00 0.77  ? 123 LEU A CG   1 
ATOM 1761 C CD1  . LEU A 1 123 ? 0.221   2.890   6.471   1.00 1.60  ? 123 LEU A CD1  1 
ATOM 1762 C CD2  . LEU A 1 123 ? 2.214   3.319   7.915   1.00 1.41  ? 123 LEU A CD2  1 
ATOM 1763 H H    . LEU A 1 123 ? -1.237  6.797   9.329   1.00 0.70  ? 123 LEU A H    1 
ATOM 1764 H HA   . LEU A 1 123 ? -1.783  4.731   7.300   1.00 0.65  ? 123 LEU A HA   1 
ATOM 1765 H HB2  . LEU A 1 123 ? 0.530   5.438   7.224   1.00 0.86  ? 123 LEU A HB2  1 
ATOM 1766 H HB3  . LEU A 1 123 ? 0.698   5.204   8.953   1.00 0.75  ? 123 LEU A HB3  1 
ATOM 1767 H HG   . LEU A 1 123 ? 0.283   2.753   8.584   1.00 1.41  ? 123 LEU A HG   1 
ATOM 1768 H HD11 . LEU A 1 123 ? 0.591   3.540   5.691   1.00 2.13  ? 123 LEU A HD11 1 
ATOM 1769 H HD12 . LEU A 1 123 ? 0.591   1.889   6.310   1.00 1.92  ? 123 LEU A HD12 1 
ATOM 1770 H HD13 . LEU A 1 123 ? -0.859  2.883   6.450   1.00 2.25  ? 123 LEU A HD13 1 
ATOM 1771 H HD21 . LEU A 1 123 ? 2.654   3.971   7.175   1.00 1.91  ? 123 LEU A HD21 1 
ATOM 1772 H HD22 . LEU A 1 123 ? 2.530   3.628   8.900   1.00 1.91  ? 123 LEU A HD22 1 
ATOM 1773 H HD23 . LEU A 1 123 ? 2.534   2.303   7.735   1.00 2.02  ? 123 LEU A HD23 1 
ATOM 1774 N N    . VAL A 1 124 ? -2.942  3.424   9.075   1.00 0.43  ? 124 VAL A N    1 
ATOM 1775 C CA   . VAL A 1 124 ? -3.526  2.502   10.041  1.00 0.37  ? 124 VAL A CA   1 
ATOM 1776 C C    . VAL A 1 124 ? -2.972  1.097   9.847   1.00 0.30  ? 124 VAL A C    1 
ATOM 1777 O O    . VAL A 1 124 ? -3.369  0.382   8.927   1.00 0.38  ? 124 VAL A O    1 
ATOM 1778 C CB   . VAL A 1 124 ? -5.062  2.461   9.931   1.00 0.47  ? 124 VAL A CB   1 
ATOM 1779 C CG1  . VAL A 1 124 ? -5.653  1.581   11.023  1.00 0.49  ? 124 VAL A CG1  1 
ATOM 1780 C CG2  . VAL A 1 124 ? -5.640  3.866   9.998   1.00 0.60  ? 124 VAL A CG2  1 
ATOM 1781 H H    . VAL A 1 124 ? -3.401  3.580   8.224   1.00 0.51  ? 124 VAL A H    1 
ATOM 1782 H HA   . VAL A 1 124 ? -3.264  2.848   11.031  1.00 0.40  ? 124 VAL A HA   1 
ATOM 1783 H HB   . VAL A 1 124 ? -5.322  2.032   8.976   1.00 0.50  ? 124 VAL A HB   1 
ATOM 1784 H HG11 . VAL A 1 124 ? -5.327  1.938   11.989  1.00 1.09  ? 124 VAL A HG11 1 
ATOM 1785 H HG12 . VAL A 1 124 ? -6.731  1.617   10.972  1.00 1.17  ? 124 VAL A HG12 1 
ATOM 1786 H HG13 . VAL A 1 124 ? -5.320  0.564   10.884  1.00 1.14  ? 124 VAL A HG13 1 
ATOM 1787 H HG21 . VAL A 1 124 ? -5.362  4.326   10.934  1.00 1.43  ? 124 VAL A HG21 1 
ATOM 1788 H HG22 . VAL A 1 124 ? -5.253  4.455   9.180   1.00 0.93  ? 124 VAL A HG22 1 
ATOM 1789 H HG23 . VAL A 1 124 ? -6.717  3.817   9.928   1.00 1.19  ? 124 VAL A HG23 1 
ATOM 1790 N N    . VAL A 1 125 ? -2.047  0.714   10.717  1.00 0.42  ? 125 VAL A N    1 
ATOM 1791 C CA   . VAL A 1 125 ? -1.428  -0.601  10.649  1.00 0.43  ? 125 VAL A CA   1 
ATOM 1792 C C    . VAL A 1 125 ? -1.761  -1.424  11.892  1.00 0.49  ? 125 VAL A C    1 
ATOM 1793 O O    . VAL A 1 125 ? -1.169  -1.235  12.955  1.00 0.64  ? 125 VAL A O    1 
ATOM 1794 C CB   . VAL A 1 125 ? 0.104   -0.480  10.483  1.00 0.54  ? 125 VAL A CB   1 
ATOM 1795 C CG1  . VAL A 1 125 ? 0.679   0.531   11.464  1.00 1.69  ? 125 VAL A CG1  1 
ATOM 1796 C CG2  . VAL A 1 125 ? 0.778   -1.831  10.646  1.00 1.51  ? 125 VAL A CG2  1 
ATOM 1797 H H    . VAL A 1 125 ? -1.775  1.333   11.427  1.00 0.61  ? 125 VAL A H    1 
ATOM 1798 H HA   . VAL A 1 125 ? -1.824  -1.108  9.780   1.00 0.41  ? 125 VAL A HA   1 
ATOM 1799 H HB   . VAL A 1 125 ? 0.305   -0.124  9.483   1.00 0.96  ? 125 VAL A HB   1 
ATOM 1800 H HG11 . VAL A 1 125 ? 0.231   1.498   11.291  1.00 2.21  ? 125 VAL A HG11 1 
ATOM 1801 H HG12 . VAL A 1 125 ? 0.468   0.213   12.475  1.00 2.29  ? 125 VAL A HG12 1 
ATOM 1802 H HG13 . VAL A 1 125 ? 1.748   0.600   11.324  1.00 2.22  ? 125 VAL A HG13 1 
ATOM 1803 H HG21 . VAL A 1 125 ? 0.326   -2.540  9.974   1.00 2.13  ? 125 VAL A HG21 1 
ATOM 1804 H HG22 . VAL A 1 125 ? 1.830   -1.739  10.419  1.00 2.07  ? 125 VAL A HG22 1 
ATOM 1805 H HG23 . VAL A 1 125 ? 0.659   -2.173  11.663  1.00 1.94  ? 125 VAL A HG23 1 
ATOM 1806 N N    . THR A 1 126 ? -2.724  -2.333  11.754  1.00 0.47  ? 126 THR A N    1 
ATOM 1807 C CA   . THR A 1 126 ? -3.140  -3.178  12.869  1.00 0.56  ? 126 THR A CA   1 
ATOM 1808 C C    . THR A 1 126 ? -3.282  -4.636  12.447  1.00 0.54  ? 126 THR A C    1 
ATOM 1809 O O    . THR A 1 126 ? -3.764  -4.934  11.354  1.00 0.59  ? 126 THR A O    1 
ATOM 1810 C CB   . THR A 1 126 ? -4.475  -2.700  13.468  1.00 0.73  ? 126 THR A CB   1 
ATOM 1811 O OG1  . THR A 1 126 ? -5.476  -2.635  12.446  1.00 1.42  ? 126 THR A OG1  1 
ATOM 1812 C CG2  . THR A 1 126 ? -4.319  -1.336  14.118  1.00 1.52  ? 126 THR A CG2  1 
ATOM 1813 H H    . THR A 1 126 ? -3.162  -2.438  10.884  1.00 0.45  ? 126 THR A H    1 
ATOM 1814 H HA   . THR A 1 126 ? -2.386  -3.108  13.635  1.00 0.60  ? 126 THR A HA   1 
ATOM 1815 H HB   . THR A 1 126 ? -4.787  -3.408  14.222  1.00 1.18  ? 126 THR A HB   1 
ATOM 1816 H HG1  . THR A 1 126 ? -5.060  -2.693  11.584  1.00 1.88  ? 126 THR A HG1  1 
ATOM 1817 H HG21 . THR A 1 126 ? -3.578  -1.393  14.901  1.00 2.04  ? 126 THR A HG21 1 
ATOM 1818 H HG22 . THR A 1 126 ? -4.004  -0.616  13.376  1.00 2.05  ? 126 THR A HG22 1 
ATOM 1819 H HG23 . THR A 1 126 ? -5.264  -1.028  14.539  1.00 2.06  ? 126 THR A HG23 1 
ATOM 1820 N N    . THR A 1 127 ? -2.861  -5.540  13.327  1.00 0.56  ? 127 THR A N    1 
ATOM 1821 C CA   . THR A 1 127 ? -2.942  -6.969  13.057  1.00 0.61  ? 127 THR A CA   1 
ATOM 1822 C C    . THR A 1 127 ? -4.321  -7.511  13.422  1.00 0.88  ? 127 THR A C    1 
ATOM 1823 O O    . THR A 1 127 ? -4.512  -8.069  14.502  1.00 1.37  ? 127 THR A O    1 
ATOM 1824 C CB   . THR A 1 127 ? -1.864  -7.750  13.834  1.00 0.70  ? 127 THR A CB   1 
ATOM 1825 O OG1  . THR A 1 127 ? -0.562  -7.263  13.487  1.00 0.72  ? 127 THR A OG1  1 
ATOM 1826 C CG2  . THR A 1 127 ? -1.946  -9.239  13.536  1.00 0.71  ? 127 THR A CG2  1 
ATOM 1827 H H    . THR A 1 127 ? -2.490  -5.237  14.182  1.00 0.63  ? 127 THR A H    1 
ATOM 1828 H HA   . THR A 1 127 ? -2.776  -7.120  12.001  1.00 0.54  ? 127 THR A HA   1 
ATOM 1829 H HB   . THR A 1 127 ? -2.026  -7.600  14.891  1.00 0.94  ? 127 THR A HB   1 
ATOM 1830 H HG1  . THR A 1 127 ? -0.639  -6.384  13.111  1.00 1.03  ? 127 THR A HG1  1 
ATOM 1831 H HG21 . THR A 1 127 ? -1.902  -9.397  12.469  1.00 1.11  ? 127 THR A HG21 1 
ATOM 1832 H HG22 . THR A 1 127 ? -1.119  -9.748  14.010  1.00 1.36  ? 127 THR A HG22 1 
ATOM 1833 H HG23 . THR A 1 127 ? -2.876  -9.633  13.919  1.00 1.17  ? 127 THR A HG23 1 
ATOM 1834 N N    . LEU A 1 128 ? -5.276  -7.330  12.512  1.00 0.92  ? 128 LEU A N    1 
ATOM 1835 C CA   . LEU A 1 128 ? -6.648  -7.789  12.715  1.00 1.15  ? 128 LEU A CA   1 
ATOM 1836 C C    . LEU A 1 128 ? -7.278  -7.143  13.949  1.00 1.46  ? 128 LEU A C    1 
ATOM 1837 O O    . LEU A 1 128 ? -8.054  -6.197  13.832  1.00 2.20  ? 128 LEU A O    1 
ATOM 1838 C CB   . LEU A 1 128 ? -6.699  -9.314  12.834  1.00 1.44  ? 128 LEU A CB   1 
ATOM 1839 C CG   . LEU A 1 128 ? -8.105  -9.910  12.934  1.00 1.85  ? 128 LEU A CG   1 
ATOM 1840 C CD1  . LEU A 1 128 ? -8.917  -9.586  11.689  1.00 2.27  ? 128 LEU A CD1  1 
ATOM 1841 C CD2  . LEU A 1 128 ? -8.032  -11.414 13.146  1.00 2.27  ? 128 LEU A CD2  1 
ATOM 1842 H H    . LEU A 1 128 ? -5.050  -6.872  11.675  1.00 1.09  ? 128 LEU A H    1 
ATOM 1843 H HA   . LEU A 1 128 ? -7.219  -7.492  11.847  1.00 1.05  ? 128 LEU A HA   1 
ATOM 1844 H HB2  . LEU A 1 128 ? -6.211  -9.738  11.966  1.00 1.55  ? 128 LEU A HB2  1 
ATOM 1845 H HB3  . LEU A 1 128 ? -6.146  -9.605  13.713  1.00 1.96  ? 128 LEU A HB3  1 
ATOM 1846 H HG   . LEU A 1 128 ? -8.613  -9.476  13.784  1.00 2.09  ? 128 LEU A HG   1 
ATOM 1847 H HD11 . LEU A 1 128 ? -8.993  -8.514  11.577  1.00 2.62  ? 128 LEU A HD11 1 
ATOM 1848 H HD12 . LEU A 1 128 ? -8.430  -10.005 10.821  1.00 2.49  ? 128 LEU A HD12 1 
ATOM 1849 H HD13 . LEU A 1 128 ? -9.908  -10.008 11.786  1.00 2.71  ? 128 LEU A HD13 1 
ATOM 1850 H HD21 . LEU A 1 128 ? -7.487  -11.622 14.054  1.00 2.29  ? 128 LEU A HD21 1 
ATOM 1851 H HD22 . LEU A 1 128 ? -9.031  -11.815 13.225  1.00 2.69  ? 128 LEU A HD22 1 
ATOM 1852 H HD23 . LEU A 1 128 ? -7.526  -11.871 12.309  1.00 2.79  ? 128 LEU A HD23 1 
ATOM 1853 N N    . GLY A 1 129 ? -6.945  -7.660  15.129  1.00 1.51  ? 129 GLY A N    1 
ATOM 1854 C CA   . GLY A 1 129 ? -7.496  -7.117  16.357  1.00 1.79  ? 129 GLY A CA   1 
ATOM 1855 C C    . GLY A 1 129 ? -6.455  -6.437  17.230  1.00 1.78  ? 129 GLY A C    1 
ATOM 1856 O O    . GLY A 1 129 ? -6.755  -5.448  17.899  1.00 2.15  ? 129 GLY A O    1 
ATOM 1857 H H    . GLY A 1 129 ? -6.325  -8.418  15.166  1.00 1.84  ? 129 GLY A H    1 
ATOM 1858 H HA2  . GLY A 1 129 ? -8.260  -6.397  16.105  1.00 1.88  ? 129 GLY A HA2  1 
ATOM 1859 H HA3  . GLY A 1 129 ? -7.949  -7.921  16.919  1.00 2.05  ? 129 GLY A HA3  1 
ATOM 1860 N N    . GLU A 1 130 ? -5.232  -6.961  17.227  1.00 1.53  ? 130 GLU A N    1 
ATOM 1861 C CA   . GLU A 1 130 ? -4.161  -6.390  18.040  1.00 1.57  ? 130 GLU A CA   1 
ATOM 1862 C C    . GLU A 1 130 ? -3.404  -5.301  17.285  1.00 1.40  ? 130 GLU A C    1 
ATOM 1863 O O    . GLU A 1 130 ? -3.535  -5.166  16.069  1.00 1.35  ? 130 GLU A O    1 
ATOM 1864 C CB   . GLU A 1 130 ? -3.195  -7.482  18.501  1.00 1.67  ? 130 GLU A CB   1 
ATOM 1865 C CG   . GLU A 1 130 ? -2.555  -8.257  17.365  1.00 1.93  ? 130 GLU A CG   1 
ATOM 1866 C CD   . GLU A 1 130 ? -1.541  -9.268  17.859  1.00 2.55  ? 130 GLU A CD   1 
ATOM 1867 O OE1  . GLU A 1 130 ? -1.951  -10.388 18.228  1.00 2.94  ? 130 GLU A OE1  1 
ATOM 1868 O OE2  . GLU A 1 130 ? -0.339  -8.938  17.882  1.00 3.12  ? 130 GLU A OE2  1 
ATOM 1869 H H    . GLU A 1 130 ? -5.046  -7.745  16.669  1.00 1.45  ? 130 GLU A H    1 
ATOM 1870 H HA   . GLU A 1 130 ? -4.620  -5.945  18.911  1.00 1.79  ? 130 GLU A HA   1 
ATOM 1871 H HB2  . GLU A 1 130 ? -2.408  -7.026  19.082  1.00 1.97  ? 130 GLU A HB2  1 
ATOM 1872 H HB3  . GLU A 1 130 ? -3.733  -8.179  19.126  1.00 2.17  ? 130 GLU A HB3  1 
ATOM 1873 H HG2  . GLU A 1 130 ? -3.328  -8.780  16.821  1.00 2.23  ? 130 GLU A HG2  1 
ATOM 1874 H HG3  . GLU A 1 130 ? -2.058  -7.562  16.704  1.00 2.19  ? 130 GLU A HG3  1 
ATOM 1875 N N    . SER A 1 131 ? -2.610  -4.527  18.021  1.00 1.53  ? 131 SER A N    1 
ATOM 1876 C CA   . SER A 1 131 ? -1.835  -3.439  17.434  1.00 1.56  ? 131 SER A CA   1 
ATOM 1877 C C    . SER A 1 131 ? -0.342  -3.771  17.406  1.00 1.68  ? 131 SER A C    1 
ATOM 1878 O O    . SER A 1 131 ? 0.296   -3.861  18.456  1.00 2.22  ? 131 SER A O    1 
ATOM 1879 C CB   . SER A 1 131 ? -2.057  -2.152  18.228  1.00 1.84  ? 131 SER A CB   1 
ATOM 1880 O OG   . SER A 1 131 ? -3.428  -1.795  18.247  1.00 2.22  ? 131 SER A OG   1 
ATOM 1881 H H    . SER A 1 131 ? -2.542  -4.694  18.985  1.00 1.73  ? 131 SER A H    1 
ATOM 1882 H HA   . SER A 1 131 ? -2.186  -3.290  16.425  1.00 1.42  ? 131 SER A HA   1 
ATOM 1883 H HB2  . SER A 1 131 ? -1.722  -2.295  19.245  1.00 2.27  ? 131 SER A HB2  1 
ATOM 1884 H HB3  . SER A 1 131 ? -1.496  -1.349  17.774  1.00 1.97  ? 131 SER A HB3  1 
ATOM 1885 H HG   . SER A 1 131 ? -3.900  -2.299  17.580  1.00 2.35  ? 131 SER A HG   1 
ATOM 1886 N N    . PRO A 1 132 ? 0.240   -3.960  16.206  1.00 1.30  ? 132 PRO A N    1 
ATOM 1887 C CA   . PRO A 1 132 ? 1.660   -4.268  16.062  1.00 1.38  ? 132 PRO A CA   1 
ATOM 1888 C C    . PRO A 1 132 ? 2.526   -3.016  16.124  1.00 1.77  ? 132 PRO A C    1 
ATOM 1889 O O    . PRO A 1 132 ? 2.884   -2.447  15.093  1.00 2.19  ? 132 PRO A O    1 
ATOM 1890 C CB   . PRO A 1 132 ? 1.728   -4.899  14.675  1.00 1.12  ? 132 PRO A CB   1 
ATOM 1891 C CG   . PRO A 1 132 ? 0.653   -4.216  13.907  1.00 1.13  ? 132 PRO A CG   1 
ATOM 1892 C CD   . PRO A 1 132 ? -0.437  -3.901  14.896  1.00 1.04  ? 132 PRO A CD   1 
ATOM 1893 H HA   . PRO A 1 132 ? 1.993   -4.978  16.806  1.00 1.58  ? 132 PRO A HA   1 
ATOM 1894 H HB2  . PRO A 1 132 ? 2.699   -4.721  14.243  1.00 1.16  ? 132 PRO A HB2  1 
ATOM 1895 H HB3  . PRO A 1 132 ? 1.547   -5.961  14.748  1.00 1.35  ? 132 PRO A HB3  1 
ATOM 1896 H HG2  . PRO A 1 132 ? 1.037   -3.307  13.470  1.00 1.59  ? 132 PRO A HG2  1 
ATOM 1897 H HG3  . PRO A 1 132 ? 0.280   -4.875  13.136  1.00 1.38  ? 132 PRO A HG3  1 
ATOM 1898 H HD2  . PRO A 1 132 ? -0.835  -2.912  14.715  1.00 1.39  ? 132 PRO A HD2  1 
ATOM 1899 H HD3  . PRO A 1 132 ? -1.222  -4.639  14.837  1.00 1.05  ? 132 PRO A HD3  1 
ATOM 1900 N N    . THR A 1 133 ? 2.844   -2.580  17.340  1.00 1.97  ? 133 THR A N    1 
ATOM 1901 C CA   . THR A 1 133 ? 3.669   -1.393  17.533  1.00 2.38  ? 133 THR A CA   1 
ATOM 1902 C C    . THR A 1 133 ? 5.058   -1.614  16.965  1.00 2.07  ? 133 THR A C    1 
ATOM 1903 O O    . THR A 1 133 ? 5.966   -2.057  17.670  1.00 2.34  ? 133 THR A O    1 
ATOM 1904 C CB   . THR A 1 133 ? 3.787   -1.019  19.019  1.00 3.24  ? 133 THR A CB   1 
ATOM 1905 O OG1  . THR A 1 133 ? 2.483   -0.814  19.572  1.00 3.73  ? 133 THR A OG1  1 
ATOM 1906 C CG2  . THR A 1 133 ? 4.623   0.240   19.194  1.00 3.93  ? 133 THR A CG2  1 
ATOM 1907 H H    . THR A 1 133 ? 2.517   -3.067  18.126  1.00 2.03  ? 133 THR A H    1 
ATOM 1908 H HA   . THR A 1 133 ? 3.201   -0.572  17.009  1.00 2.76  ? 133 THR A HA   1 
ATOM 1909 H HB   . THR A 1 133 ? 4.270   -1.831  19.542  1.00 3.37  ? 133 THR A HB   1 
ATOM 1910 H HG1  . THR A 1 133 ? 2.520   -0.119  20.234  1.00 3.84  ? 133 THR A HG1  1 
ATOM 1911 H HG21 . THR A 1 133 ? 4.197   1.040   18.605  1.00 4.03  ? 133 THR A HG21 1 
ATOM 1912 H HG22 . THR A 1 133 ? 4.630   0.526   20.236  1.00 4.56  ? 133 THR A HG22 1 
ATOM 1913 H HG23 . THR A 1 133 ? 5.633   0.051   18.865  1.00 4.08  ? 133 THR A HG23 1 
ATOM 1914 N N    . ALA A 1 134 ? 5.208   -1.319  15.678  1.00 2.18  ? 134 ALA A N    1 
ATOM 1915 C CA   . ALA A 1 134 ? 6.477   -1.499  14.989  1.00 2.45  ? 134 ALA A CA   1 
ATOM 1916 C C    . ALA A 1 134 ? 6.876   -2.969  14.967  1.00 3.01  ? 134 ALA A C    1 
ATOM 1917 O O    . ALA A 1 134 ? 7.864   -3.331  14.331  1.00 3.63  ? 134 ALA A O    1 
ATOM 1918 C CB   . ALA A 1 134 ? 7.567   -0.661  15.642  1.00 2.84  ? 134 ALA A CB   1 
ATOM 1919 H H    . ALA A 1 134 ? 4.442   -0.971  15.177  1.00 2.50  ? 134 ALA A H    1 
ATOM 1920 H HA   . ALA A 1 134 ? 6.354   -1.156  13.973  1.00 2.76  ? 134 ALA A HA   1 
ATOM 1921 H HB1  . ALA A 1 134 ? 7.262   0.376   15.657  1.00 3.31  ? 134 ALA A HB1  1 
ATOM 1922 H HB2  . ALA A 1 134 ? 7.727   -1.004  16.654  1.00 3.29  ? 134 ALA A HB2  1 
ATOM 1923 H HB3  . ALA A 1 134 ? 8.482   -0.758  15.079  1.00 2.91  ? 134 ALA A HB3  1 
ATOM 1924 N N    . VAL A 1 135 ? 6.077   -3.809  15.644  1.00 3.31  ? 135 VAL A N    1 
ATOM 1925 C CA   . VAL A 1 135 ? 6.322   -5.251  15.739  1.00 4.32  ? 135 VAL A CA   1 
ATOM 1926 C C    . VAL A 1 135 ? 7.804   -5.574  15.681  1.00 5.23  ? 135 VAL A C    1 
ATOM 1927 O O    . VAL A 1 135 ? 8.223   -6.568  15.094  1.00 5.38  ? 135 VAL A O    1 
ATOM 1928 C CB   . VAL A 1 135 ? 5.578   -6.040  14.648  1.00 4.68  ? 135 VAL A CB   1 
ATOM 1929 C CG1  . VAL A 1 135 ? 4.426   -6.814  15.260  1.00 4.97  ? 135 VAL A CG1  1 
ATOM 1930 C CG2  . VAL A 1 135 ? 5.082   -5.118  13.548  1.00 5.69  ? 135 VAL A CG2  1 
ATOM 1931 H H    . VAL A 1 135 ? 5.286   -3.445  16.088  1.00 3.14  ? 135 VAL A H    1 
ATOM 1932 H HA   . VAL A 1 135 ? 5.944   -5.577  16.697  1.00 4.52  ? 135 VAL A HA   1 
ATOM 1933 H HB   . VAL A 1 135 ? 6.266   -6.751  14.211  1.00 4.37  ? 135 VAL A HB   1 
ATOM 1934 H HG11 . VAL A 1 135 ? 3.746   -6.128  15.742  1.00 5.56  ? 135 VAL A HG11 1 
ATOM 1935 H HG12 . VAL A 1 135 ? 3.902   -7.355  14.486  1.00 4.94  ? 135 VAL A HG12 1 
ATOM 1936 H HG13 . VAL A 1 135 ? 4.808   -7.512  15.990  1.00 5.06  ? 135 VAL A HG13 1 
ATOM 1937 H HG21 . VAL A 1 135 ? 4.418   -4.379  13.971  1.00 6.01  ? 135 VAL A HG21 1 
ATOM 1938 H HG22 . VAL A 1 135 ? 5.922   -4.623  13.087  1.00 6.12  ? 135 VAL A HG22 1 
ATOM 1939 H HG23 . VAL A 1 135 ? 4.551   -5.696  12.806  1.00 5.96  ? 135 VAL A HG23 1 
ATOM 1940 N N    . SER A 1 136 ? 8.585   -4.721  16.308  1.00 6.10  ? 136 SER A N    1 
ATOM 1941 C CA   . SER A 1 136 ? 10.024  -4.869  16.352  1.00 7.10  ? 136 SER A CA   1 
ATOM 1942 C C    . SER A 1 136 ? 10.572  -3.904  17.376  1.00 7.97  ? 136 SER A C    1 
ATOM 1943 O O    . SER A 1 136 ? 11.697  -4.041  17.850  1.00 8.37  ? 136 SER A O    1 
ATOM 1944 C CB   . SER A 1 136 ? 10.637  -4.589  14.981  1.00 7.31  ? 136 SER A CB   1 
ATOM 1945 O OG   . SER A 1 136 ? 10.443  -3.239  14.604  1.00 7.24  ? 136 SER A OG   1 
ATOM 1946 H H    . SER A 1 136 ? 8.176   -3.955  16.763  1.00 6.21  ? 136 SER A H    1 
ATOM 1947 H HA   . SER A 1 136 ? 10.253  -5.881  16.653  1.00 7.33  ? 136 SER A HA   1 
ATOM 1948 H HB2  . SER A 1 136 ? 11.698  -4.792  15.014  1.00 7.16  ? 136 SER A HB2  1 
ATOM 1949 H HB3  . SER A 1 136 ? 10.172  -5.227  14.244  1.00 7.94  ? 136 SER A HB3  1 
ATOM 1950 H HG   . SER A 1 136 ? 11.240  -2.904  14.186  1.00 7.22  ? 136 SER A HG   1 
ATOM 1951 N N    . ALA A 1 137 ? 9.749   -2.919  17.704  1.00 8.49  ? 137 ALA A N    1 
ATOM 1952 C CA   . ALA A 1 137 ? 10.103  -1.915  18.685  1.00 9.52  ? 137 ALA A CA   1 
ATOM 1953 C C    . ALA A 1 137 ? 9.210   -2.047  19.908  1.00 10.41 ? 137 ALA A C    1 
ATOM 1954 O O    . ALA A 1 137 ? 9.588   -2.792  20.833  1.00 10.92 ? 137 ALA A O    1 
ATOM 1955 C CB   . ALA A 1 137 ? 9.984   -0.523  18.085  1.00 9.59  ? 137 ALA A CB   1 
ATOM 1956 O OXT  . ALA A 1 137 ? 8.134   -1.417  19.923  1.00 10.74 ? 137 ALA A OXT  1 
ATOM 1957 H H    . ALA A 1 137 ? 8.874   -2.867  17.268  1.00 8.30  ? 137 ALA A H    1 
ATOM 1958 H HA   . ALA A 1 137 ? 11.130  -2.075  18.976  1.00 9.80  ? 137 ALA A HA   1 
ATOM 1959 H HB1  . ALA A 1 137 ? 10.551  -0.478  17.167  1.00 9.71  ? 137 ALA A HB1  1 
ATOM 1960 H HB2  . ALA A 1 137 ? 10.372  0.203   18.783  1.00 9.09  ? 137 ALA A HB2  1 
ATOM 1961 H HB3  . ALA A 1 137 ? 8.946   -0.307  17.880  1.00 10.20 ? 137 ALA A HB3  1 
# 
